data_3R67
#
_entry.id   3R67
#
_cell.length_a   84.920
_cell.length_b   101.650
_cell.length_c   86.560
_cell.angle_alpha   90.000
_cell.angle_beta   111.630
_cell.angle_gamma   90.000
#
_symmetry.space_group_name_H-M   'P 1 21 1'
#
loop_
_entity.id
_entity.type
_entity.pdbx_description
1 polymer 'putative Glycosidase'
2 non-polymer 1,2-ETHANEDIOL
3 water water
#
_entity_poly.entity_id   1
_entity_poly.type   'polypeptide(L)'
_entity_poly.pdbx_seq_one_letter_code
;GEKKQTSEFPDWAWADFQRPEGINPIVSPDTTTVFYCP(MSE)RQDSVAWESSDTFNPAATIYDGKVVVLYRAEDNSAVG
IGSRTSRLGYAYSDDGLHFNR(MSE)TVPVFYPADDNQKELEWPGGCEDPRVAVTEDGLYV(MSE)LYTQWNRKQARLAV
ATSRDLQIWEKYGPAFAKAYGGRFFDEFSKSASIVTKLVDGKQVIAKIDGKYW(MSE)YWGEKFVNVATSTDLINWEP
(MSE)LDEKGDFLKVITPREGKFDSDLTECGPPAI(MSE)TDKGILLLYNGKNKSGAEGDTLYTANSYCAGQALFDAKDP
TKLIDRLDKPFYIPESDFEKSGQYPAGTVFIEGLVFHNQKWYLYYGCADSRVAVAVYDPFKK
;
_entity_poly.pdbx_strand_id   A,B,C,D
#
loop_
_chem_comp.id
_chem_comp.type
_chem_comp.name
_chem_comp.formula
EDO non-polymer 1,2-ETHANEDIOL 'C2 H6 O2'
#
# COMPACT_ATOMS: atom_id res chain seq x y z
N SER A 7 -32.72 25.89 5.24
CA SER A 7 -32.32 24.68 5.95
C SER A 7 -32.28 23.45 4.99
N GLU A 8 -31.05 22.97 4.67
CA GLU A 8 -30.80 21.78 3.84
C GLU A 8 -30.90 20.53 4.74
N PHE A 9 -30.47 20.71 6.01
CA PHE A 9 -30.50 19.83 7.17
C PHE A 9 -31.19 20.56 8.32
N PRO A 10 -31.75 19.90 9.36
CA PRO A 10 -32.37 20.66 10.46
C PRO A 10 -31.35 21.57 11.14
N ASP A 11 -31.78 22.72 11.67
CA ASP A 11 -30.90 23.74 12.24
C ASP A 11 -30.14 23.24 13.49
N TRP A 12 -30.55 22.10 14.13
CA TRP A 12 -29.80 21.55 15.28
C TRP A 12 -28.46 20.90 14.83
N ALA A 13 -28.36 20.52 13.54
CA ALA A 13 -27.21 19.81 12.99
C ALA A 13 -26.08 20.76 12.66
N TRP A 14 -24.86 20.27 12.86
CA TRP A 14 -23.60 20.93 12.50
C TRP A 14 -23.16 20.35 11.16
N ALA A 15 -23.82 20.77 10.10
CA ALA A 15 -23.65 20.21 8.77
C ALA A 15 -22.51 20.87 7.97
N ASP A 16 -22.29 22.16 8.18
CA ASP A 16 -21.36 22.99 7.40
C ASP A 16 -19.85 22.73 7.77
N PHE A 17 -19.39 21.44 7.80
CA PHE A 17 -17.98 21.11 7.95
C PHE A 17 -17.35 21.13 6.59
N GLN A 18 -16.33 21.99 6.39
CA GLN A 18 -15.69 22.19 5.10
C GLN A 18 -14.22 21.83 5.13
N ARG A 19 -13.72 21.28 4.02
CA ARG A 19 -12.31 20.91 3.85
C ARG A 19 -11.47 22.18 3.68
N PRO A 20 -10.54 22.50 4.60
CA PRO A 20 -9.67 23.67 4.42
C PRO A 20 -8.72 23.44 3.25
N GLU A 21 -8.50 24.47 2.42
CA GLU A 21 -7.71 24.37 1.19
C GLU A 21 -6.24 24.11 1.47
N GLY A 22 -5.69 23.17 0.69
CA GLY A 22 -4.30 22.71 0.71
C GLY A 22 -3.79 22.15 2.02
N ILE A 23 -4.67 21.67 2.90
CA ILE A 23 -4.29 21.20 4.22
C ILE A 23 -4.23 19.65 4.33
N ASN A 24 -5.19 18.93 3.73
CA ASN A 24 -5.31 17.50 3.89
C ASN A 24 -4.49 16.69 2.85
N PRO A 25 -3.91 15.53 3.25
CA PRO A 25 -3.94 14.91 4.59
C PRO A 25 -3.05 15.62 5.58
N ILE A 26 -3.49 15.67 6.82
CA ILE A 26 -2.68 16.27 7.87
C ILE A 26 -1.66 15.21 8.39
N VAL A 27 -1.95 13.89 8.29
CA VAL A 27 -1.08 12.80 8.71
C VAL A 27 -1.10 11.72 7.62
N SER A 28 0.06 11.28 7.22
CA SER A 28 0.31 10.25 6.19
C SER A 28 1.34 9.25 6.70
N PRO A 29 1.42 8.00 6.17
CA PRO A 29 2.46 7.08 6.64
C PRO A 29 3.88 7.62 6.41
N ASP A 30 4.78 7.32 7.35
CA ASP A 30 6.19 7.65 7.28
C ASP A 30 6.97 6.36 7.43
N THR A 31 7.66 5.95 6.34
CA THR A 31 8.40 4.70 6.30
C THR A 31 9.81 4.83 6.94
N THR A 32 10.26 6.07 7.25
CA THR A 32 11.61 6.31 7.81
C THR A 32 11.65 6.33 9.34
N THR A 33 10.51 6.53 10.02
CA THR A 33 10.52 6.57 11.49
C THR A 33 10.56 5.15 12.06
N VAL A 34 11.23 4.99 13.19
CA VAL A 34 11.42 3.67 13.77
C VAL A 34 11.09 3.70 15.28
N PHE A 35 10.73 2.54 15.82
CA PHE A 35 10.42 2.35 17.22
C PHE A 35 10.88 0.99 17.70
N TYR A 36 11.45 0.92 18.90
CA TYR A 36 11.81 -0.38 19.42
C TYR A 36 10.61 -0.95 20.17
N CYS A 37 9.97 -1.97 19.59
CA CYS A 37 8.75 -2.53 20.16
C CYS A 37 9.09 -3.47 21.33
N PRO A 38 8.47 -3.22 22.50
CA PRO A 38 8.74 -4.12 23.65
C PRO A 38 8.10 -5.51 23.47
N MSE A 39 7.10 -5.70 22.57
CA MSE A 39 6.53 -7.04 22.34
C MSE A 39 7.32 -7.81 21.27
O MSE A 39 7.68 -8.99 21.49
CB MSE A 39 5.05 -6.96 21.94
CG MSE A 39 4.16 -6.54 23.07
SE MSE A 39 4.36 -7.67 24.64
CE MSE A 39 3.62 -9.41 24.02
N ARG A 40 7.61 -7.13 20.12
CA ARG A 40 8.38 -7.71 19.01
CA ARG A 40 8.37 -7.70 19.01
C ARG A 40 9.85 -7.88 19.39
N GLN A 41 10.33 -7.09 20.40
CA GLN A 41 11.72 -7.08 20.88
C GLN A 41 12.60 -6.88 19.65
N ASP A 42 12.26 -5.84 18.86
CA ASP A 42 12.93 -5.49 17.62
C ASP A 42 12.43 -4.16 17.14
N SER A 43 13.19 -3.50 16.25
CA SER A 43 12.84 -2.22 15.66
C SER A 43 11.72 -2.39 14.67
N VAL A 44 10.78 -1.47 14.75
CA VAL A 44 9.58 -1.50 13.94
C VAL A 44 9.32 -0.11 13.33
N ALA A 45 9.11 -0.10 12.02
CA ALA A 45 8.61 1.05 11.24
C ALA A 45 7.10 1.13 11.51
N TRP A 46 6.78 1.62 12.71
CA TRP A 46 5.48 1.60 13.37
C TRP A 46 4.37 2.41 12.63
N GLU A 47 4.71 3.33 11.70
CA GLU A 47 3.68 4.10 10.97
C GLU A 47 3.94 4.05 9.45
N SER A 48 4.57 2.97 8.97
CA SER A 48 5.00 2.87 7.59
C SER A 48 3.89 2.47 6.60
N SER A 49 2.77 1.83 7.04
CA SER A 49 1.79 1.40 6.04
CA SER A 49 1.78 1.37 6.08
C SER A 49 0.58 2.33 6.00
N ASP A 50 -0.04 2.67 7.15
CA ASP A 50 -1.23 3.52 7.19
C ASP A 50 -1.34 4.30 8.49
N THR A 51 -1.87 5.54 8.43
CA THR A 51 -2.11 6.45 9.57
C THR A 51 -3.52 6.98 9.45
N PHE A 52 -4.42 6.61 10.37
CA PHE A 52 -5.82 7.00 10.22
C PHE A 52 -6.52 7.08 11.59
N ASN A 53 -7.85 6.92 11.61
CA ASN A 53 -8.78 6.92 12.75
C ASN A 53 -8.17 7.58 13.99
N PRO A 54 -8.30 8.90 14.05
CA PRO A 54 -7.63 9.62 15.13
C PRO A 54 -8.51 10.14 16.26
N ALA A 55 -7.88 10.32 17.42
CA ALA A 55 -8.44 11.05 18.53
C ALA A 55 -7.96 12.49 18.42
N ALA A 56 -8.67 13.45 18.99
CA ALA A 56 -8.23 14.84 19.02
C ALA A 56 -8.64 15.48 20.31
N THR A 57 -7.76 16.31 20.89
CA THR A 57 -8.04 17.04 22.13
C THR A 57 -7.17 18.31 22.15
N ILE A 58 -7.45 19.20 23.11
CA ILE A 58 -6.71 20.43 23.35
C ILE A 58 -5.78 20.20 24.54
N TYR A 59 -4.48 20.44 24.34
CA TYR A 59 -3.49 20.30 25.40
C TYR A 59 -2.53 21.45 25.31
N ASP A 60 -2.48 22.26 26.39
CA ASP A 60 -1.58 23.39 26.57
C ASP A 60 -1.61 24.33 25.33
N GLY A 61 -2.82 24.76 24.96
CA GLY A 61 -3.06 25.69 23.86
C GLY A 61 -2.86 25.15 22.45
N LYS A 62 -2.65 23.82 22.34
CA LYS A 62 -2.43 23.17 21.04
C LYS A 62 -3.47 22.08 20.78
N VAL A 63 -3.73 21.84 19.49
CA VAL A 63 -4.58 20.73 19.05
C VAL A 63 -3.67 19.51 18.98
N VAL A 64 -4.00 18.44 19.70
CA VAL A 64 -3.20 17.21 19.67
C VAL A 64 -4.04 16.13 19.04
N VAL A 65 -3.52 15.49 17.98
CA VAL A 65 -4.17 14.40 17.27
C VAL A 65 -3.39 13.13 17.59
N LEU A 66 -4.08 12.12 18.13
CA LEU A 66 -3.48 10.81 18.43
C LEU A 66 -3.96 9.87 17.34
N TYR A 67 -3.11 9.63 16.32
CA TYR A 67 -3.53 8.88 15.14
C TYR A 67 -3.17 7.41 15.22
N ARG A 68 -4.09 6.57 14.75
CA ARG A 68 -3.89 5.14 14.64
C ARG A 68 -2.88 4.86 13.51
N ALA A 69 -1.74 4.27 13.85
CA ALA A 69 -0.71 3.94 12.87
C ALA A 69 -0.51 2.44 12.78
N GLU A 70 -0.40 1.92 11.55
CA GLU A 70 -0.15 0.50 11.29
C GLU A 70 1.23 0.32 10.68
N ASP A 71 1.96 -0.69 11.15
CA ASP A 71 3.32 -0.97 10.71
C ASP A 71 3.36 -1.93 9.52
N ASN A 72 4.58 -2.33 9.12
CA ASN A 72 4.81 -3.26 8.02
C ASN A 72 5.25 -4.63 8.61
N SER A 73 4.51 -5.11 9.62
CA SER A 73 4.83 -6.37 10.28
C SER A 73 4.47 -7.52 9.37
N ALA A 74 3.58 -7.26 8.39
CA ALA A 74 3.20 -8.21 7.35
C ALA A 74 3.24 -7.53 5.96
N VAL A 75 3.09 -8.32 4.87
CA VAL A 75 3.11 -7.81 3.49
C VAL A 75 1.67 -7.83 2.94
N GLY A 76 1.27 -6.71 2.30
CA GLY A 76 -0.04 -6.49 1.70
C GLY A 76 -1.24 -6.67 2.61
N ILE A 77 -2.02 -7.73 2.31
CA ILE A 77 -3.26 -8.21 2.95
C ILE A 77 -3.00 -8.53 4.43
N GLY A 78 -1.85 -9.16 4.72
CA GLY A 78 -1.40 -9.58 6.04
C GLY A 78 -1.60 -8.58 7.16
N SER A 79 -2.26 -9.03 8.27
CA SER A 79 -2.58 -8.29 9.49
C SER A 79 -1.35 -7.67 10.11
N ARG A 80 -1.52 -6.45 10.65
CA ARG A 80 -0.49 -5.57 11.22
C ARG A 80 -0.88 -5.16 12.68
N THR A 81 -0.02 -4.37 13.38
CA THR A 81 -0.19 -3.89 14.76
C THR A 81 -0.53 -2.40 14.76
N SER A 82 -1.52 -2.00 15.56
CA SER A 82 -1.90 -0.60 15.69
C SER A 82 -1.26 -0.01 16.95
N ARG A 83 -0.65 1.16 16.77
CA ARG A 83 0.02 2.01 17.77
C ARG A 83 -0.44 3.44 17.54
N LEU A 84 -0.38 4.32 18.55
CA LEU A 84 -0.88 5.68 18.36
C LEU A 84 0.27 6.68 18.27
N GLY A 85 0.26 7.44 17.18
CA GLY A 85 1.21 8.51 16.95
C GLY A 85 0.71 9.79 17.59
N TYR A 86 1.62 10.76 17.77
CA TYR A 86 1.28 12.04 18.38
C TYR A 86 1.60 13.19 17.40
N ALA A 87 0.55 13.93 17.00
CA ALA A 87 0.66 15.09 16.10
C ALA A 87 0.12 16.30 16.82
N TYR A 88 0.82 17.43 16.74
CA TYR A 88 0.42 18.63 17.47
C TYR A 88 0.40 19.84 16.53
N SER A 89 -0.56 20.74 16.76
CA SER A 89 -0.78 21.94 15.96
C SER A 89 -1.19 23.13 16.79
N ASP A 90 -0.73 24.32 16.39
CA ASP A 90 -1.10 25.58 17.00
C ASP A 90 -2.43 26.10 16.43
N ASP A 91 -2.72 25.84 15.15
CA ASP A 91 -3.94 26.37 14.51
C ASP A 91 -5.02 25.28 14.26
N GLY A 92 -4.65 24.01 14.32
CA GLY A 92 -5.58 22.91 14.07
C GLY A 92 -5.54 22.40 12.64
N LEU A 93 -4.68 23.04 11.79
CA LEU A 93 -4.57 22.72 10.37
C LEU A 93 -3.19 22.18 10.00
N HIS A 94 -2.11 22.83 10.47
CA HIS A 94 -0.76 22.37 10.19
C HIS A 94 -0.19 21.66 11.40
N PHE A 95 0.24 20.42 11.21
CA PHE A 95 0.71 19.56 12.28
C PHE A 95 2.14 19.15 12.17
N ASN A 96 2.79 19.01 13.35
CA ASN A 96 4.12 18.43 13.54
C ASN A 96 3.92 17.10 14.21
N ARG A 97 4.88 16.19 14.10
CA ARG A 97 4.71 14.84 14.62
C ARG A 97 5.90 14.33 15.38
N MSE A 98 5.63 13.52 16.42
CA MSE A 98 6.65 12.78 17.13
C MSE A 98 7.07 11.61 16.26
O MSE A 98 6.25 11.14 15.45
CB MSE A 98 6.16 12.34 18.52
CG MSE A 98 6.11 13.52 19.50
SE MSE A 98 5.52 13.03 21.29
CE MSE A 98 6.88 11.66 21.71
N THR A 99 8.33 11.17 16.37
CA THR A 99 8.88 10.12 15.52
C THR A 99 8.72 8.75 16.17
N VAL A 100 8.09 8.71 17.38
CA VAL A 100 7.83 7.46 18.09
C VAL A 100 6.35 7.45 18.54
N PRO A 101 5.70 6.26 18.69
CA PRO A 101 4.30 6.25 19.18
C PRO A 101 4.27 6.57 20.67
N VAL A 102 3.11 7.03 21.18
CA VAL A 102 2.97 7.36 22.61
C VAL A 102 2.10 6.29 23.33
N PHE A 103 1.40 5.45 22.56
CA PHE A 103 0.51 4.43 23.10
C PHE A 103 0.57 3.20 22.22
N TYR A 104 0.82 2.02 22.82
CA TYR A 104 1.05 0.79 22.06
C TYR A 104 0.97 -0.45 22.91
N PRO A 105 0.86 -1.67 22.32
CA PRO A 105 0.94 -2.88 23.14
C PRO A 105 2.34 -3.01 23.76
N ALA A 106 2.40 -3.31 25.05
CA ALA A 106 3.67 -3.43 25.77
C ALA A 106 3.63 -4.63 26.72
N ASP A 107 4.74 -4.89 27.41
CA ASP A 107 4.81 -5.97 28.37
C ASP A 107 4.23 -5.46 29.67
N ASP A 108 2.89 -5.32 29.69
CA ASP A 108 2.09 -4.75 30.79
C ASP A 108 0.92 -5.68 31.10
N ASN A 109 0.03 -5.23 32.02
CA ASN A 109 -1.17 -5.93 32.49
C ASN A 109 -2.22 -6.16 31.38
N GLN A 110 -2.02 -5.62 30.17
CA GLN A 110 -2.99 -5.70 29.08
C GLN A 110 -2.49 -6.52 27.88
N LYS A 111 -1.33 -7.18 27.99
CA LYS A 111 -0.67 -7.93 26.90
C LYS A 111 -1.56 -9.04 26.28
N GLU A 112 -2.36 -9.75 27.08
CA GLU A 112 -3.22 -10.82 26.53
C GLU A 112 -4.36 -10.26 25.67
N LEU A 113 -4.76 -9.01 25.93
CA LEU A 113 -5.87 -8.39 25.25
C LEU A 113 -5.42 -7.54 24.08
N GLU A 114 -4.15 -7.07 24.06
CA GLU A 114 -3.66 -6.15 23.03
C GLU A 114 -2.63 -6.77 22.06
N TRP A 115 -2.12 -7.96 22.34
CA TRP A 115 -1.12 -8.51 21.42
C TRP A 115 -1.76 -9.60 20.51
N PRO A 116 -1.52 -9.57 19.18
CA PRO A 116 -0.63 -8.67 18.43
C PRO A 116 -1.30 -7.51 17.67
N GLY A 117 -2.62 -7.37 17.75
CA GLY A 117 -3.35 -6.34 17.02
C GLY A 117 -3.11 -4.91 17.44
N GLY A 118 -2.78 -4.72 18.71
CA GLY A 118 -2.51 -3.39 19.25
C GLY A 118 -3.70 -2.62 19.79
N CYS A 119 -3.57 -1.29 19.73
CA CYS A 119 -4.49 -0.30 20.28
C CYS A 119 -5.05 0.54 19.15
N GLU A 120 -6.33 0.38 18.91
CA GLU A 120 -7.02 1.01 17.79
C GLU A 120 -8.03 2.05 18.19
N ASP A 121 -8.37 2.87 17.20
CA ASP A 121 -9.42 3.87 17.13
C ASP A 121 -9.67 4.56 18.48
N PRO A 122 -8.78 5.47 18.92
CA PRO A 122 -9.04 6.16 20.19
C PRO A 122 -9.99 7.35 20.07
N ARG A 123 -10.66 7.68 21.18
CA ARG A 123 -11.45 8.89 21.40
C ARG A 123 -10.98 9.47 22.68
N VAL A 124 -10.64 10.76 22.70
CA VAL A 124 -10.15 11.38 23.91
C VAL A 124 -11.05 12.59 24.29
N ALA A 125 -11.30 12.71 25.57
CA ALA A 125 -12.00 13.84 26.18
C ALA A 125 -11.29 14.17 27.48
N VAL A 126 -11.46 15.37 28.00
CA VAL A 126 -10.76 15.73 29.23
C VAL A 126 -11.78 16.17 30.29
N THR A 127 -11.46 15.87 31.56
CA THR A 127 -12.26 16.34 32.69
C THR A 127 -11.94 17.81 32.96
N GLU A 128 -12.78 18.49 33.76
CA GLU A 128 -12.56 19.87 34.19
C GLU A 128 -11.24 20.05 34.95
N ASP A 129 -10.75 18.99 35.60
CA ASP A 129 -9.55 19.04 36.43
C ASP A 129 -8.29 18.54 35.67
N GLY A 130 -8.41 18.37 34.35
CA GLY A 130 -7.27 18.03 33.49
C GLY A 130 -6.91 16.59 33.31
N LEU A 131 -7.85 15.66 33.56
CA LEU A 131 -7.59 14.25 33.33
C LEU A 131 -8.11 13.86 31.92
N TYR A 132 -7.19 13.44 31.02
CA TYR A 132 -7.56 12.98 29.69
C TYR A 132 -8.01 11.52 29.77
N VAL A 133 -9.18 11.23 29.24
CA VAL A 133 -9.74 9.90 29.28
C VAL A 133 -9.82 9.38 27.85
N MSE A 134 -9.08 8.30 27.58
CA MSE A 134 -9.05 7.70 26.26
C MSE A 134 -9.81 6.39 26.24
O MSE A 134 -9.61 5.56 27.12
CB MSE A 134 -7.61 7.43 25.81
CG MSE A 134 -7.52 6.72 24.43
SE MSE A 134 -5.83 5.80 24.15
CE MSE A 134 -4.78 7.26 24.04
N LEU A 135 -10.70 6.24 25.26
CA LEU A 135 -11.48 5.03 24.98
CA LEU A 135 -11.40 4.99 25.05
C LEU A 135 -10.99 4.47 23.68
N TYR A 136 -10.43 3.25 23.70
CA TYR A 136 -9.88 2.66 22.50
C TYR A 136 -10.21 1.18 22.41
N THR A 137 -9.88 0.57 21.27
CA THR A 137 -10.08 -0.86 21.07
C THR A 137 -8.80 -1.63 21.29
N GLN A 138 -8.88 -2.68 22.10
CA GLN A 138 -7.85 -3.70 22.34
C GLN A 138 -8.06 -4.80 21.34
N TRP A 139 -7.03 -5.16 20.54
CA TRP A 139 -7.23 -6.19 19.50
C TRP A 139 -6.12 -7.24 19.59
N ASN A 140 -6.50 -8.48 19.93
CA ASN A 140 -5.56 -9.60 20.06
C ASN A 140 -5.81 -10.64 18.95
N ARG A 141 -6.60 -10.25 17.93
CA ARG A 141 -7.04 -11.00 16.73
C ARG A 141 -8.07 -12.10 17.10
N LYS A 142 -8.47 -12.17 18.40
CA LYS A 142 -9.47 -13.09 18.91
C LYS A 142 -10.71 -12.30 19.31
N GLN A 143 -10.54 -11.25 20.10
CA GLN A 143 -11.66 -10.43 20.49
C GLN A 143 -11.28 -8.94 20.60
N ALA A 144 -12.22 -8.06 20.18
CA ALA A 144 -12.13 -6.61 20.26
C ALA A 144 -12.81 -6.16 21.54
N ARG A 145 -12.10 -5.42 22.37
CA ARG A 145 -12.65 -4.91 23.63
C ARG A 145 -12.41 -3.40 23.77
N LEU A 146 -13.45 -2.67 24.16
CA LEU A 146 -13.36 -1.24 24.48
C LEU A 146 -12.63 -1.09 25.83
N ALA A 147 -11.49 -0.41 25.84
CA ALA A 147 -10.70 -0.24 27.06
C ALA A 147 -10.52 1.26 27.43
N VAL A 148 -10.08 1.52 28.66
CA VAL A 148 -9.83 2.85 29.16
C VAL A 148 -8.35 3.03 29.52
N ALA A 149 -7.84 4.22 29.21
CA ALA A 149 -6.50 4.69 29.57
C ALA A 149 -6.60 6.16 29.96
N THR A 150 -5.84 6.61 30.97
CA THR A 150 -5.87 8.02 31.37
C THR A 150 -4.45 8.62 31.36
N SER A 151 -4.39 9.95 31.22
CA SER A 151 -3.15 10.71 31.20
C SER A 151 -3.40 12.17 31.53
N ARG A 152 -2.34 12.88 32.00
CA ARG A 152 -2.41 14.30 32.28
CA ARG A 152 -2.44 14.31 32.28
C ARG A 152 -1.56 15.10 31.27
N ASP A 153 -0.71 14.40 30.48
CA ASP A 153 0.17 15.06 29.51
C ASP A 153 0.08 14.45 28.09
N LEU A 154 -0.71 13.37 27.91
CA LEU A 154 -0.96 12.63 26.66
C LEU A 154 0.27 11.82 26.19
N GLN A 155 1.34 11.77 27.02
CA GLN A 155 2.58 10.99 26.76
C GLN A 155 2.62 9.74 27.61
N ILE A 156 2.39 9.93 28.94
CA ILE A 156 2.40 8.89 29.96
C ILE A 156 0.97 8.46 30.22
N TRP A 157 0.63 7.23 29.79
CA TRP A 157 -0.73 6.70 29.92
C TRP A 157 -0.81 5.55 30.93
N GLU A 158 -1.89 5.55 31.71
CA GLU A 158 -2.21 4.49 32.67
C GLU A 158 -3.34 3.66 32.07
N LYS A 159 -3.10 2.35 31.84
CA LYS A 159 -4.08 1.43 31.26
C LYS A 159 -4.90 0.77 32.36
N TYR A 160 -6.23 0.80 32.24
CA TYR A 160 -7.13 0.25 33.25
C TYR A 160 -7.87 -1.01 32.77
N GLY A 161 -7.72 -1.36 31.50
CA GLY A 161 -8.36 -2.54 30.94
C GLY A 161 -9.74 -2.27 30.39
N PRO A 162 -10.47 -3.36 30.03
CA PRO A 162 -11.81 -3.19 29.44
C PRO A 162 -12.72 -2.32 30.29
N ALA A 163 -13.45 -1.41 29.61
CA ALA A 163 -14.39 -0.44 30.21
C ALA A 163 -15.56 -1.16 30.88
N PHE A 164 -15.98 -2.32 30.35
CA PHE A 164 -17.13 -3.07 30.90
C PHE A 164 -16.67 -4.32 31.65
N ALA A 165 -15.45 -4.34 32.18
CA ALA A 165 -14.90 -5.49 32.89
C ALA A 165 -15.69 -5.87 34.14
N LYS A 166 -16.08 -4.90 35.00
CA LYS A 166 -16.73 -5.18 36.28
C LYS A 166 -18.27 -5.17 36.24
N ALA A 167 -18.90 -4.44 35.30
CA ALA A 167 -20.37 -4.31 35.21
C ALA A 167 -21.07 -5.66 35.26
N TYR A 168 -22.16 -5.75 36.06
CA TYR A 168 -23.05 -6.90 36.25
C TYR A 168 -22.24 -8.21 36.50
N GLY A 169 -21.34 -8.17 37.48
CA GLY A 169 -20.50 -9.29 37.87
C GLY A 169 -19.54 -9.81 36.79
N GLY A 170 -19.12 -8.93 35.87
CA GLY A 170 -18.20 -9.23 34.80
C GLY A 170 -18.79 -9.95 33.60
N ARG A 171 -20.10 -9.75 33.40
CA ARG A 171 -20.91 -10.35 32.33
C ARG A 171 -20.39 -9.99 30.91
N PHE A 172 -19.89 -8.75 30.72
CA PHE A 172 -19.47 -8.28 29.40
C PHE A 172 -17.93 -8.15 29.26
N PHE A 173 -17.12 -8.84 30.10
CA PHE A 173 -15.64 -8.75 29.98
C PHE A 173 -15.16 -9.27 28.60
N ASP A 174 -15.82 -10.34 28.08
CA ASP A 174 -15.51 -10.98 26.81
C ASP A 174 -16.46 -10.51 25.67
N GLU A 175 -17.21 -9.41 25.90
CA GLU A 175 -18.13 -8.84 24.92
C GLU A 175 -17.35 -8.05 23.84
N PHE A 176 -17.68 -8.28 22.54
CA PHE A 176 -17.05 -7.59 21.40
C PHE A 176 -17.48 -6.12 21.41
N SER A 177 -16.58 -5.21 21.88
CA SER A 177 -16.89 -3.79 22.03
C SER A 177 -15.81 -2.88 21.47
N LYS A 178 -16.21 -1.65 21.11
CA LYS A 178 -15.40 -0.60 20.50
C LYS A 178 -16.23 0.67 20.26
N SER A 179 -15.55 1.77 19.85
CA SER A 179 -16.06 3.06 19.40
C SER A 179 -16.99 3.74 20.44
N ALA A 180 -16.39 4.47 21.39
CA ALA A 180 -17.14 5.14 22.45
C ALA A 180 -17.04 6.65 22.38
N SER A 181 -18.19 7.30 22.53
CA SER A 181 -18.37 8.74 22.52
C SER A 181 -18.87 9.24 23.87
N ILE A 182 -17.94 9.75 24.72
CA ILE A 182 -18.27 10.32 26.04
C ILE A 182 -19.05 11.63 25.82
N VAL A 183 -20.03 11.94 26.69
CA VAL A 183 -20.79 13.20 26.62
C VAL A 183 -19.92 14.33 27.24
N THR A 184 -19.71 15.37 26.46
CA THR A 184 -18.94 16.56 26.81
C THR A 184 -19.80 17.81 26.68
N LYS A 185 -19.31 18.91 27.24
CA LYS A 185 -19.99 20.20 27.14
C LYS A 185 -18.96 21.30 27.15
N LEU A 186 -19.35 22.50 26.68
CA LEU A 186 -18.47 23.66 26.77
C LEU A 186 -18.71 24.38 28.08
N VAL A 187 -17.62 24.65 28.79
CA VAL A 187 -17.61 25.44 30.02
C VAL A 187 -16.57 26.54 29.76
N ASP A 188 -17.05 27.80 29.59
CA ASP A 188 -16.25 29.00 29.31
C ASP A 188 -15.35 28.76 28.08
N GLY A 189 -15.94 28.19 27.03
CA GLY A 189 -15.24 27.89 25.78
C GLY A 189 -14.34 26.66 25.80
N LYS A 190 -14.26 25.96 26.95
CA LYS A 190 -13.42 24.77 27.07
C LYS A 190 -14.33 23.53 27.09
N GLN A 191 -13.98 22.52 26.26
CA GLN A 191 -14.75 21.30 26.12
C GLN A 191 -14.30 20.32 27.19
N VAL A 192 -15.22 19.98 28.10
CA VAL A 192 -14.93 19.11 29.23
C VAL A 192 -15.97 17.98 29.33
N ILE A 193 -15.61 16.88 30.01
CA ILE A 193 -16.50 15.76 30.26
C ILE A 193 -17.65 16.26 31.17
N ALA A 194 -18.91 16.04 30.72
CA ALA A 194 -20.12 16.48 31.43
C ALA A 194 -20.66 15.42 32.40
N LYS A 195 -21.20 15.88 33.52
CA LYS A 195 -21.83 15.05 34.54
C LYS A 195 -23.31 15.37 34.52
N ILE A 196 -24.14 14.37 34.24
CA ILE A 196 -25.61 14.46 34.18
C ILE A 196 -26.18 13.47 35.18
N ASP A 197 -27.07 13.95 36.09
CA ASP A 197 -27.74 13.16 37.14
C ASP A 197 -26.67 12.42 38.01
N GLY A 198 -25.57 13.10 38.33
CA GLY A 198 -24.48 12.56 39.15
C GLY A 198 -23.64 11.46 38.51
N LYS A 199 -23.79 11.24 37.20
CA LYS A 199 -23.06 10.22 36.43
C LYS A 199 -22.37 10.79 35.19
N TYR A 200 -21.42 10.03 34.66
CA TYR A 200 -20.76 10.25 33.39
C TYR A 200 -21.48 9.38 32.38
N TRP A 201 -21.57 9.82 31.13
CA TRP A 201 -22.34 9.13 30.09
C TRP A 201 -21.54 8.91 28.82
N MSE A 202 -21.83 7.79 28.12
CA MSE A 202 -21.21 7.55 26.81
C MSE A 202 -22.11 6.79 25.87
O MSE A 202 -22.84 5.89 26.27
CB MSE A 202 -19.87 6.79 26.89
CG MSE A 202 -19.99 5.33 27.31
SE MSE A 202 -18.30 4.38 27.18
CE MSE A 202 -17.34 5.68 27.72
N TYR A 203 -21.98 7.10 24.58
CA TYR A 203 -22.56 6.35 23.47
C TYR A 203 -21.48 5.45 22.99
N TRP A 204 -21.77 4.17 22.76
CA TRP A 204 -20.74 3.28 22.25
C TRP A 204 -21.37 2.26 21.33
N GLY A 205 -20.59 1.71 20.42
CA GLY A 205 -21.06 0.65 19.54
C GLY A 205 -20.68 0.83 18.09
N GLU A 206 -20.81 -0.27 17.36
CA GLU A 206 -20.52 -0.38 15.93
C GLU A 206 -21.80 -0.82 15.18
N LYS A 207 -22.36 -1.99 15.56
CA LYS A 207 -23.57 -2.56 14.96
C LYS A 207 -24.85 -1.85 15.42
N PHE A 208 -24.79 -1.12 16.54
CA PHE A 208 -25.88 -0.36 17.15
C PHE A 208 -25.28 0.51 18.22
N VAL A 209 -26.03 1.49 18.72
CA VAL A 209 -25.50 2.39 19.74
C VAL A 209 -26.18 2.06 21.06
N ASN A 210 -25.36 1.80 22.09
CA ASN A 210 -25.82 1.58 23.46
C ASN A 210 -25.38 2.80 24.27
N VAL A 211 -25.99 3.01 25.44
CA VAL A 211 -25.60 4.09 26.35
C VAL A 211 -25.07 3.44 27.62
N ALA A 212 -23.89 3.87 28.05
CA ALA A 212 -23.27 3.37 29.29
C ALA A 212 -23.03 4.53 30.24
N THR A 213 -23.02 4.24 31.55
CA THR A 213 -22.79 5.29 32.57
C THR A 213 -21.62 4.86 33.48
N SER A 214 -21.02 5.86 34.16
CA SER A 214 -19.89 5.65 35.08
C SER A 214 -19.91 6.70 36.19
N THR A 215 -19.29 6.39 37.34
CA THR A 215 -19.13 7.36 38.42
C THR A 215 -17.64 7.67 38.61
N ASP A 216 -16.76 6.96 37.88
CA ASP A 216 -15.31 7.14 38.05
C ASP A 216 -14.55 7.26 36.72
N LEU A 217 -15.25 7.19 35.54
CA LEU A 217 -14.69 7.33 34.17
C LEU A 217 -13.86 6.11 33.71
N ILE A 218 -13.67 5.12 34.59
CA ILE A 218 -12.87 3.92 34.32
C ILE A 218 -13.80 2.71 34.15
N ASN A 219 -14.72 2.50 35.10
CA ASN A 219 -15.67 1.39 35.12
C ASN A 219 -17.00 1.86 34.59
N TRP A 220 -17.38 1.36 33.41
CA TRP A 220 -18.59 1.73 32.69
C TRP A 220 -19.59 0.60 32.74
N GLU A 221 -20.87 0.97 32.87
CA GLU A 221 -21.96 0.03 32.98
C GLU A 221 -22.97 0.20 31.81
N PRO A 222 -23.00 -0.75 30.83
CA PRO A 222 -23.98 -0.65 29.73
C PRO A 222 -25.41 -0.69 30.22
N MSE A 223 -26.28 0.18 29.67
CA MSE A 223 -27.69 0.20 30.10
C MSE A 223 -28.43 -0.92 29.42
O MSE A 223 -28.24 -1.15 28.23
CB MSE A 223 -28.34 1.56 29.82
CG MSE A 223 -27.74 2.67 30.69
SE MSE A 223 -28.57 4.38 30.40
CE MSE A 223 -30.35 3.94 31.04
N LEU A 224 -29.25 -1.64 30.21
CA LEU A 224 -29.98 -2.81 29.75
C LEU A 224 -31.48 -2.59 29.74
N ASP A 225 -32.20 -3.31 28.86
CA ASP A 225 -33.66 -3.27 28.80
C ASP A 225 -34.23 -4.25 29.87
N GLU A 226 -35.59 -4.39 29.93
CA GLU A 226 -36.37 -5.25 30.83
C GLU A 226 -35.88 -6.73 30.79
N LYS A 227 -35.44 -7.20 29.59
CA LYS A 227 -34.96 -8.57 29.36
C LYS A 227 -33.45 -8.77 29.70
N GLY A 228 -32.75 -7.68 30.04
CA GLY A 228 -31.33 -7.72 30.37
C GLY A 228 -30.41 -7.60 29.16
N ASP A 229 -30.97 -7.26 28.00
CA ASP A 229 -30.24 -7.06 26.75
C ASP A 229 -29.85 -5.60 26.62
N PHE A 230 -28.82 -5.29 25.83
CA PHE A 230 -28.42 -3.89 25.66
C PHE A 230 -29.55 -3.00 25.18
N LEU A 231 -29.61 -1.80 25.75
CA LEU A 231 -30.51 -0.77 25.28
C LEU A 231 -29.94 -0.22 23.97
N LYS A 232 -30.71 -0.28 22.88
CA LYS A 232 -30.28 0.19 21.57
C LYS A 232 -30.97 1.53 21.25
N VAL A 233 -30.25 2.64 21.38
CA VAL A 233 -30.86 3.96 21.20
C VAL A 233 -30.78 4.37 19.71
N ILE A 234 -29.89 3.75 18.93
CA ILE A 234 -29.70 3.94 17.49
C ILE A 234 -29.37 2.59 16.90
N THR A 235 -30.07 2.22 15.84
CA THR A 235 -29.82 0.97 15.11
C THR A 235 -29.73 1.29 13.62
N PRO A 236 -29.03 0.46 12.81
CA PRO A 236 -28.99 0.70 11.36
C PRO A 236 -30.40 0.75 10.74
N ARG A 237 -30.55 1.58 9.70
CA ARG A 237 -31.82 1.79 9.01
C ARG A 237 -31.74 1.34 7.59
N GLU A 238 -32.58 0.36 7.23
CA GLU A 238 -32.67 -0.18 5.88
C GLU A 238 -32.97 0.95 4.88
N GLY A 239 -32.28 0.94 3.74
CA GLY A 239 -32.46 1.93 2.69
C GLY A 239 -31.81 3.28 2.96
N LYS A 240 -31.08 3.44 4.09
CA LYS A 240 -30.35 4.66 4.46
C LYS A 240 -28.84 4.43 4.38
N PHE A 241 -28.04 5.52 4.42
CA PHE A 241 -26.58 5.47 4.39
C PHE A 241 -26.01 4.69 5.58
N ASP A 242 -26.73 4.64 6.73
CA ASP A 242 -26.30 3.94 7.94
C ASP A 242 -27.08 2.61 8.06
N SER A 243 -27.22 1.89 6.93
CA SER A 243 -27.99 0.65 6.82
C SER A 243 -27.21 -0.58 7.29
N ASP A 244 -25.87 -0.52 7.34
CA ASP A 244 -25.09 -1.66 7.81
C ASP A 244 -24.64 -1.42 9.25
N LEU A 245 -23.98 -0.27 9.50
CA LEU A 245 -23.47 0.08 10.83
C LEU A 245 -23.82 1.48 11.22
N THR A 246 -23.95 1.71 12.53
CA THR A 246 -24.16 2.97 13.23
C THR A 246 -23.10 3.02 14.31
N GLU A 247 -21.89 3.43 13.91
CA GLU A 247 -20.69 3.43 14.74
C GLU A 247 -20.38 4.85 15.24
N CYS A 248 -20.30 4.98 16.57
CA CYS A 248 -20.05 6.25 17.22
C CYS A 248 -18.79 6.90 16.70
N GLY A 249 -18.84 8.23 16.59
CA GLY A 249 -17.73 9.02 16.11
C GLY A 249 -16.95 9.63 17.25
N PRO A 250 -16.76 10.97 17.21
CA PRO A 250 -15.99 11.62 18.29
C PRO A 250 -16.81 11.72 19.57
N PRO A 251 -16.28 12.24 20.69
CA PRO A 251 -17.13 12.46 21.87
C PRO A 251 -18.39 13.27 21.54
N ALA A 252 -19.52 12.95 22.23
CA ALA A 252 -20.77 13.68 22.06
C ALA A 252 -20.62 15.07 22.68
N ILE A 253 -21.35 16.06 22.14
CA ILE A 253 -21.27 17.44 22.63
C ILE A 253 -22.66 17.97 22.95
N MSE A 254 -22.83 18.51 24.16
N MSE A 254 -22.82 18.53 24.16
CA MSE A 254 -24.08 19.14 24.59
CA MSE A 254 -24.03 19.18 24.65
C MSE A 254 -24.23 20.48 23.90
C MSE A 254 -24.22 20.51 23.89
O MSE A 254 -23.32 21.30 23.94
O MSE A 254 -23.29 21.33 23.88
CB MSE A 254 -24.15 19.29 26.11
CB MSE A 254 -23.91 19.41 26.16
CG MSE A 254 -24.18 17.97 26.87
CG MSE A 254 -25.04 20.24 26.77
SE MSE A 254 -24.31 18.19 28.81
SE MSE A 254 -26.76 19.37 26.71
CE MSE A 254 -26.07 19.08 28.89
CE MSE A 254 -27.84 20.96 27.01
N THR A 255 -25.39 20.70 23.25
CA THR A 255 -25.69 21.94 22.53
C THR A 255 -26.94 22.57 23.15
N ASP A 256 -27.34 23.76 22.66
CA ASP A 256 -28.55 24.45 23.15
C ASP A 256 -29.83 23.62 22.81
N LYS A 257 -29.76 22.69 21.83
CA LYS A 257 -30.91 21.88 21.39
C LYS A 257 -30.95 20.46 22.00
N GLY A 258 -29.87 20.05 22.65
CA GLY A 258 -29.74 18.71 23.22
C GLY A 258 -28.33 18.17 22.98
N ILE A 259 -28.14 16.86 23.27
CA ILE A 259 -26.84 16.21 23.12
C ILE A 259 -26.66 15.83 21.66
N LEU A 260 -25.61 16.35 21.03
CA LEU A 260 -25.31 16.05 19.63
C LEU A 260 -24.31 14.91 19.54
N LEU A 261 -24.70 13.83 18.85
CA LEU A 261 -23.83 12.69 18.61
C LEU A 261 -23.53 12.59 17.11
N LEU A 262 -22.26 12.85 16.76
CA LEU A 262 -21.75 12.70 15.40
CA LEU A 262 -21.69 12.72 15.42
C LEU A 262 -21.30 11.25 15.24
N TYR A 263 -21.82 10.55 14.21
CA TYR A 263 -21.44 9.13 14.14
C TYR A 263 -21.15 8.75 12.69
N ASN A 264 -20.65 7.54 12.54
CA ASN A 264 -20.28 6.96 11.26
C ASN A 264 -21.28 5.90 10.82
N GLY A 265 -21.82 6.06 9.63
CA GLY A 265 -22.76 5.13 9.04
C GLY A 265 -22.13 4.33 7.92
N LYS A 266 -22.23 2.98 7.97
CA LYS A 266 -21.74 2.14 6.88
C LYS A 266 -22.94 1.73 6.02
N ASN A 267 -22.83 1.91 4.72
CA ASN A 267 -23.91 1.63 3.79
C ASN A 267 -23.86 0.18 3.34
N LYS A 268 -25.03 -0.53 3.40
CA LYS A 268 -25.14 -1.91 2.88
C LYS A 268 -25.05 -1.95 1.38
N SER A 269 -24.57 -3.06 0.83
CA SER A 269 -24.52 -3.29 -0.60
C SER A 269 -25.87 -3.83 -1.06
N GLY A 270 -26.44 -3.18 -2.08
CA GLY A 270 -27.73 -3.51 -2.67
C GLY A 270 -28.89 -2.61 -2.25
N ALA A 271 -30.12 -3.17 -2.40
CA ALA A 271 -31.42 -2.56 -2.10
C ALA A 271 -31.63 -2.33 -0.58
N GLU A 272 -30.86 -3.04 0.26
CA GLU A 272 -30.92 -2.88 1.71
C GLU A 272 -30.22 -1.58 2.14
N GLY A 273 -29.39 -1.00 1.28
CA GLY A 273 -28.70 0.27 1.54
C GLY A 273 -29.25 1.38 0.68
N ASP A 274 -28.62 2.58 0.78
CA ASP A 274 -28.99 3.75 0.00
C ASP A 274 -28.08 3.79 -1.24
N THR A 275 -28.65 3.54 -2.43
CA THR A 275 -27.97 3.49 -3.72
C THR A 275 -27.29 4.87 -4.11
N LEU A 276 -27.67 5.98 -3.43
CA LEU A 276 -27.10 7.32 -3.67
C LEU A 276 -25.68 7.43 -3.13
N TYR A 277 -25.31 6.52 -2.24
CA TYR A 277 -23.98 6.49 -1.61
C TYR A 277 -23.31 5.16 -1.97
N THR A 278 -21.98 5.16 -2.02
CA THR A 278 -21.19 4.00 -2.38
C THR A 278 -21.46 2.84 -1.41
N ALA A 279 -21.64 1.64 -1.97
CA ALA A 279 -21.83 0.44 -1.17
C ALA A 279 -20.60 0.20 -0.29
N ASN A 280 -20.84 -0.15 0.99
CA ASN A 280 -19.84 -0.47 2.01
C ASN A 280 -19.02 0.76 2.41
N SER A 281 -19.35 1.97 1.90
CA SER A 281 -18.63 3.18 2.32
C SER A 281 -19.17 3.69 3.64
N TYR A 282 -18.34 4.44 4.39
CA TYR A 282 -18.68 5.11 5.63
C TYR A 282 -18.90 6.59 5.38
N CYS A 283 -20.13 7.04 5.60
CA CYS A 283 -20.58 8.43 5.51
C CYS A 283 -21.04 8.86 6.89
N ALA A 284 -20.78 10.10 7.29
CA ALA A 284 -21.04 10.56 8.65
C ALA A 284 -22.45 11.12 8.82
N GLY A 285 -23.07 10.77 9.95
CA GLY A 285 -24.41 11.23 10.31
C GLY A 285 -24.43 11.92 11.65
N GLN A 286 -25.60 12.38 12.07
CA GLN A 286 -25.79 13.04 13.35
C GLN A 286 -27.14 12.69 13.95
N ALA A 287 -27.17 12.58 15.28
CA ALA A 287 -28.34 12.31 16.08
C ALA A 287 -28.43 13.28 17.23
N LEU A 288 -29.65 13.67 17.62
CA LEU A 288 -29.88 14.62 18.71
C LEU A 288 -30.63 13.93 19.84
N PHE A 289 -30.04 13.96 21.04
CA PHE A 289 -30.63 13.33 22.21
C PHE A 289 -31.03 14.36 23.23
N ASP A 290 -31.97 13.98 24.11
CA ASP A 290 -32.46 14.84 25.18
C ASP A 290 -31.30 15.10 26.17
N ALA A 291 -31.11 16.38 26.55
CA ALA A 291 -30.05 16.81 27.48
C ALA A 291 -30.24 16.22 28.91
N LYS A 292 -31.49 15.98 29.34
CA LYS A 292 -31.78 15.46 30.68
C LYS A 292 -31.81 13.92 30.71
N ASP A 293 -32.12 13.29 29.54
CA ASP A 293 -32.15 11.83 29.35
C ASP A 293 -31.35 11.50 28.08
N PRO A 294 -30.02 11.26 28.21
CA PRO A 294 -29.19 10.98 27.03
C PRO A 294 -29.61 9.72 26.24
N THR A 295 -30.55 8.90 26.74
CA THR A 295 -31.03 7.71 26.00
C THR A 295 -32.23 8.06 25.10
N LYS A 296 -32.78 9.28 25.25
CA LYS A 296 -33.97 9.69 24.51
C LYS A 296 -33.59 10.44 23.21
N LEU A 297 -33.82 9.78 22.05
CA LEU A 297 -33.55 10.32 20.74
C LEU A 297 -34.63 11.32 20.34
N ILE A 298 -34.21 12.51 19.89
CA ILE A 298 -35.14 13.57 19.46
C ILE A 298 -35.24 13.53 17.92
N ASP A 299 -34.10 13.57 17.23
CA ASP A 299 -34.07 13.60 15.78
C ASP A 299 -32.72 13.02 15.27
N ARG A 300 -32.65 12.76 13.96
CA ARG A 300 -31.53 12.12 13.29
C ARG A 300 -31.52 12.50 11.81
N LEU A 301 -30.33 12.62 11.21
CA LEU A 301 -30.20 12.96 9.79
C LEU A 301 -30.54 11.75 8.94
N ASP A 302 -31.32 11.94 7.87
CA ASP A 302 -31.73 10.86 6.96
C ASP A 302 -30.73 10.74 5.79
N LYS A 303 -29.86 11.75 5.66
CA LYS A 303 -28.77 11.86 4.69
C LYS A 303 -27.50 12.21 5.41
N PRO A 304 -26.34 11.69 4.97
CA PRO A 304 -25.08 12.03 5.68
C PRO A 304 -24.68 13.50 5.49
N PHE A 305 -24.02 14.09 6.52
CA PHE A 305 -23.57 15.49 6.42
C PHE A 305 -22.16 15.56 5.83
N TYR A 306 -21.42 14.44 5.91
CA TYR A 306 -20.04 14.35 5.43
C TYR A 306 -19.85 13.04 4.68
N ILE A 307 -19.28 13.10 3.49
CA ILE A 307 -19.12 11.93 2.62
C ILE A 307 -17.72 11.92 1.99
N PRO A 308 -17.20 10.72 1.55
CA PRO A 308 -15.89 10.70 0.88
C PRO A 308 -15.95 11.52 -0.43
N GLU A 309 -15.01 12.46 -0.59
CA GLU A 309 -15.02 13.39 -1.73
C GLU A 309 -13.63 13.49 -2.40
N SER A 310 -12.56 13.45 -1.60
CA SER A 310 -11.19 13.51 -2.10
C SER A 310 -10.69 12.12 -2.49
N ASP A 311 -9.64 12.03 -3.33
CA ASP A 311 -9.12 10.75 -3.80
C ASP A 311 -8.70 9.85 -2.65
N PHE A 312 -7.93 10.39 -1.66
CA PHE A 312 -7.48 9.63 -0.49
C PHE A 312 -8.67 9.24 0.42
N GLU A 313 -9.82 9.89 0.29
CA GLU A 313 -11.01 9.55 1.08
C GLU A 313 -11.81 8.40 0.46
N LYS A 314 -11.93 8.40 -0.87
CA LYS A 314 -12.73 7.45 -1.66
C LYS A 314 -12.04 6.08 -1.81
N SER A 315 -10.68 6.04 -1.76
CA SER A 315 -9.96 4.77 -1.96
C SER A 315 -8.63 4.74 -1.18
N GLY A 316 -8.37 3.61 -0.55
CA GLY A 316 -7.19 3.35 0.25
C GLY A 316 -7.21 1.93 0.76
N GLN A 317 -6.68 1.69 2.02
CA GLN A 317 -6.67 0.36 2.65
C GLN A 317 -8.09 -0.24 2.67
N TYR A 318 -9.10 0.63 2.86
CA TYR A 318 -10.53 0.36 2.81
C TYR A 318 -11.04 0.87 1.44
N PRO A 319 -11.09 -0.01 0.40
CA PRO A 319 -11.37 0.45 -0.98
C PRO A 319 -12.73 1.14 -1.20
N ALA A 320 -13.77 0.83 -0.40
CA ALA A 320 -15.11 1.45 -0.56
C ALA A 320 -15.12 2.90 -0.03
N GLY A 321 -14.06 3.29 0.68
CA GLY A 321 -13.88 4.64 1.19
C GLY A 321 -14.49 4.95 2.53
N THR A 322 -13.91 5.92 3.22
CA THR A 322 -14.38 6.38 4.51
C THR A 322 -14.08 7.83 4.73
N VAL A 323 -14.82 8.38 5.65
CA VAL A 323 -14.69 9.66 6.29
C VAL A 323 -15.05 9.28 7.72
N PHE A 324 -14.17 8.45 8.34
CA PHE A 324 -14.42 7.89 9.64
C PHE A 324 -14.11 8.96 10.67
N ILE A 325 -15.17 9.67 11.12
CA ILE A 325 -15.04 10.83 12.04
C ILE A 325 -14.81 10.30 13.45
N GLU A 326 -13.83 10.90 14.18
CA GLU A 326 -13.46 10.34 15.47
C GLU A 326 -12.86 11.38 16.47
N GLY A 327 -12.40 12.52 15.96
CA GLY A 327 -11.87 13.61 16.78
C GLY A 327 -12.64 14.89 16.52
N LEU A 328 -12.93 15.66 17.58
CA LEU A 328 -13.67 16.95 17.48
C LEU A 328 -13.17 17.91 18.55
N VAL A 329 -12.68 19.10 18.13
CA VAL A 329 -12.16 20.07 19.10
C VAL A 329 -12.71 21.46 18.76
N PHE A 330 -12.84 22.31 19.79
CA PHE A 330 -13.25 23.70 19.65
C PHE A 330 -12.01 24.53 19.91
N HIS A 331 -11.51 25.17 18.86
CA HIS A 331 -10.23 25.89 18.91
C HIS A 331 -10.31 27.16 18.12
N ASN A 332 -9.96 28.27 18.77
CA ASN A 332 -10.03 29.64 18.24
C ASN A 332 -11.40 29.90 17.53
N GLN A 333 -12.51 29.59 18.25
CA GLN A 333 -13.93 29.84 17.91
C GLN A 333 -14.41 29.07 16.64
N LYS A 334 -13.78 27.94 16.34
CA LYS A 334 -14.19 27.06 15.24
C LYS A 334 -14.12 25.62 15.72
N TRP A 335 -14.90 24.73 15.08
CA TRP A 335 -14.89 23.29 15.37
C TRP A 335 -14.09 22.57 14.30
N TYR A 336 -13.12 21.76 14.75
CA TYR A 336 -12.22 20.98 13.90
C TYR A 336 -12.54 19.50 14.07
N LEU A 337 -12.93 18.87 12.97
CA LEU A 337 -13.35 17.46 12.90
C LEU A 337 -12.23 16.65 12.24
N TYR A 338 -11.65 15.70 12.98
CA TYR A 338 -10.55 14.87 12.50
C TYR A 338 -11.06 13.48 12.17
N TYR A 339 -10.63 12.97 11.00
CA TYR A 339 -11.19 11.71 10.53
C TYR A 339 -10.19 10.90 9.72
N GLY A 340 -10.47 9.60 9.64
CA GLY A 340 -9.67 8.67 8.86
C GLY A 340 -10.17 8.67 7.44
N CYS A 341 -9.24 8.58 6.48
CA CYS A 341 -9.54 8.59 5.04
C CYS A 341 -9.22 7.26 4.47
N ALA A 342 -10.28 6.45 4.17
CA ALA A 342 -10.22 5.11 3.59
C ALA A 342 -9.17 4.22 4.30
N ASP A 343 -9.07 4.34 5.65
CA ASP A 343 -8.16 3.63 6.56
C ASP A 343 -6.67 3.81 6.16
N SER A 344 -6.30 5.01 5.62
CA SER A 344 -4.93 5.27 5.13
C SER A 344 -4.35 6.63 5.54
N ARG A 345 -5.19 7.67 5.60
CA ARG A 345 -4.75 9.03 5.93
C ARG A 345 -5.62 9.64 7.03
N VAL A 346 -5.16 10.76 7.60
CA VAL A 346 -5.87 11.58 8.60
C VAL A 346 -6.17 12.90 7.93
N ALA A 347 -7.40 13.38 8.05
CA ALA A 347 -7.78 14.68 7.47
C ALA A 347 -8.62 15.48 8.46
N VAL A 348 -8.80 16.77 8.19
CA VAL A 348 -9.59 17.69 9.02
C VAL A 348 -10.63 18.42 8.13
N ALA A 349 -11.79 18.70 8.73
CA ALA A 349 -12.89 19.53 8.23
C ALA A 349 -13.16 20.61 9.29
N VAL A 350 -13.52 21.82 8.87
CA VAL A 350 -13.72 22.95 9.78
C VAL A 350 -15.15 23.45 9.68
N TYR A 351 -15.75 23.68 10.86
CA TYR A 351 -17.08 24.24 11.00
C TYR A 351 -16.97 25.53 11.79
N ASP A 352 -17.31 26.66 11.13
CA ASP A 352 -17.32 27.98 11.77
C ASP A 352 -18.76 28.25 12.19
N PRO A 353 -19.11 28.13 13.51
CA PRO A 353 -20.51 28.33 13.88
C PRO A 353 -20.91 29.81 13.87
N PHE A 354 -19.96 30.74 13.64
CA PHE A 354 -20.21 32.17 13.64
C PHE A 354 -19.93 32.74 12.23
N LYS A 355 -20.75 32.31 11.24
CA LYS A 355 -20.68 32.64 9.80
C LYS A 355 -19.47 31.98 9.16
N SER B 7 37.19 56.21 -1.27
CA SER B 7 36.42 55.05 -1.70
C SER B 7 35.78 54.31 -0.50
N GLU B 8 34.45 54.39 -0.36
CA GLU B 8 33.76 53.67 0.72
C GLU B 8 33.65 52.19 0.31
N PHE B 9 33.37 51.97 -0.99
CA PHE B 9 33.18 50.67 -1.64
C PHE B 9 34.07 50.53 -2.90
N PRO B 10 34.38 49.29 -3.37
CA PRO B 10 35.16 49.16 -4.62
C PRO B 10 34.37 49.73 -5.79
N ASP B 11 35.07 50.28 -6.81
CA ASP B 11 34.40 50.99 -7.90
C ASP B 11 33.48 50.06 -8.77
N TRP B 12 33.59 48.70 -8.65
CA TRP B 12 32.72 47.78 -9.40
C TRP B 12 31.29 47.78 -8.81
N ALA B 13 31.15 48.22 -7.55
CA ALA B 13 29.86 48.20 -6.86
C ALA B 13 28.98 49.35 -7.24
N TRP B 14 27.68 49.10 -7.34
CA TRP B 14 26.63 50.10 -7.57
C TRP B 14 26.10 50.47 -6.20
N ALA B 15 26.88 51.24 -5.45
CA ALA B 15 26.58 51.57 -4.05
C ALA B 15 25.68 52.79 -3.90
N ASP B 16 25.75 53.73 -4.85
CA ASP B 16 25.05 55.01 -4.80
C ASP B 16 23.53 54.91 -5.14
N PHE B 17 22.80 53.96 -4.51
CA PHE B 17 21.33 53.89 -4.61
C PHE B 17 20.75 54.80 -3.55
N GLN B 18 19.97 55.80 -3.98
CA GLN B 18 19.42 56.82 -3.10
C GLN B 18 17.90 56.80 -3.09
N ARG B 19 17.32 57.08 -1.90
CA ARG B 19 15.87 57.17 -1.75
C ARG B 19 15.37 58.48 -2.36
N PRO B 20 14.48 58.41 -3.40
CA PRO B 20 13.89 59.66 -3.93
C PRO B 20 12.94 60.27 -2.86
N GLU B 21 12.98 61.60 -2.70
CA GLU B 21 12.22 62.35 -1.70
C GLU B 21 10.69 62.35 -2.03
N GLY B 22 9.89 62.07 -1.00
CA GLY B 22 8.41 62.02 -1.04
C GLY B 22 7.79 60.95 -1.92
N ILE B 23 8.53 59.88 -2.20
CA ILE B 23 8.06 58.82 -3.11
C ILE B 23 7.67 57.53 -2.35
N ASN B 24 8.42 57.13 -1.32
CA ASN B 24 8.21 55.84 -0.66
C ASN B 24 7.28 55.92 0.57
N PRO B 25 6.47 54.84 0.86
CA PRO B 25 6.35 53.57 0.11
C PRO B 25 5.52 53.73 -1.19
N ILE B 26 5.98 53.12 -2.32
CA ILE B 26 5.31 53.18 -3.62
C ILE B 26 4.05 52.24 -3.63
N VAL B 27 4.07 51.17 -2.80
CA VAL B 27 2.94 50.23 -2.65
C VAL B 27 2.73 49.95 -1.17
N SER B 28 1.49 50.08 -0.71
CA SER B 28 1.02 49.86 0.66
C SER B 28 -0.22 48.97 0.66
N PRO B 29 -0.59 48.28 1.76
CA PRO B 29 -1.82 47.48 1.73
C PRO B 29 -3.08 48.31 1.48
N ASP B 30 -4.04 47.74 0.76
CA ASP B 30 -5.34 48.33 0.47
C ASP B 30 -6.40 47.35 0.96
N THR B 31 -7.13 47.76 2.01
CA THR B 31 -8.15 46.92 2.64
C THR B 31 -9.50 46.94 1.88
N THR B 32 -9.66 47.84 0.89
CA THR B 32 -10.92 47.98 0.16
C THR B 32 -10.98 47.11 -1.12
N THR B 33 -9.85 46.68 -1.68
CA THR B 33 -9.88 45.92 -2.94
C THR B 33 -10.23 44.46 -2.66
N VAL B 34 -10.93 43.85 -3.61
CA VAL B 34 -11.40 42.46 -3.55
C VAL B 34 -11.14 41.79 -4.86
N PHE B 35 -11.14 40.48 -4.79
CA PHE B 35 -11.02 39.62 -5.93
C PHE B 35 -11.67 38.26 -5.58
N TYR B 36 -12.13 37.53 -6.59
CA TYR B 36 -12.71 36.24 -6.35
C TYR B 36 -11.62 35.17 -6.48
N CYS B 37 -11.24 34.60 -5.32
CA CYS B 37 -10.21 33.55 -5.23
C CYS B 37 -10.77 32.21 -5.71
N PRO B 38 -10.21 31.63 -6.81
CA PRO B 38 -10.71 30.31 -7.28
C PRO B 38 -10.35 29.17 -6.29
N MSE B 39 -9.43 29.39 -5.37
CA MSE B 39 -9.02 28.45 -4.32
C MSE B 39 -10.00 28.46 -3.14
O MSE B 39 -10.58 27.41 -2.82
CB MSE B 39 -7.59 28.77 -3.83
CG MSE B 39 -7.12 27.85 -2.69
SE MSE B 39 -5.33 28.26 -2.11
CE MSE B 39 -5.72 29.87 -1.13
N ARG B 40 -10.21 29.63 -2.52
CA ARG B 40 -11.15 29.79 -1.40
C ARG B 40 -12.60 29.71 -1.87
N GLN B 41 -12.84 29.98 -3.16
CA GLN B 41 -14.18 30.04 -3.76
C GLN B 41 -14.95 31.10 -3.00
N ASP B 42 -14.33 32.27 -2.90
CA ASP B 42 -14.89 33.41 -2.18
C ASP B 42 -14.16 34.69 -2.50
N SER B 43 -14.82 35.79 -2.20
CA SER B 43 -14.29 37.14 -2.33
C SER B 43 -13.25 37.35 -1.23
N VAL B 44 -12.02 37.75 -1.59
CA VAL B 44 -10.94 37.96 -0.62
C VAL B 44 -10.36 39.37 -0.79
N ALA B 45 -10.01 39.98 0.36
CA ALA B 45 -9.26 41.23 0.47
C ALA B 45 -7.78 40.86 0.38
N TRP B 46 -7.36 40.56 -0.86
CA TRP B 46 -6.11 39.94 -1.26
C TRP B 46 -4.83 40.78 -0.95
N GLU B 47 -4.95 42.08 -0.72
CA GLU B 47 -3.76 42.91 -0.41
C GLU B 47 -4.02 43.76 0.85
N SER B 48 -4.88 43.27 1.75
CA SER B 48 -5.31 44.03 2.93
C SER B 48 -4.28 44.04 4.08
N SER B 49 -3.36 43.06 4.19
CA SER B 49 -2.51 43.13 5.38
C SER B 49 -1.10 43.63 5.06
N ASP B 50 -0.43 43.15 3.97
CA ASP B 50 0.94 43.56 3.62
C ASP B 50 1.20 43.43 2.12
N THR B 51 2.02 44.36 1.57
CA THR B 51 2.43 44.42 0.17
C THR B 51 3.92 44.62 0.12
N PHE B 52 4.71 43.62 -0.33
CA PHE B 52 6.16 43.72 -0.25
C PHE B 52 6.83 42.88 -1.35
N ASN B 53 8.09 42.47 -1.13
CA ASN B 53 9.00 41.65 -1.92
C ASN B 53 8.52 41.59 -3.40
N PRO B 54 8.93 42.63 -4.16
CA PRO B 54 8.44 42.75 -5.52
C PRO B 54 9.41 42.36 -6.62
N ALA B 55 8.83 41.99 -7.77
CA ALA B 55 9.53 41.85 -9.02
C ALA B 55 9.41 43.16 -9.77
N ALA B 56 10.33 43.47 -10.68
CA ALA B 56 10.22 44.65 -11.51
C ALA B 56 10.76 44.35 -12.89
N THR B 57 10.10 44.90 -13.93
CA THR B 57 10.50 44.71 -15.31
C THR B 57 9.95 45.91 -16.13
N ILE B 58 10.41 46.02 -17.38
CA ILE B 58 9.97 47.03 -18.34
C ILE B 58 9.01 46.37 -19.30
N TYR B 59 7.81 46.93 -19.43
CA TYR B 59 6.81 46.44 -20.35
C TYR B 59 6.16 47.62 -21.05
N ASP B 60 6.28 47.65 -22.38
CA ASP B 60 5.68 48.63 -23.27
C ASP B 60 5.96 50.09 -22.77
N GLY B 61 7.25 50.39 -22.55
CA GLY B 61 7.74 51.69 -22.10
C GLY B 61 7.43 52.08 -20.67
N LYS B 62 6.89 51.14 -19.86
CA LYS B 62 6.54 51.39 -18.46
C LYS B 62 7.27 50.47 -17.52
N VAL B 63 7.48 50.94 -16.29
CA VAL B 63 8.05 50.13 -15.22
C VAL B 63 6.88 49.37 -14.59
N VAL B 64 6.95 48.05 -14.54
CA VAL B 64 5.89 47.24 -13.94
C VAL B 64 6.47 46.56 -12.73
N VAL B 65 5.85 46.77 -11.55
CA VAL B 65 6.22 46.17 -10.29
C VAL B 65 5.15 45.13 -9.95
N LEU B 66 5.57 43.86 -9.81
CA LEU B 66 4.66 42.76 -9.41
C LEU B 66 4.92 42.52 -7.94
N TYR B 67 4.05 43.07 -7.06
CA TYR B 67 4.30 43.02 -5.64
C TYR B 67 3.60 41.85 -4.96
N ARG B 68 4.31 41.26 -3.99
CA ARG B 68 3.78 40.20 -3.15
C ARG B 68 2.76 40.81 -2.19
N ALA B 69 1.50 40.39 -2.28
CA ALA B 69 0.44 40.85 -1.43
C ALA B 69 -0.09 39.72 -0.58
N GLU B 70 -0.31 40.00 0.71
CA GLU B 70 -0.87 39.06 1.65
C GLU B 70 -2.22 39.53 2.12
N ASP B 71 -3.17 38.60 2.22
CA ASP B 71 -4.54 38.88 2.63
C ASP B 71 -4.67 38.78 4.13
N ASN B 72 -5.90 38.89 4.69
CA ASN B 72 -5.87 38.77 6.14
C ASN B 72 -6.53 37.45 6.59
N SER B 73 -6.18 36.33 5.89
CA SER B 73 -6.66 34.97 6.17
CA SER B 73 -6.71 35.00 6.18
C SER B 73 -6.20 34.50 7.56
N ALA B 74 -4.97 34.90 7.94
CA ALA B 74 -4.36 34.54 9.21
C ALA B 74 -3.26 35.53 9.62
N VAL B 75 -2.89 35.47 10.90
CA VAL B 75 -1.84 36.33 11.42
C VAL B 75 -0.63 35.40 11.71
N GLY B 76 0.56 35.87 11.35
CA GLY B 76 1.81 35.13 11.48
C GLY B 76 2.46 34.97 10.13
N ILE B 77 3.79 35.15 10.07
CA ILE B 77 4.60 35.05 8.84
C ILE B 77 4.41 33.64 8.24
N GLY B 78 4.13 33.58 6.95
CA GLY B 78 3.88 32.35 6.20
C GLY B 78 2.53 31.67 6.35
N SER B 79 1.58 32.23 7.14
N SER B 79 1.59 32.25 7.13
CA SER B 79 0.25 31.62 7.35
CA SER B 79 0.27 31.67 7.40
C SER B 79 -0.88 32.32 6.53
C SER B 79 -0.87 32.32 6.55
N ARG B 80 -0.54 33.33 5.74
CA ARG B 80 -1.50 34.01 4.84
C ARG B 80 -1.37 33.43 3.45
N THR B 81 -2.16 33.96 2.48
CA THR B 81 -1.98 33.56 1.10
C THR B 81 -1.29 34.71 0.35
N SER B 82 -0.22 34.37 -0.38
CA SER B 82 0.46 35.35 -1.19
C SER B 82 -0.04 35.28 -2.64
N ARG B 83 -0.34 36.46 -3.20
CA ARG B 83 -0.79 36.74 -4.55
C ARG B 83 0.00 37.92 -5.06
N LEU B 84 0.11 38.09 -6.39
CA LEU B 84 0.91 39.20 -6.90
C LEU B 84 0.04 40.29 -7.48
N GLY B 85 0.26 41.50 -6.99
CA GLY B 85 -0.41 42.70 -7.48
C GLY B 85 0.35 43.29 -8.64
N TYR B 86 -0.30 44.15 -9.42
CA TYR B 86 0.33 44.76 -10.58
C TYR B 86 0.32 46.30 -10.43
N ALA B 87 1.51 46.89 -10.38
CA ALA B 87 1.69 48.34 -10.29
C ALA B 87 2.49 48.80 -11.49
N TYR B 88 2.07 49.88 -12.14
CA TYR B 88 2.75 50.36 -13.34
C TYR B 88 3.05 51.84 -13.23
N SER B 89 4.20 52.22 -13.81
CA SER B 89 4.71 53.61 -13.77
C SER B 89 5.38 54.01 -15.06
N ASP B 90 5.20 55.28 -15.43
CA ASP B 90 5.85 55.88 -16.58
C ASP B 90 7.26 56.35 -16.23
N ASP B 91 7.51 56.78 -14.98
CA ASP B 91 8.81 57.33 -14.60
C ASP B 91 9.62 56.40 -13.66
N GLY B 92 8.97 55.40 -13.07
CA GLY B 92 9.61 54.47 -12.15
C GLY B 92 9.47 54.88 -10.69
N LEU B 93 8.79 56.04 -10.43
CA LEU B 93 8.62 56.62 -9.08
C LEU B 93 7.17 56.67 -8.65
N HIS B 94 6.26 57.11 -9.55
CA HIS B 94 4.83 57.23 -9.27
C HIS B 94 4.10 56.08 -9.93
N PHE B 95 3.39 55.29 -9.14
CA PHE B 95 2.74 54.07 -9.59
C PHE B 95 1.24 54.10 -9.47
N ASN B 96 0.58 53.45 -10.44
CA ASN B 96 -0.85 53.16 -10.46
C ASN B 96 -0.97 51.67 -10.23
N ARG B 97 -2.11 51.22 -9.71
CA ARG B 97 -2.27 49.81 -9.37
C ARG B 97 -3.57 49.22 -9.88
N MSE B 98 -3.51 47.95 -10.29
CA MSE B 98 -4.69 47.16 -10.59
C MSE B 98 -5.35 46.78 -9.25
O MSE B 98 -4.66 46.70 -8.22
CB MSE B 98 -4.34 45.95 -11.43
CG MSE B 98 -4.04 46.32 -12.89
SE MSE B 98 -3.58 44.79 -14.02
CE MSE B 98 -5.25 43.79 -13.82
N THR B 99 -6.69 46.63 -9.26
CA THR B 99 -7.45 46.34 -8.04
C THR B 99 -7.64 44.82 -7.84
N VAL B 100 -7.01 44.03 -8.74
CA VAL B 100 -7.07 42.56 -8.67
C VAL B 100 -5.65 42.01 -8.86
N PRO B 101 -5.30 40.82 -8.25
CA PRO B 101 -3.97 40.26 -8.50
C PRO B 101 -3.88 39.65 -9.91
N VAL B 102 -2.66 39.53 -10.44
CA VAL B 102 -2.46 38.96 -11.78
C VAL B 102 -1.86 37.54 -11.68
N PHE B 103 -1.38 37.14 -10.50
CA PHE B 103 -0.75 35.83 -10.29
C PHE B 103 -1.10 35.34 -8.91
N TYR B 104 -1.62 34.11 -8.80
CA TYR B 104 -2.15 33.58 -7.54
C TYR B 104 -2.37 32.07 -7.59
N PRO B 105 -2.54 31.38 -6.42
CA PRO B 105 -2.91 29.96 -6.47
C PRO B 105 -4.32 29.80 -7.10
N ALA B 106 -4.46 28.81 -7.96
CA ALA B 106 -5.72 28.56 -8.67
C ALA B 106 -5.97 27.05 -8.78
N ASP B 107 -7.12 26.68 -9.38
CA ASP B 107 -7.44 25.27 -9.57
C ASP B 107 -6.73 24.81 -10.85
N ASP B 108 -5.40 24.71 -10.77
CA ASP B 108 -4.50 24.38 -11.88
C ASP B 108 -3.60 23.20 -11.47
N ASN B 109 -2.65 22.79 -12.33
N ASN B 109 -2.64 22.79 -12.34
CA ASN B 109 -1.77 21.64 -12.07
CA ASN B 109 -1.75 21.63 -12.11
C ASN B 109 -0.73 21.92 -10.97
C ASN B 109 -0.72 21.92 -11.00
N GLN B 110 -0.74 23.14 -10.40
CA GLN B 110 0.22 23.51 -9.32
C GLN B 110 -0.44 23.59 -7.94
N LYS B 111 -1.74 23.23 -7.82
CA LYS B 111 -2.53 23.40 -6.59
C LYS B 111 -1.92 22.67 -5.36
N GLU B 112 -1.33 21.48 -5.55
CA GLU B 112 -0.74 20.74 -4.42
C GLU B 112 0.50 21.50 -3.83
N LEU B 113 1.19 22.25 -4.68
CA LEU B 113 2.41 22.93 -4.29
C LEU B 113 2.18 24.38 -3.86
N GLU B 114 1.03 25.00 -4.26
CA GLU B 114 0.76 26.42 -3.99
C GLU B 114 -0.39 26.66 -3.01
N TRP B 115 -1.19 25.64 -2.69
CA TRP B 115 -2.31 25.76 -1.74
C TRP B 115 -1.88 25.37 -0.32
N PRO B 116 -2.12 26.24 0.70
CA PRO B 116 -2.80 27.55 0.67
C PRO B 116 -1.87 28.80 0.75
N GLY B 117 -0.56 28.61 0.86
CA GLY B 117 0.42 29.69 1.00
C GLY B 117 0.54 30.66 -0.17
N GLY B 118 0.27 30.17 -1.36
CA GLY B 118 0.33 31.00 -2.55
C GLY B 118 1.67 31.08 -3.26
N CYS B 119 1.86 32.21 -3.93
CA CYS B 119 2.99 32.53 -4.81
C CYS B 119 3.73 33.73 -4.26
N GLU B 120 4.95 33.49 -3.79
CA GLU B 120 5.76 34.46 -3.10
C GLU B 120 6.97 34.89 -3.87
N ASP B 121 7.53 36.04 -3.44
CA ASP B 121 8.79 36.67 -3.78
C ASP B 121 9.19 36.42 -5.25
N PRO B 122 8.54 37.08 -6.22
CA PRO B 122 8.94 36.85 -7.62
C PRO B 122 10.15 37.68 -8.07
N ARG B 123 10.84 37.20 -9.09
CA ARG B 123 11.89 37.89 -9.84
C ARG B 123 11.56 37.73 -11.29
N VAL B 124 11.52 38.84 -12.04
CA VAL B 124 11.14 38.75 -13.45
C VAL B 124 12.30 39.32 -14.32
N ALA B 125 12.54 38.65 -15.42
CA ALA B 125 13.47 39.08 -16.48
C ALA B 125 12.85 38.73 -17.80
N VAL B 126 13.26 39.37 -18.87
CA VAL B 126 12.67 39.10 -20.18
C VAL B 126 13.75 38.65 -21.16
N THR B 127 13.36 37.75 -22.08
CA THR B 127 14.23 37.31 -23.18
C THR B 127 14.27 38.39 -24.24
N GLU B 128 15.24 38.29 -25.18
CA GLU B 128 15.37 39.19 -26.33
C GLU B 128 14.12 39.14 -27.24
N ASP B 129 13.39 37.99 -27.23
N ASP B 129 13.35 38.01 -27.29
CA ASP B 129 12.23 37.69 -28.03
CA ASP B 129 12.18 37.91 -28.17
C ASP B 129 10.90 37.90 -27.23
C ASP B 129 10.87 38.36 -27.45
N GLY B 130 10.96 38.77 -26.19
CA GLY B 130 9.81 39.24 -25.42
C GLY B 130 9.08 38.27 -24.51
N LEU B 131 9.75 37.19 -24.11
CA LEU B 131 9.17 36.27 -23.16
C LEU B 131 9.62 36.62 -21.71
N TYR B 132 8.66 37.00 -20.84
CA TYR B 132 8.93 37.30 -19.43
C TYR B 132 9.00 35.98 -18.66
N VAL B 133 10.10 35.81 -17.89
CA VAL B 133 10.32 34.61 -17.13
C VAL B 133 10.31 35.00 -15.66
N MSE B 134 9.36 34.45 -14.92
CA MSE B 134 9.22 34.70 -13.49
C MSE B 134 9.68 33.50 -12.69
O MSE B 134 9.27 32.39 -12.98
CB MSE B 134 7.76 35.03 -13.13
CG MSE B 134 7.54 35.24 -11.63
SE MSE B 134 5.70 34.91 -11.07
CE MSE B 134 5.00 36.48 -11.95
N LEU B 135 10.51 33.77 -11.67
CA LEU B 135 11.00 32.80 -10.69
CA LEU B 135 10.92 32.74 -10.73
C LEU B 135 10.41 33.16 -9.36
N TYR B 136 9.58 32.29 -8.79
CA TYR B 136 8.92 32.60 -7.52
C TYR B 136 8.89 31.38 -6.60
N THR B 137 8.41 31.60 -5.38
CA THR B 137 8.26 30.53 -4.40
C THR B 137 6.83 30.04 -4.33
N GLN B 138 6.65 28.74 -4.48
CA GLN B 138 5.41 28.03 -4.18
C GLN B 138 5.38 27.75 -2.67
N TRP B 139 4.28 27.98 -1.97
CA TRP B 139 4.24 27.72 -0.53
C TRP B 139 2.91 27.03 -0.18
N ASN B 140 2.99 25.77 0.26
CA ASN B 140 1.82 24.97 0.59
C ASN B 140 1.78 24.67 2.10
N ARG B 141 2.61 25.39 2.87
CA ARG B 141 2.83 25.34 4.33
C ARG B 141 3.58 24.05 4.76
N LYS B 142 3.97 23.21 3.79
CA LYS B 142 4.72 21.96 4.02
C LYS B 142 6.12 22.14 3.45
N GLN B 143 6.23 22.66 2.23
CA GLN B 143 7.54 22.89 1.63
C GLN B 143 7.52 24.11 0.71
N ALA B 144 8.64 24.85 0.68
CA ALA B 144 8.88 26.00 -0.20
C ALA B 144 9.65 25.54 -1.42
N ARG B 145 9.10 25.78 -2.62
CA ARG B 145 9.73 25.36 -3.87
C ARG B 145 9.90 26.52 -4.86
N LEU B 146 11.05 26.58 -5.49
CA LEU B 146 11.33 27.56 -6.53
C LEU B 146 10.65 27.11 -7.83
N ALA B 147 9.80 27.97 -8.40
CA ALA B 147 9.03 27.57 -9.57
C ALA B 147 9.12 28.61 -10.70
N VAL B 148 8.77 28.18 -11.95
CA VAL B 148 8.83 29.02 -13.13
C VAL B 148 7.42 29.27 -13.71
N ALA B 149 7.20 30.51 -14.17
CA ALA B 149 6.02 30.94 -14.89
C ALA B 149 6.43 31.88 -16.00
N THR B 150 5.77 31.84 -17.18
CA THR B 150 6.11 32.75 -18.28
C THR B 150 4.88 33.51 -18.76
N SER B 151 5.10 34.67 -19.40
CA SER B 151 4.08 35.54 -19.94
C SER B 151 4.66 36.45 -21.00
N ARG B 152 3.81 36.99 -21.88
CA ARG B 152 4.22 37.97 -22.89
C ARG B 152 3.56 39.34 -22.60
N ASP B 153 2.60 39.42 -21.67
CA ASP B 153 1.91 40.67 -21.35
C ASP B 153 1.88 40.97 -19.82
N LEU B 154 2.42 40.04 -18.98
CA LEU B 154 2.51 40.11 -17.51
C LEU B 154 1.12 39.97 -16.83
N GLN B 155 0.06 39.67 -17.59
CA GLN B 155 -1.31 39.45 -17.11
C GLN B 155 -1.65 37.97 -17.13
N ILE B 156 -1.41 37.32 -18.28
CA ILE B 156 -1.71 35.92 -18.54
C ILE B 156 -0.42 35.15 -18.35
N TRP B 157 -0.36 34.31 -17.30
CA TRP B 157 0.83 33.54 -16.97
C TRP B 157 0.63 32.05 -17.16
N GLU B 158 1.67 31.38 -17.71
CA GLU B 158 1.68 29.93 -17.85
C GLU B 158 2.65 29.37 -16.80
N LYS B 159 2.14 28.49 -15.92
CA LYS B 159 2.89 27.88 -14.81
C LYS B 159 3.52 26.58 -15.26
N TYR B 160 4.82 26.40 -14.99
CA TYR B 160 5.54 25.21 -15.43
C TYR B 160 5.98 24.32 -14.27
N GLY B 161 5.73 24.75 -13.05
CA GLY B 161 6.09 24.00 -11.86
C GLY B 161 7.50 24.26 -11.34
N PRO B 162 7.94 23.46 -10.35
CA PRO B 162 9.27 23.64 -9.78
C PRO B 162 10.37 23.69 -10.84
N ALA B 163 11.28 24.66 -10.69
CA ALA B 163 12.43 24.91 -11.58
C ALA B 163 13.39 23.72 -11.65
N PHE B 164 13.50 22.96 -10.53
CA PHE B 164 14.42 21.81 -10.40
C PHE B 164 13.68 20.48 -10.37
N ALA B 165 12.48 20.43 -10.98
CA ALA B 165 11.63 19.24 -11.00
C ALA B 165 12.30 18.03 -11.69
N LYS B 166 12.94 18.23 -12.88
CA LYS B 166 13.49 17.13 -13.69
C LYS B 166 14.98 16.82 -13.43
N ALA B 167 15.79 17.81 -13.00
CA ALA B 167 17.24 17.67 -12.80
C ALA B 167 17.60 16.43 -11.98
N TYR B 168 18.64 15.69 -12.43
CA TYR B 168 19.19 14.50 -11.78
C TYR B 168 18.08 13.49 -11.33
N GLY B 169 17.24 13.12 -12.27
CA GLY B 169 16.16 12.18 -12.05
C GLY B 169 15.09 12.60 -11.06
N GLY B 170 14.92 13.90 -10.90
CA GLY B 170 13.92 14.49 -10.00
C GLY B 170 14.28 14.46 -8.53
N ARG B 171 15.58 14.43 -8.20
CA ARG B 171 16.04 14.36 -6.80
C ARG B 171 15.74 15.64 -6.00
N PHE B 172 15.67 16.82 -6.68
CA PHE B 172 15.39 18.06 -5.96
C PHE B 172 13.93 18.56 -6.13
N PHE B 173 12.98 17.70 -6.54
CA PHE B 173 11.57 18.12 -6.68
C PHE B 173 11.00 18.57 -5.33
N ASP B 174 11.37 17.88 -4.22
CA ASP B 174 10.94 18.17 -2.85
C ASP B 174 11.98 19.01 -2.07
N GLU B 175 12.98 19.57 -2.76
CA GLU B 175 14.02 20.38 -2.13
C GLU B 175 13.51 21.76 -1.80
N PHE B 176 13.81 22.24 -0.56
CA PHE B 176 13.54 23.61 -0.15
C PHE B 176 14.31 24.53 -1.08
N SER B 177 13.60 25.40 -1.78
CA SER B 177 14.22 26.29 -2.75
C SER B 177 13.36 27.52 -2.89
N LYS B 178 14.03 28.65 -3.17
CA LYS B 178 13.46 29.99 -3.35
C LYS B 178 14.56 30.96 -3.77
N SER B 179 14.18 32.20 -4.12
CA SER B 179 15.01 33.39 -4.38
C SER B 179 16.05 33.17 -5.49
N ALA B 180 15.63 33.35 -6.75
CA ALA B 180 16.51 33.14 -7.89
C ALA B 180 16.78 34.43 -8.68
N SER B 181 18.04 34.61 -9.03
CA SER B 181 18.57 35.73 -9.79
C SER B 181 19.14 35.27 -11.11
N ILE B 182 18.35 35.40 -12.21
CA ILE B 182 18.79 35.00 -13.55
CA ILE B 182 18.78 35.01 -13.55
C ILE B 182 19.79 36.07 -14.05
N VAL B 183 20.81 35.65 -14.83
CA VAL B 183 21.84 36.55 -15.36
C VAL B 183 21.24 37.29 -16.58
N THR B 184 21.30 38.63 -16.54
CA THR B 184 20.83 39.51 -17.60
C THR B 184 21.98 40.41 -18.08
N LYS B 185 21.77 41.06 -19.23
CA LYS B 185 22.72 42.02 -19.78
C LYS B 185 21.98 43.12 -20.48
N LEU B 186 22.65 44.27 -20.71
CA LEU B 186 22.07 45.32 -21.53
C LEU B 186 22.45 45.11 -22.98
N VAL B 187 21.46 45.16 -23.86
CA VAL B 187 21.61 45.11 -25.31
C VAL B 187 20.89 46.34 -25.82
N ASP B 188 21.66 47.33 -26.32
CA ASP B 188 21.15 48.60 -26.87
C ASP B 188 20.23 49.30 -25.84
N GLY B 189 20.65 49.29 -24.58
CA GLY B 189 19.92 49.91 -23.49
C GLY B 189 18.77 49.10 -22.92
N LYS B 190 18.49 47.92 -23.52
CA LYS B 190 17.40 47.07 -23.06
C LYS B 190 18.00 45.88 -22.25
N GLN B 191 17.46 45.62 -21.07
CA GLN B 191 17.90 44.56 -20.18
C GLN B 191 17.21 43.27 -20.59
N VAL B 192 18.01 42.29 -21.02
CA VAL B 192 17.51 40.99 -21.50
C VAL B 192 18.26 39.83 -20.83
N ILE B 193 17.63 38.63 -20.80
CA ILE B 193 18.23 37.40 -20.28
C ILE B 193 19.43 37.07 -21.18
N ALA B 194 20.62 36.89 -20.54
CA ALA B 194 21.87 36.61 -21.21
C ALA B 194 22.15 35.12 -21.36
N LYS B 195 22.76 34.77 -22.49
CA LYS B 195 23.18 33.42 -22.80
C LYS B 195 24.69 33.38 -22.78
N ILE B 196 25.28 32.56 -21.90
CA ILE B 196 26.73 32.37 -21.72
C ILE B 196 27.05 30.89 -21.95
N ASP B 197 28.01 30.58 -22.84
CA ASP B 197 28.40 29.21 -23.22
C ASP B 197 27.19 28.39 -23.68
N GLY B 198 26.31 29.01 -24.47
CA GLY B 198 25.09 28.38 -24.99
C GLY B 198 24.03 28.02 -23.96
N LYS B 199 24.19 28.52 -22.72
CA LYS B 199 23.31 28.28 -21.57
C LYS B 199 22.72 29.53 -20.97
N TYR B 200 21.66 29.37 -20.17
CA TYR B 200 21.07 30.39 -19.30
C TYR B 200 21.57 30.11 -17.89
N TRP B 201 21.79 31.14 -17.10
CA TRP B 201 22.38 31.01 -15.77
C TRP B 201 21.58 31.71 -14.71
N MSE B 202 21.59 31.18 -13.50
CA MSE B 202 20.96 31.86 -12.37
C MSE B 202 21.67 31.53 -11.07
O MSE B 202 22.27 30.46 -10.95
CB MSE B 202 19.45 31.56 -12.23
CG MSE B 202 19.15 30.17 -11.71
SE MSE B 202 17.26 29.91 -11.51
CE MSE B 202 17.48 28.42 -10.61
N TYR B 203 21.65 32.50 -10.15
CA TYR B 203 22.05 32.41 -8.74
C TYR B 203 20.79 32.21 -7.96
N TRP B 204 20.77 31.25 -7.03
CA TRP B 204 19.57 31.06 -6.25
C TRP B 204 19.95 30.62 -4.85
N GLY B 205 19.05 30.84 -3.90
CA GLY B 205 19.26 30.39 -2.53
C GLY B 205 18.97 31.41 -1.48
N GLU B 206 18.86 30.94 -0.24
CA GLU B 206 18.57 31.72 0.98
C GLU B 206 19.69 31.50 1.99
N LYS B 207 19.95 30.25 2.38
CA LYS B 207 20.99 29.87 3.35
C LYS B 207 22.41 29.90 2.73
N PHE B 208 22.51 29.90 1.41
CA PHE B 208 23.75 29.93 0.60
C PHE B 208 23.35 30.18 -0.84
N VAL B 209 24.32 30.51 -1.70
CA VAL B 209 24.02 30.76 -3.10
C VAL B 209 24.59 29.63 -3.94
N ASN B 210 23.71 28.99 -4.72
CA ASN B 210 24.08 27.95 -5.70
C ASN B 210 23.93 28.55 -7.10
N VAL B 211 24.59 27.96 -8.09
CA VAL B 211 24.45 28.37 -9.48
C VAL B 211 23.74 27.24 -10.23
N ALA B 212 22.69 27.58 -10.98
CA ALA B 212 21.96 26.63 -11.82
C ALA B 212 22.00 27.09 -13.26
N THR B 213 21.90 26.13 -14.21
CA THR B 213 21.89 26.43 -15.64
C THR B 213 20.65 25.82 -16.31
N SER B 214 20.29 26.36 -17.48
CA SER B 214 19.16 25.91 -18.28
C SER B 214 19.42 26.12 -19.78
N THR B 215 18.75 25.35 -20.63
CA THR B 215 18.81 25.56 -22.08
C THR B 215 17.42 26.00 -22.59
N ASP B 216 16.41 26.01 -21.72
CA ASP B 216 15.05 26.35 -22.14
C ASP B 216 14.35 27.37 -21.20
N LEU B 217 15.00 27.82 -20.08
CA LEU B 217 14.52 28.80 -19.09
C LEU B 217 13.43 28.25 -18.16
N ILE B 218 13.00 26.99 -18.38
CA ILE B 218 11.94 26.34 -17.61
C ILE B 218 12.55 25.27 -16.67
N ASN B 219 13.39 24.40 -17.23
CA ASN B 219 14.04 23.30 -16.52
C ASN B 219 15.47 23.71 -16.19
N TRP B 220 15.73 23.88 -14.89
CA TRP B 220 17.00 24.35 -14.34
C TRP B 220 17.70 23.21 -13.62
N GLU B 221 19.04 23.19 -13.77
CA GLU B 221 19.86 22.13 -13.21
C GLU B 221 20.88 22.72 -12.19
N PRO B 222 20.67 22.52 -10.87
CA PRO B 222 21.65 23.02 -9.88
C PRO B 222 23.03 22.40 -10.08
N MSE B 223 24.10 23.22 -10.00
CA MSE B 223 25.47 22.71 -10.18
C MSE B 223 25.92 22.05 -8.90
O MSE B 223 25.69 22.58 -7.81
CB MSE B 223 26.43 23.81 -10.60
CG MSE B 223 26.14 24.35 -12.01
SE MSE B 223 27.39 25.68 -12.62
CE MSE B 223 28.99 24.59 -12.69
N LEU B 224 26.50 20.85 -9.03
CA LEU B 224 26.92 20.03 -7.90
C LEU B 224 28.43 19.87 -7.81
N ASP B 225 28.95 19.66 -6.59
CA ASP B 225 30.37 19.39 -6.37
C ASP B 225 30.65 17.88 -6.62
N GLU B 226 31.90 17.43 -6.42
CA GLU B 226 32.39 16.06 -6.59
C GLU B 226 31.55 15.02 -5.77
N LYS B 227 31.03 15.42 -4.61
CA LYS B 227 30.21 14.59 -3.71
C LYS B 227 28.70 14.59 -4.07
N GLY B 228 28.31 15.40 -5.06
CA GLY B 228 26.91 15.49 -5.48
C GLY B 228 26.08 16.48 -4.70
N ASP B 229 26.75 17.30 -3.85
CA ASP B 229 26.13 18.34 -3.04
C ASP B 229 26.11 19.64 -3.82
N PHE B 230 25.21 20.56 -3.47
CA PHE B 230 25.17 21.84 -4.17
C PHE B 230 26.50 22.57 -4.11
N LEU B 231 26.87 23.19 -5.22
CA LEU B 231 28.02 24.08 -5.30
C LEU B 231 27.62 25.37 -4.59
N LYS B 232 28.36 25.77 -3.57
CA LYS B 232 28.07 26.97 -2.79
C LYS B 232 29.07 28.08 -3.17
N VAL B 233 28.66 29.04 -3.99
CA VAL B 233 29.57 30.07 -4.50
C VAL B 233 29.63 31.25 -3.50
N ILE B 234 28.62 31.37 -2.63
CA ILE B 234 28.49 32.36 -1.56
C ILE B 234 27.85 31.66 -0.36
N THR B 235 28.44 31.84 0.81
CA THR B 235 27.90 31.32 2.06
C THR B 235 27.91 32.42 3.12
N PRO B 236 27.05 32.36 4.17
CA PRO B 236 27.10 33.38 5.24
C PRO B 236 28.47 33.47 5.90
N ARG B 237 28.84 34.70 6.34
CA ARG B 237 30.13 34.98 6.97
C ARG B 237 29.95 35.48 8.39
N GLU B 238 30.48 34.73 9.38
CA GLU B 238 30.44 35.09 10.80
C GLU B 238 31.04 36.49 11.02
N GLY B 239 30.39 37.31 11.85
CA GLY B 239 30.82 38.67 12.13
C GLY B 239 30.52 39.71 11.06
N LYS B 240 29.85 39.32 9.95
CA LYS B 240 29.43 40.22 8.85
C LYS B 240 27.92 40.37 8.85
N PHE B 241 27.40 41.39 8.12
CA PHE B 241 25.95 41.65 7.99
C PHE B 241 25.20 40.42 7.37
N ASP B 242 25.87 39.60 6.56
CA ASP B 242 25.29 38.42 5.92
C ASP B 242 25.74 37.15 6.67
N SER B 243 25.72 37.20 8.01
CA SER B 243 26.17 36.14 8.91
C SER B 243 25.13 35.03 9.11
N ASP B 244 23.84 35.31 8.86
CA ASP B 244 22.82 34.28 9.01
C ASP B 244 22.40 33.74 7.63
N LEU B 245 22.02 34.64 6.71
CA LEU B 245 21.60 34.26 5.35
C LEU B 245 22.28 35.11 4.29
N THR B 246 22.44 34.53 3.10
CA THR B 246 22.93 35.12 1.83
C THR B 246 21.89 34.78 0.77
N GLU B 247 20.84 35.59 0.69
CA GLU B 247 19.68 35.36 -0.15
C GLU B 247 19.71 36.27 -1.39
N CYS B 248 19.59 35.66 -2.56
CA CYS B 248 19.66 36.36 -3.84
C CYS B 248 18.59 37.43 -3.92
N GLY B 249 18.97 38.54 -4.55
CA GLY B 249 18.10 39.69 -4.72
C GLY B 249 17.47 39.70 -6.10
N PRO B 250 17.59 40.82 -6.82
CA PRO B 250 16.99 40.90 -8.16
C PRO B 250 17.78 40.07 -9.17
N PRO B 251 17.35 39.96 -10.45
CA PRO B 251 18.22 39.32 -11.46
C PRO B 251 19.64 39.90 -11.46
N ALA B 252 20.64 39.06 -11.73
CA ALA B 252 22.03 39.48 -11.85
C ALA B 252 22.20 40.28 -13.15
N ILE B 253 23.12 41.27 -13.16
CA ILE B 253 23.36 42.11 -14.32
C ILE B 253 24.85 42.07 -14.71
N MSE B 254 25.12 41.81 -15.99
CA MSE B 254 26.48 41.82 -16.57
C MSE B 254 26.96 43.23 -16.70
O MSE B 254 26.23 44.09 -17.21
CB MSE B 254 26.55 41.12 -17.94
CG MSE B 254 26.18 39.64 -17.91
SE MSE B 254 26.46 38.75 -19.64
CE MSE B 254 28.37 38.38 -19.57
N THR B 255 28.14 43.51 -16.18
CA THR B 255 28.73 44.85 -16.23
C THR B 255 30.09 44.74 -16.93
N ASP B 256 30.77 45.87 -17.14
CA ASP B 256 32.10 45.91 -17.74
C ASP B 256 33.17 45.23 -16.83
N LYS B 257 32.86 45.04 -15.52
CA LYS B 257 33.78 44.43 -14.54
C LYS B 257 33.49 42.93 -14.28
N GLY B 258 32.33 42.45 -14.72
CA GLY B 258 31.88 41.08 -14.50
C GLY B 258 30.40 41.05 -14.17
N ILE B 259 29.89 39.88 -13.71
CA ILE B 259 28.46 39.72 -13.39
C ILE B 259 28.21 40.25 -12.00
N LEU B 260 27.33 41.25 -11.89
CA LEU B 260 27.00 41.83 -10.60
C LEU B 260 25.75 41.18 -10.00
N LEU B 261 25.90 40.60 -8.82
CA LEU B 261 24.82 39.97 -8.07
C LEU B 261 24.53 40.80 -6.82
N LEU B 262 23.37 41.47 -6.80
CA LEU B 262 22.88 42.22 -5.64
C LEU B 262 22.09 41.23 -4.77
N TYR B 263 22.43 41.09 -3.49
CA TYR B 263 21.74 40.09 -2.69
C TYR B 263 21.39 40.64 -1.31
N ASN B 264 20.68 39.81 -0.55
CA ASN B 264 20.13 40.07 0.77
C ASN B 264 20.88 39.30 1.83
N GLY B 265 21.39 40.03 2.78
CA GLY B 265 22.10 39.43 3.91
C GLY B 265 21.32 39.57 5.21
N LYS B 266 21.12 38.44 5.94
CA LYS B 266 20.46 38.50 7.25
C LYS B 266 21.53 38.43 8.32
N ASN B 267 21.50 39.37 9.26
CA ASN B 267 22.49 39.49 10.31
C ASN B 267 22.12 38.63 11.51
N LYS B 268 23.11 37.88 12.06
CA LYS B 268 22.90 37.17 13.30
C LYS B 268 22.93 38.14 14.49
N SER B 269 22.40 37.70 15.63
CA SER B 269 22.41 38.46 16.89
C SER B 269 23.81 38.41 17.53
N GLY B 270 24.13 39.40 18.33
CA GLY B 270 25.40 39.48 19.04
C GLY B 270 26.69 39.39 18.26
N ALA B 271 27.68 38.71 18.85
CA ALA B 271 29.05 38.56 18.35
C ALA B 271 29.13 37.69 17.10
N GLU B 272 28.11 36.87 16.81
CA GLU B 272 28.10 36.01 15.61
C GLU B 272 27.77 36.83 14.36
N GLY B 273 27.15 37.99 14.57
CA GLY B 273 26.80 38.90 13.50
C GLY B 273 27.65 40.16 13.57
N ASP B 274 27.29 41.16 12.76
CA ASP B 274 27.96 42.45 12.78
C ASP B 274 27.13 43.40 13.65
N THR B 275 27.67 43.78 14.82
CA THR B 275 27.02 44.61 15.85
C THR B 275 26.77 46.05 15.35
N LEU B 276 27.35 46.45 14.19
CA LEU B 276 27.10 47.74 13.53
C LEU B 276 25.67 47.82 12.97
N TYR B 277 25.04 46.65 12.72
CA TYR B 277 23.73 46.53 12.07
C TYR B 277 22.77 45.80 13.00
N THR B 278 21.46 46.07 12.86
CA THR B 278 20.42 45.49 13.69
C THR B 278 20.42 43.96 13.56
N ALA B 279 20.31 43.30 14.71
CA ALA B 279 20.21 41.85 14.80
C ALA B 279 18.99 41.38 14.08
N ASN B 280 19.14 40.31 13.27
CA ASN B 280 18.10 39.62 12.48
C ASN B 280 17.57 40.52 11.35
N SER B 281 18.14 41.73 11.15
CA SER B 281 17.72 42.58 10.02
C SER B 281 18.36 42.11 8.71
N TYR B 282 17.71 42.42 7.58
CA TYR B 282 18.20 42.17 6.23
C TYR B 282 18.77 43.45 5.62
N CYS B 283 20.09 43.46 5.37
CA CYS B 283 20.83 44.53 4.72
C CYS B 283 21.36 44.00 3.40
N ALA B 284 21.38 44.84 2.34
CA ALA B 284 21.75 44.39 1.00
C ALA B 284 23.26 44.47 0.74
N GLY B 285 23.78 43.43 0.08
CA GLY B 285 25.16 43.31 -0.31
C GLY B 285 25.34 43.12 -1.79
N GLN B 286 26.60 43.02 -2.24
CA GLN B 286 26.89 42.80 -3.67
C GLN B 286 28.10 41.90 -3.81
N ALA B 287 28.08 41.06 -4.84
CA ALA B 287 29.14 40.15 -5.23
C ALA B 287 29.41 40.27 -6.72
N LEU B 288 30.67 40.13 -7.12
CA LEU B 288 31.08 40.24 -8.52
C LEU B 288 31.62 38.91 -8.98
N PHE B 289 31.06 38.39 -10.07
CA PHE B 289 31.48 37.11 -10.63
C PHE B 289 32.10 37.29 -11.99
N ASP B 290 32.93 36.30 -12.39
CA ASP B 290 33.58 36.31 -13.70
C ASP B 290 32.51 36.20 -14.80
N ALA B 291 32.60 37.05 -15.83
CA ALA B 291 31.65 37.09 -16.95
C ALA B 291 31.68 35.81 -17.78
N LYS B 292 32.84 35.13 -17.88
CA LYS B 292 32.96 33.90 -18.69
C LYS B 292 32.67 32.64 -17.85
N ASP B 293 32.85 32.70 -16.53
CA ASP B 293 32.55 31.62 -15.58
C ASP B 293 31.71 32.21 -14.42
N PRO B 294 30.36 32.21 -14.54
CA PRO B 294 29.51 32.81 -13.50
C PRO B 294 29.64 32.15 -12.11
N THR B 295 30.35 31.01 -11.97
CA THR B 295 30.53 30.39 -10.65
C THR B 295 31.77 30.94 -9.96
N LYS B 296 32.59 31.72 -10.68
CA LYS B 296 33.86 32.23 -10.17
C LYS B 296 33.70 33.61 -9.54
N LEU B 297 33.75 33.65 -8.19
CA LEU B 297 33.64 34.87 -7.40
C LEU B 297 34.91 35.68 -7.52
N ILE B 298 34.79 36.98 -7.85
CA ILE B 298 35.93 37.89 -7.96
C ILE B 298 36.05 38.66 -6.64
N ASP B 299 34.98 39.36 -6.24
CA ASP B 299 34.98 40.19 -5.06
C ASP B 299 33.56 40.27 -4.45
N ARG B 300 33.46 40.80 -3.23
CA ARG B 300 32.22 40.89 -2.43
C ARG B 300 32.34 42.02 -1.43
N LEU B 301 31.23 42.70 -1.13
CA LEU B 301 31.21 43.78 -0.15
C LEU B 301 31.26 43.21 1.26
N ASP B 302 32.09 43.80 2.13
CA ASP B 302 32.22 43.35 3.52
C ASP B 302 31.24 44.13 4.42
N LYS B 303 30.66 45.19 3.88
CA LYS B 303 29.64 46.03 4.50
C LYS B 303 28.47 46.16 3.56
N PRO B 304 27.23 46.25 4.06
CA PRO B 304 26.09 46.39 3.14
C PRO B 304 26.08 47.76 2.42
N PHE B 305 25.52 47.82 1.19
CA PHE B 305 25.42 49.09 0.46
C PHE B 305 24.08 49.76 0.76
N TYR B 306 23.11 48.97 1.25
CA TYR B 306 21.76 49.44 1.50
C TYR B 306 21.25 48.84 2.79
N ILE B 307 20.69 49.69 3.68
CA ILE B 307 20.23 49.24 5.01
C ILE B 307 18.86 49.86 5.36
N PRO B 308 18.04 49.21 6.24
CA PRO B 308 16.79 49.85 6.69
C PRO B 308 17.06 51.20 7.36
N GLU B 309 16.37 52.25 6.89
CA GLU B 309 16.61 53.62 7.37
C GLU B 309 15.29 54.31 7.76
N SER B 310 14.21 54.08 6.98
CA SER B 310 12.89 54.63 7.21
C SER B 310 12.14 53.79 8.22
N ASP B 311 11.13 54.39 8.89
CA ASP B 311 10.33 53.71 9.93
C ASP B 311 9.68 52.38 9.37
N PHE B 312 9.15 52.39 8.12
CA PHE B 312 8.46 51.25 7.47
C PHE B 312 9.47 50.19 6.92
N GLU B 313 10.76 50.52 6.89
CA GLU B 313 11.84 49.59 6.58
C GLU B 313 12.36 48.96 7.90
N LYS B 314 12.41 49.74 8.98
CA LYS B 314 12.96 49.23 10.25
C LYS B 314 11.94 48.38 11.02
N SER B 315 10.64 48.61 10.81
CA SER B 315 9.60 47.91 11.54
C SER B 315 8.43 47.53 10.61
N GLY B 316 7.87 46.35 10.82
CA GLY B 316 6.73 45.87 10.06
C GLY B 316 6.36 44.46 10.47
N GLN B 317 5.79 43.69 9.53
CA GLN B 317 5.45 42.27 9.75
C GLN B 317 6.68 41.49 10.23
N TYR B 318 7.87 41.89 9.71
CA TYR B 318 9.21 41.42 10.07
C TYR B 318 9.81 42.50 11.00
N PRO B 319 9.63 42.37 12.34
CA PRO B 319 10.01 43.47 13.26
C PRO B 319 11.50 43.89 13.26
N ALA B 320 12.44 43.00 12.89
CA ALA B 320 13.87 43.37 12.89
C ALA B 320 14.22 44.23 11.65
N GLY B 321 13.27 44.34 10.70
CA GLY B 321 13.38 45.18 9.53
C GLY B 321 14.09 44.58 8.34
N THR B 322 13.73 45.07 7.14
CA THR B 322 14.33 44.63 5.87
C THR B 322 14.39 45.74 4.86
N VAL B 323 15.38 45.67 3.97
CA VAL B 323 15.51 46.35 2.69
C VAL B 323 15.74 45.20 1.71
N PHE B 324 14.69 44.35 1.55
CA PHE B 324 14.76 43.11 0.77
C PHE B 324 14.66 43.40 -0.73
N ILE B 325 15.84 43.61 -1.38
CA ILE B 325 15.98 44.02 -2.77
C ILE B 325 15.64 42.84 -3.66
N GLU B 326 14.79 43.08 -4.69
CA GLU B 326 14.26 41.97 -5.50
C GLU B 326 13.92 42.37 -6.95
N GLY B 327 13.75 43.66 -7.22
CA GLY B 327 13.48 44.20 -8.55
C GLY B 327 14.53 45.20 -8.97
N LEU B 328 14.99 45.16 -10.23
CA LEU B 328 16.02 46.09 -10.76
C LEU B 328 15.77 46.37 -12.23
N VAL B 329 15.57 47.66 -12.59
CA VAL B 329 15.28 48.02 -13.97
C VAL B 329 16.12 49.21 -14.38
N PHE B 330 16.42 49.29 -15.69
CA PHE B 330 17.14 50.41 -16.31
C PHE B 330 16.11 51.18 -17.12
N HIS B 331 15.79 52.38 -16.66
CA HIS B 331 14.72 53.18 -17.25
C HIS B 331 15.11 54.64 -17.28
N ASN B 332 15.04 55.24 -18.48
CA ASN B 332 15.42 56.62 -18.77
C ASN B 332 16.79 56.95 -18.15
N GLN B 333 17.80 56.09 -18.46
CA GLN B 333 19.22 56.21 -18.14
C GLN B 333 19.53 56.18 -16.61
N LYS B 334 18.66 55.57 -15.83
CA LYS B 334 18.88 55.38 -14.38
C LYS B 334 18.47 53.98 -13.99
N TRP B 335 19.03 53.45 -12.89
CA TRP B 335 18.70 52.14 -12.34
C TRP B 335 17.78 52.32 -11.14
N TYR B 336 16.65 51.61 -11.17
CA TYR B 336 15.61 51.64 -10.13
C TYR B 336 15.58 50.31 -9.44
N LEU B 337 15.83 50.34 -8.14
CA LEU B 337 15.88 49.15 -7.29
C LEU B 337 14.64 49.09 -6.42
N TYR B 338 13.83 48.02 -6.56
CA TYR B 338 12.56 47.85 -5.85
C TYR B 338 12.73 46.81 -4.78
N TYR B 339 12.25 47.13 -3.59
CA TYR B 339 12.48 46.25 -2.45
C TYR B 339 11.31 46.23 -1.44
N GLY B 340 11.28 45.14 -0.66
CA GLY B 340 10.33 44.96 0.42
C GLY B 340 10.81 45.71 1.64
N CYS B 341 9.88 46.29 2.39
CA CYS B 341 10.18 47.03 3.60
C CYS B 341 9.56 46.31 4.77
N ALA B 342 10.39 45.64 5.60
CA ALA B 342 10.02 44.90 6.80
C ALA B 342 8.81 43.97 6.55
N ASP B 343 8.76 43.35 5.37
CA ASP B 343 7.67 42.45 4.90
C ASP B 343 6.28 43.15 4.96
N SER B 344 6.20 44.48 4.69
CA SER B 344 4.92 45.20 4.79
C SER B 344 4.72 46.26 3.69
N ARG B 345 5.78 46.90 3.16
CA ARG B 345 5.66 47.92 2.11
C ARG B 345 6.62 47.63 0.94
N VAL B 346 6.44 48.36 -0.18
CA VAL B 346 7.30 48.33 -1.36
C VAL B 346 7.91 49.70 -1.47
N ALA B 347 9.24 49.77 -1.72
CA ALA B 347 9.90 51.06 -1.89
C ALA B 347 10.89 50.97 -3.05
N VAL B 348 11.39 52.15 -3.49
CA VAL B 348 12.35 52.26 -4.60
C VAL B 348 13.55 53.13 -4.14
N ALA B 349 14.74 52.78 -4.66
CA ALA B 349 16.01 53.50 -4.57
C ALA B 349 16.51 53.74 -6.00
N VAL B 350 17.14 54.89 -6.27
CA VAL B 350 17.60 55.22 -7.62
C VAL B 350 19.10 55.38 -7.66
N TYR B 351 19.72 54.81 -8.69
CA TYR B 351 21.14 54.91 -8.98
C TYR B 351 21.32 55.51 -10.37
N ASP B 352 21.90 56.72 -10.43
CA ASP B 352 22.21 57.40 -11.68
C ASP B 352 23.67 57.10 -12.03
N PRO B 353 23.95 56.21 -13.02
CA PRO B 353 25.35 55.88 -13.31
C PRO B 353 26.07 56.99 -14.09
N PHE B 354 25.35 58.06 -14.49
CA PHE B 354 25.94 59.18 -15.25
C PHE B 354 25.84 60.46 -14.40
N LYS B 355 26.58 60.47 -13.25
CA LYS B 355 26.64 61.52 -12.22
C LYS B 355 25.31 61.63 -11.47
N SER C 7 -0.47 -56.22 8.37
CA SER C 7 0.90 -55.69 8.33
C SER C 7 1.13 -54.84 7.05
N GLU C 8 0.03 -54.54 6.33
CA GLU C 8 0.02 -53.69 5.14
C GLU C 8 0.10 -52.21 5.59
N PHE C 9 -0.65 -51.90 6.68
CA PHE C 9 -0.85 -50.61 7.34
C PHE C 9 -0.53 -50.70 8.83
N PRO C 10 -0.25 -49.58 9.55
CA PRO C 10 -0.04 -49.67 11.01
C PRO C 10 -1.29 -50.21 11.72
N ASP C 11 -1.11 -50.95 12.82
CA ASP C 11 -2.21 -51.65 13.47
C ASP C 11 -3.26 -50.69 14.07
N TRP C 12 -2.98 -49.36 14.22
CA TRP C 12 -3.98 -48.39 14.71
C TRP C 12 -5.06 -48.11 13.64
N ALA C 13 -4.75 -48.39 12.35
CA ALA C 13 -5.65 -48.11 11.23
C ALA C 13 -6.73 -49.16 11.08
N TRP C 14 -7.92 -48.72 10.68
CA TRP C 14 -9.06 -49.56 10.35
C TRP C 14 -9.05 -49.74 8.84
N ALA C 15 -8.11 -50.55 8.36
CA ALA C 15 -7.87 -50.69 6.93
C ALA C 15 -8.76 -51.75 6.27
N ASP C 16 -9.16 -52.79 7.02
CA ASP C 16 -9.89 -53.94 6.54
C ASP C 16 -11.41 -53.66 6.29
N PHE C 17 -11.74 -52.57 5.57
CA PHE C 17 -13.12 -52.29 5.11
C PHE C 17 -13.31 -53.02 3.80
N GLN C 18 -14.29 -53.93 3.76
CA GLN C 18 -14.56 -54.79 2.62
C GLN C 18 -15.93 -54.55 2.03
N ARG C 19 -16.01 -54.62 0.68
CA ARG C 19 -17.28 -54.48 -0.04
C ARG C 19 -18.14 -55.73 0.15
N PRO C 20 -19.33 -55.64 0.80
CA PRO C 20 -20.21 -56.83 0.88
C PRO C 20 -20.75 -57.15 -0.52
N GLU C 21 -20.72 -58.39 -0.92
CA GLU C 21 -21.12 -58.68 -2.29
C GLU C 21 -22.63 -58.70 -2.48
N GLY C 22 -23.02 -58.27 -3.68
CA GLY C 22 -24.40 -58.12 -4.13
C GLY C 22 -25.20 -57.03 -3.42
N ILE C 23 -24.52 -56.11 -2.72
CA ILE C 23 -25.17 -55.07 -1.93
C ILE C 23 -25.10 -53.68 -2.59
N ASN C 24 -23.94 -53.29 -3.15
CA ASN C 24 -23.73 -51.94 -3.69
C ASN C 24 -24.14 -51.80 -5.16
N PRO C 25 -24.69 -50.63 -5.56
CA PRO C 25 -24.96 -49.43 -4.74
C PRO C 25 -26.23 -49.59 -3.88
N ILE C 26 -26.18 -49.11 -2.63
CA ILE C 26 -27.32 -49.19 -1.70
C ILE C 26 -28.37 -48.08 -2.03
N VAL C 27 -27.94 -46.96 -2.67
CA VAL C 27 -28.81 -45.86 -3.09
C VAL C 27 -28.40 -45.42 -4.49
N SER C 28 -29.36 -45.33 -5.40
CA SER C 28 -29.21 -44.92 -6.80
C SER C 28 -30.28 -43.87 -7.15
N PRO C 29 -30.11 -43.04 -8.21
CA PRO C 29 -31.17 -42.07 -8.53
C PRO C 29 -32.49 -42.75 -8.88
N ASP C 30 -33.59 -42.10 -8.51
CA ASP C 30 -34.95 -42.55 -8.82
C ASP C 30 -35.64 -41.40 -9.54
N THR C 31 -35.94 -41.60 -10.80
CA THR C 31 -36.53 -40.57 -11.66
C THR C 31 -38.09 -40.47 -11.44
N THR C 32 -38.71 -41.46 -10.75
CA THR C 32 -40.17 -41.52 -10.56
C THR C 32 -40.65 -40.84 -9.26
N THR C 33 -39.77 -40.59 -8.29
CA THR C 33 -40.21 -39.97 -7.04
C THR C 33 -40.31 -38.45 -7.21
N VAL C 34 -41.28 -37.83 -6.54
CA VAL C 34 -41.48 -36.39 -6.60
C VAL C 34 -41.67 -35.84 -5.19
N PHE C 35 -41.46 -34.56 -5.11
CA PHE C 35 -41.57 -33.72 -3.94
C PHE C 35 -42.10 -32.35 -4.36
N TYR C 36 -42.96 -31.77 -3.54
CA TYR C 36 -43.39 -30.42 -3.82
C TYR C 36 -42.42 -29.51 -3.08
N CYS C 37 -41.53 -28.85 -3.82
CA CYS C 37 -40.47 -27.98 -3.31
C CYS C 37 -41.04 -26.61 -2.86
N PRO C 38 -40.85 -26.20 -1.59
CA PRO C 38 -41.34 -24.88 -1.16
C PRO C 38 -40.54 -23.70 -1.79
N MSE C 39 -39.35 -23.99 -2.36
CA MSE C 39 -38.48 -23.00 -3.01
C MSE C 39 -38.93 -22.76 -4.44
O MSE C 39 -39.24 -21.62 -4.79
CB MSE C 39 -37.01 -23.46 -2.97
CG MSE C 39 -36.06 -22.51 -3.68
SE MSE C 39 -34.18 -22.99 -3.74
CE MSE C 39 -34.31 -24.51 -4.92
N ARG C 40 -39.01 -23.84 -5.26
CA ARG C 40 -39.47 -23.72 -6.64
C ARG C 40 -40.97 -23.47 -6.71
N GLN C 41 -41.73 -23.88 -5.65
CA GLN C 41 -43.20 -23.83 -5.60
C GLN C 41 -43.72 -24.66 -6.79
N ASP C 42 -43.18 -25.88 -6.94
CA ASP C 42 -43.53 -26.80 -8.00
C ASP C 42 -43.07 -28.23 -7.66
N SER C 43 -43.61 -29.24 -8.37
CA SER C 43 -43.21 -30.64 -8.29
C SER C 43 -41.82 -30.82 -8.83
N VAL C 44 -40.95 -31.45 -8.04
CA VAL C 44 -39.57 -31.63 -8.43
C VAL C 44 -39.15 -33.09 -8.24
N ALA C 45 -38.52 -33.70 -9.29
CA ALA C 45 -37.90 -35.03 -9.30
C ALA C 45 -36.55 -34.90 -8.60
N TRP C 46 -36.62 -34.76 -7.27
CA TRP C 46 -35.57 -34.35 -6.33
C TRP C 46 -34.37 -35.31 -6.25
N GLU C 47 -34.50 -36.57 -6.70
CA GLU C 47 -33.36 -37.51 -6.66
C GLU C 47 -33.16 -38.20 -8.04
N SER C 48 -33.55 -37.52 -9.12
CA SER C 48 -33.55 -38.10 -10.47
C SER C 48 -32.17 -38.13 -11.14
N SER C 49 -31.19 -37.29 -10.77
CA SER C 49 -29.93 -37.34 -11.53
C SER C 49 -28.83 -38.06 -10.74
N ASP C 50 -28.61 -37.77 -9.45
CA ASP C 50 -27.54 -38.40 -8.65
C ASP C 50 -27.89 -38.46 -7.17
N THR C 51 -27.46 -39.55 -6.48
CA THR C 51 -27.64 -39.80 -5.04
C THR C 51 -26.29 -40.21 -4.45
N PHE C 52 -25.66 -39.39 -3.62
CA PHE C 52 -24.31 -39.71 -3.17
C PHE C 52 -24.04 -39.08 -1.79
N ASN C 53 -22.75 -38.75 -1.50
CA ASN C 53 -22.13 -38.18 -0.29
C ASN C 53 -23.12 -38.20 0.91
N PRO C 54 -23.17 -39.37 1.61
CA PRO C 54 -24.17 -39.54 2.68
C PRO C 54 -23.69 -39.41 4.12
N ALA C 55 -24.64 -39.08 5.00
CA ALA C 55 -24.49 -39.17 6.45
C ALA C 55 -25.01 -40.51 6.88
N ALA C 56 -24.58 -41.01 8.03
CA ALA C 56 -25.13 -42.25 8.58
C ALA C 56 -25.14 -42.16 10.08
N THR C 57 -26.20 -42.69 10.69
CA THR C 57 -26.38 -42.70 12.13
C THR C 57 -27.31 -43.87 12.51
N ILE C 58 -27.39 -44.15 13.82
CA ILE C 58 -28.25 -45.18 14.39
C ILE C 58 -29.45 -44.48 15.01
N TYR C 59 -30.66 -44.86 14.58
CA TYR C 59 -31.90 -44.32 15.11
C TYR C 59 -32.87 -45.44 15.33
N ASP C 60 -33.32 -45.62 16.60
CA ASP C 60 -34.31 -46.60 17.02
C ASP C 60 -33.97 -48.03 16.46
N GLY C 61 -32.74 -48.47 16.69
CA GLY C 61 -32.23 -49.78 16.28
C GLY C 61 -31.97 -49.96 14.80
N LYS C 62 -32.09 -48.89 14.01
CA LYS C 62 -31.87 -48.96 12.57
C LYS C 62 -30.73 -48.08 12.13
N VAL C 63 -30.08 -48.47 11.00
CA VAL C 63 -29.07 -47.68 10.35
C VAL C 63 -29.83 -46.71 9.46
N VAL C 64 -29.63 -45.40 9.64
CA VAL C 64 -30.29 -44.40 8.79
C VAL C 64 -29.21 -43.70 7.99
N VAL C 65 -29.37 -43.69 6.67
CA VAL C 65 -28.46 -43.05 5.73
C VAL C 65 -29.19 -41.83 5.16
N LEU C 66 -28.61 -40.64 5.37
CA LEU C 66 -29.17 -39.40 4.83
C LEU C 66 -28.34 -39.06 3.60
N TYR C 67 -28.84 -39.39 2.40
CA TYR C 67 -28.04 -39.25 1.18
C TYR C 67 -28.31 -37.94 0.46
N ARG C 68 -27.23 -37.37 -0.08
CA ARG C 68 -27.29 -36.18 -0.88
C ARG C 68 -27.90 -36.52 -2.24
N ALA C 69 -29.06 -35.92 -2.55
CA ALA C 69 -29.74 -36.17 -3.81
C ALA C 69 -29.79 -34.91 -4.65
N GLU C 70 -29.49 -35.03 -5.95
CA GLU C 70 -29.56 -33.93 -6.89
C GLU C 70 -30.66 -34.16 -7.90
N ASP C 71 -31.38 -33.11 -8.21
CA ASP C 71 -32.52 -33.15 -9.13
C ASP C 71 -32.06 -32.88 -10.56
N ASN C 72 -33.01 -32.79 -11.48
CA ASN C 72 -32.70 -32.59 -12.89
C ASN C 72 -33.01 -31.14 -13.30
N SER C 73 -32.77 -30.16 -12.39
CA SER C 73 -33.02 -28.75 -12.66
C SER C 73 -32.01 -28.23 -13.70
N ALA C 74 -30.78 -28.79 -13.72
CA ALA C 74 -29.70 -28.43 -14.64
C ALA C 74 -28.60 -29.50 -14.71
N VAL C 75 -27.62 -29.31 -15.63
CA VAL C 75 -26.46 -30.17 -15.83
C VAL C 75 -25.15 -29.39 -15.42
N GLY C 76 -24.20 -30.10 -14.81
CA GLY C 76 -22.95 -29.50 -14.33
C GLY C 76 -22.79 -29.57 -12.82
N ILE C 77 -21.58 -29.90 -12.33
CA ILE C 77 -21.29 -30.04 -10.89
C ILE C 77 -21.56 -28.69 -10.19
N GLY C 78 -22.40 -28.75 -9.15
CA GLY C 78 -22.76 -27.62 -8.31
C GLY C 78 -23.87 -26.72 -8.84
N SER C 79 -24.45 -27.07 -10.02
CA SER C 79 -25.51 -26.33 -10.72
C SER C 79 -26.94 -26.89 -10.49
N ARG C 80 -27.08 -27.94 -9.65
CA ARG C 80 -28.39 -28.53 -9.30
C ARG C 80 -28.81 -28.16 -7.89
N THR C 81 -29.94 -28.67 -7.42
CA THR C 81 -30.29 -28.43 -6.02
C THR C 81 -30.05 -29.72 -5.24
N SER C 82 -29.33 -29.61 -4.11
CA SER C 82 -29.11 -30.76 -3.24
C SER C 82 -30.13 -30.75 -2.10
N ARG C 83 -30.75 -31.92 -1.89
CA ARG C 83 -31.71 -32.24 -0.85
C ARG C 83 -31.29 -33.57 -0.24
N LEU C 84 -31.72 -33.87 0.99
CA LEU C 84 -31.28 -35.12 1.61
C LEU C 84 -32.42 -36.13 1.67
N GLY C 85 -32.16 -37.30 1.11
CA GLY C 85 -33.07 -38.43 1.14
C GLY C 85 -32.87 -39.23 2.41
N TYR C 86 -33.84 -40.07 2.75
CA TYR C 86 -33.80 -40.86 3.97
C TYR C 86 -33.90 -42.35 3.61
N ALA C 87 -32.85 -43.11 3.94
CA ALA C 87 -32.80 -44.54 3.71
C ALA C 87 -32.58 -45.22 5.03
N TYR C 88 -33.33 -46.29 5.31
CA TYR C 88 -33.23 -46.96 6.60
C TYR C 88 -33.03 -48.47 6.41
N SER C 89 -32.23 -49.07 7.30
CA SER C 89 -31.89 -50.49 7.27
C SER C 89 -31.81 -51.11 8.66
N ASP C 90 -32.24 -52.36 8.76
CA ASP C 90 -32.14 -53.15 9.98
C ASP C 90 -30.74 -53.78 10.10
N ASP C 91 -30.09 -54.15 8.98
CA ASP C 91 -28.80 -54.84 9.03
C ASP C 91 -27.60 -53.94 8.61
N GLY C 92 -27.88 -52.80 7.97
CA GLY C 92 -26.85 -51.89 7.51
C GLY C 92 -26.44 -52.13 6.06
N LEU C 93 -27.06 -53.15 5.41
CA LEU C 93 -26.75 -53.55 4.03
C LEU C 93 -27.93 -53.34 3.08
N HIS C 94 -29.14 -53.74 3.50
CA HIS C 94 -30.38 -53.64 2.71
C HIS C 94 -31.17 -52.47 3.19
N PHE C 95 -31.44 -51.53 2.29
CA PHE C 95 -32.11 -50.27 2.64
C PHE C 95 -33.44 -50.10 1.95
N ASN C 96 -34.37 -49.44 2.69
CA ASN C 96 -35.65 -48.94 2.21
C ASN C 96 -35.54 -47.45 2.17
N ARG C 97 -36.33 -46.78 1.32
CA ARG C 97 -36.19 -45.35 1.16
C ARG C 97 -37.51 -44.62 1.21
N MSE C 98 -37.49 -43.42 1.79
CA MSE C 98 -38.61 -42.50 1.73
C MSE C 98 -38.65 -41.92 0.31
O MSE C 98 -37.62 -41.82 -0.36
CB MSE C 98 -38.52 -41.43 2.80
CG MSE C 98 -38.83 -41.95 4.20
SE MSE C 98 -38.72 -40.59 5.56
CE MSE C 98 -40.07 -39.39 4.92
N THR C 99 -39.86 -41.60 -0.18
CA THR C 99 -40.05 -41.10 -1.55
C THR C 99 -39.99 -39.57 -1.58
N VAL C 100 -39.71 -38.93 -0.42
CA VAL C 100 -39.61 -37.48 -0.30
C VAL C 100 -38.33 -37.14 0.48
N PRO C 101 -37.68 -35.98 0.24
CA PRO C 101 -36.50 -35.63 1.07
C PRO C 101 -36.94 -35.18 2.47
N VAL C 102 -36.02 -35.27 3.46
CA VAL C 102 -36.31 -34.86 4.84
C VAL C 102 -35.58 -33.53 5.17
N PHE C 103 -34.63 -33.10 4.33
CA PHE C 103 -33.85 -31.89 4.56
C PHE C 103 -33.58 -31.22 3.22
N TYR C 104 -33.91 -29.93 3.10
CA TYR C 104 -33.86 -29.23 1.82
C TYR C 104 -33.93 -27.72 1.97
N PRO C 105 -33.58 -26.92 0.92
CA PRO C 105 -33.79 -25.46 1.01
C PRO C 105 -35.31 -25.18 1.05
N ALA C 106 -35.69 -24.28 1.95
CA ALA C 106 -37.08 -23.91 2.17
C ALA C 106 -37.22 -22.40 2.39
N ASP C 107 -38.46 -21.93 2.56
CA ASP C 107 -38.70 -20.52 2.84
C ASP C 107 -38.51 -20.30 4.34
N ASP C 108 -37.24 -20.35 4.77
CA ASP C 108 -36.79 -20.26 6.16
C ASP C 108 -35.70 -19.17 6.29
N ASN C 109 -35.13 -18.98 7.48
N ASN C 109 -35.13 -18.99 7.50
CA ASN C 109 -34.13 -17.94 7.74
CA ASN C 109 -34.12 -17.94 7.77
C ASN C 109 -32.76 -18.27 7.09
C ASN C 109 -32.77 -18.27 7.11
N GLN C 110 -32.67 -19.41 6.38
CA GLN C 110 -31.41 -19.82 5.71
C GLN C 110 -31.48 -19.67 4.19
N LYS C 111 -32.58 -19.12 3.64
CA LYS C 111 -32.83 -19.05 2.19
C LYS C 111 -31.70 -18.27 1.43
N GLU C 112 -31.07 -17.21 2.02
CA GLU C 112 -30.01 -16.46 1.31
C GLU C 112 -28.74 -17.30 1.12
N LEU C 113 -28.54 -18.27 2.01
CA LEU C 113 -27.35 -19.09 2.06
C LEU C 113 -27.55 -20.44 1.36
N GLU C 114 -28.81 -20.93 1.22
CA GLU C 114 -29.09 -22.26 0.67
C GLU C 114 -29.77 -22.24 -0.70
N TRP C 115 -30.24 -21.09 -1.16
CA TRP C 115 -30.88 -20.98 -2.47
C TRP C 115 -29.88 -20.56 -3.57
N PRO C 116 -29.82 -21.26 -4.72
CA PRO C 116 -30.60 -22.46 -5.12
C PRO C 116 -29.87 -23.80 -4.97
N GLY C 117 -28.59 -23.79 -4.56
CA GLY C 117 -27.75 -24.98 -4.46
C GLY C 117 -28.20 -26.05 -3.48
N GLY C 118 -28.86 -25.64 -2.41
CA GLY C 118 -29.38 -26.57 -1.42
C GLY C 118 -28.44 -26.91 -0.29
N CYS C 119 -28.63 -28.13 0.25
CA CYS C 119 -27.97 -28.68 1.42
C CYS C 119 -27.16 -29.91 1.06
N GLU C 120 -25.85 -29.77 1.13
CA GLU C 120 -24.92 -30.81 0.68
C GLU C 120 -24.16 -31.48 1.79
N ASP C 121 -23.60 -32.65 1.44
CA ASP C 121 -22.64 -33.47 2.14
C ASP C 121 -22.82 -33.42 3.66
N PRO C 122 -23.85 -34.08 4.21
CA PRO C 122 -24.02 -34.05 5.67
C PRO C 122 -23.16 -35.08 6.41
N ARG C 123 -22.87 -34.78 7.68
CA ARG C 123 -22.26 -35.67 8.66
C ARG C 123 -23.13 -35.61 9.88
N VAL C 124 -23.56 -36.76 10.41
CA VAL C 124 -24.44 -36.74 11.57
C VAL C 124 -23.78 -37.55 12.69
N ALA C 125 -23.93 -37.03 13.91
CA ALA C 125 -23.52 -37.69 15.15
C ALA C 125 -24.56 -37.37 16.17
N VAL C 126 -24.66 -38.18 17.21
CA VAL C 126 -25.70 -37.98 18.21
C VAL C 126 -25.06 -37.81 19.60
N THR C 127 -25.68 -36.96 20.42
CA THR C 127 -25.29 -36.78 21.81
C THR C 127 -25.78 -37.96 22.64
N GLU C 128 -25.24 -38.10 23.87
CA GLU C 128 -25.69 -39.11 24.83
C GLU C 128 -27.20 -38.99 25.17
N ASP C 129 -27.78 -37.79 25.04
CA ASP C 129 -29.18 -37.51 25.38
C ASP C 129 -30.13 -37.64 24.17
N GLY C 130 -29.60 -38.05 23.02
CA GLY C 130 -30.41 -38.26 21.83
C GLY C 130 -30.60 -37.09 20.88
N LEU C 131 -29.71 -36.07 20.95
CA LEU C 131 -29.76 -34.96 20.01
C LEU C 131 -28.84 -35.24 18.83
N TYR C 132 -29.42 -35.36 17.62
CA TYR C 132 -28.66 -35.57 16.38
C TYR C 132 -28.16 -34.21 15.90
N VAL C 133 -26.84 -34.12 15.67
CA VAL C 133 -26.21 -32.89 15.23
C VAL C 133 -25.69 -33.13 13.82
N MSE C 134 -26.24 -32.38 12.85
CA MSE C 134 -25.84 -32.47 11.46
C MSE C 134 -24.98 -31.30 11.05
O MSE C 134 -25.35 -30.15 11.32
CB MSE C 134 -27.07 -32.56 10.55
CG MSE C 134 -26.71 -32.62 9.04
SE MSE C 134 -28.14 -32.08 7.87
CE MSE C 134 -29.26 -33.51 8.19
N LEU C 135 -23.85 -31.59 10.39
CA LEU C 135 -22.99 -30.56 9.83
C LEU C 135 -22.99 -30.75 8.32
N TYR C 136 -23.47 -29.73 7.61
CA TYR C 136 -23.63 -29.82 6.17
C TYR C 136 -23.18 -28.54 5.50
N THR C 137 -23.15 -28.54 4.18
CA THR C 137 -22.79 -27.37 3.37
C THR C 137 -24.04 -26.69 2.82
N GLN C 138 -24.15 -25.36 3.05
CA GLN C 138 -25.13 -24.47 2.43
C GLN C 138 -24.52 -24.00 1.13
N TRP C 139 -25.24 -24.11 0.00
CA TRP C 139 -24.68 -23.71 -1.29
C TRP C 139 -25.68 -22.82 -2.03
N ASN C 140 -25.30 -21.55 -2.24
CA ASN C 140 -26.16 -20.56 -2.91
C ASN C 140 -25.52 -20.15 -4.25
N ARG C 141 -24.51 -20.92 -4.70
CA ARG C 141 -23.71 -20.82 -5.94
C ARG C 141 -22.72 -19.63 -5.86
N LYS C 142 -22.68 -18.94 -4.72
CA LYS C 142 -21.78 -17.82 -4.45
C LYS C 142 -20.75 -18.24 -3.41
N GLN C 143 -21.22 -18.82 -2.29
CA GLN C 143 -20.30 -19.28 -1.27
C GLN C 143 -20.81 -20.55 -0.60
N ALA C 144 -19.86 -21.43 -0.26
CA ALA C 144 -20.09 -22.69 0.48
C ALA C 144 -19.81 -22.46 1.97
N ARG C 145 -20.81 -22.70 2.81
CA ARG C 145 -20.74 -22.50 4.26
C ARG C 145 -21.13 -23.73 5.03
N LEU C 146 -20.32 -24.07 6.05
CA LEU C 146 -20.57 -25.15 6.97
C LEU C 146 -21.64 -24.70 7.96
N ALA C 147 -22.77 -25.42 7.99
CA ALA C 147 -23.90 -25.05 8.84
C ALA C 147 -24.29 -26.17 9.79
N VAL C 148 -25.07 -25.83 10.82
CA VAL C 148 -25.55 -26.79 11.82
C VAL C 148 -27.07 -26.91 11.74
N ALA C 149 -27.56 -28.12 11.91
CA ALA C 149 -28.97 -28.45 12.05
C ALA C 149 -29.10 -29.54 13.10
N THR C 150 -30.15 -29.51 13.92
CA THR C 150 -30.35 -30.56 14.93
C THR C 150 -31.75 -31.16 14.79
N SER C 151 -31.91 -32.39 15.32
CA SER C 151 -33.14 -33.16 15.30
C SER C 151 -33.10 -34.25 16.35
N ARG C 152 -34.28 -34.74 16.75
CA ARG C 152 -34.41 -35.84 17.69
C ARG C 152 -35.03 -37.07 17.01
N ASP C 153 -35.55 -36.92 15.77
CA ASP C 153 -36.18 -38.03 15.04
C ASP C 153 -35.64 -38.16 13.59
N LEU C 154 -34.72 -37.26 13.17
CA LEU C 154 -34.09 -37.21 11.83
C LEU C 154 -35.08 -36.81 10.70
N GLN C 155 -36.31 -36.37 11.05
CA GLN C 155 -37.30 -35.94 10.04
C GLN C 155 -37.66 -34.47 10.23
N ILE C 156 -37.73 -33.98 11.48
CA ILE C 156 -37.98 -32.58 11.82
C ILE C 156 -36.63 -31.99 12.23
N TRP C 157 -36.09 -31.09 11.39
CA TRP C 157 -34.79 -30.46 11.65
C TRP C 157 -34.88 -28.98 11.94
N GLU C 158 -34.09 -28.53 12.94
N GLU C 158 -34.09 -28.54 12.93
CA GLU C 158 -33.99 -27.13 13.33
CA GLU C 158 -33.96 -27.13 13.30
C GLU C 158 -32.65 -26.55 12.78
C GLU C 158 -32.63 -26.60 12.73
N LYS C 159 -32.71 -25.61 11.81
CA LYS C 159 -31.53 -25.00 11.17
C LYS C 159 -31.00 -23.84 12.00
N TYR C 160 -29.70 -23.82 12.30
CA TYR C 160 -29.09 -22.77 13.12
C TYR C 160 -28.16 -21.85 12.33
N GLY C 161 -27.93 -22.17 11.07
CA GLY C 161 -27.08 -21.39 10.21
C GLY C 161 -25.61 -21.80 10.26
N PRO C 162 -24.73 -20.98 9.64
CA PRO C 162 -23.29 -21.29 9.65
C PRO C 162 -22.74 -21.59 11.06
N ALA C 163 -21.96 -22.67 11.16
CA ALA C 163 -21.31 -23.14 12.38
C ALA C 163 -20.36 -22.07 12.98
N PHE C 164 -19.70 -21.27 12.11
CA PHE C 164 -18.71 -20.26 12.53
C PHE C 164 -19.26 -18.84 12.43
N ALA C 165 -20.59 -18.67 12.49
CA ALA C 165 -21.25 -17.38 12.37
C ALA C 165 -20.81 -16.38 13.43
N LYS C 166 -20.74 -16.75 14.73
CA LYS C 166 -20.48 -15.79 15.81
C LYS C 166 -19.01 -15.67 16.21
N ALA C 167 -18.20 -16.74 16.05
CA ALA C 167 -16.77 -16.78 16.43
C ALA C 167 -16.02 -15.51 15.97
N TYR C 168 -15.21 -14.95 16.88
CA TYR C 168 -14.32 -13.79 16.67
C TYR C 168 -15.07 -12.61 15.98
N GLY C 169 -16.20 -12.22 16.57
CA GLY C 169 -17.02 -11.11 16.09
C GLY C 169 -17.62 -11.28 14.71
N GLY C 170 -17.82 -12.54 14.28
CA GLY C 170 -18.40 -12.89 12.99
C GLY C 170 -17.44 -12.81 11.82
N ARG C 171 -16.14 -12.99 12.10
CA ARG C 171 -15.03 -12.93 11.15
C ARG C 171 -15.16 -13.99 10.02
N PHE C 172 -15.67 -15.19 10.35
CA PHE C 172 -15.74 -16.28 9.37
C PHE C 172 -17.17 -16.59 8.89
N PHE C 173 -18.13 -15.65 9.03
CA PHE C 173 -19.50 -15.88 8.56
C PHE C 173 -19.54 -16.12 7.02
N ASP C 174 -18.70 -15.40 6.26
CA ASP C 174 -18.59 -15.48 4.79
C ASP C 174 -17.38 -16.37 4.36
N GLU C 175 -16.80 -17.13 5.29
CA GLU C 175 -15.66 -18.00 5.00
C GLU C 175 -16.10 -19.26 4.28
N PHE C 176 -15.39 -19.64 3.22
CA PHE C 176 -15.60 -20.91 2.54
C PHE C 176 -15.36 -22.03 3.54
N SER C 177 -16.38 -22.86 3.76
CA SER C 177 -16.25 -23.92 4.75
C SER C 177 -17.24 -25.04 4.44
N LYS C 178 -16.84 -26.26 4.78
CA LYS C 178 -17.57 -27.51 4.54
C LYS C 178 -16.82 -28.66 5.18
N SER C 179 -17.42 -29.87 5.17
CA SER C 179 -16.87 -31.19 5.56
C SER C 179 -16.33 -31.22 6.99
N ALA C 180 -17.24 -31.45 7.98
CA ALA C 180 -16.87 -31.47 9.38
C ALA C 180 -17.05 -32.84 10.01
N SER C 181 -16.06 -33.25 10.79
CA SER C 181 -15.97 -34.49 11.52
C SER C 181 -15.91 -34.25 13.02
N ILE C 182 -17.05 -34.36 13.71
N ILE C 182 -17.06 -34.34 13.72
CA ILE C 182 -17.12 -34.16 15.16
CA ILE C 182 -17.13 -34.17 15.18
C ILE C 182 -16.53 -35.42 15.86
C ILE C 182 -16.51 -35.41 15.85
N VAL C 183 -15.83 -35.21 17.00
CA VAL C 183 -15.18 -36.31 17.73
C VAL C 183 -16.27 -37.09 18.50
N THR C 184 -16.32 -38.38 18.27
CA THR C 184 -17.27 -39.31 18.91
C THR C 184 -16.51 -40.41 19.64
N LYS C 185 -17.21 -41.14 20.50
CA LYS C 185 -16.63 -42.28 21.20
C LYS C 185 -17.71 -43.31 21.42
N LEU C 186 -17.30 -44.57 21.69
CA LEU C 186 -18.23 -45.60 22.06
C LEU C 186 -18.41 -45.62 23.56
N VAL C 187 -19.66 -45.61 23.98
CA VAL C 187 -20.07 -45.75 25.37
C VAL C 187 -21.03 -46.93 25.38
N ASP C 188 -20.58 -48.08 25.93
CA ASP C 188 -21.34 -49.35 26.03
C ASP C 188 -21.91 -49.74 24.65
N GLY C 189 -21.05 -49.67 23.64
CA GLY C 189 -21.38 -50.02 22.28
C GLY C 189 -22.16 -48.98 21.50
N LYS C 190 -22.50 -47.84 22.14
CA LYS C 190 -23.24 -46.78 21.43
C LYS C 190 -22.30 -45.61 21.14
N GLN C 191 -22.31 -45.14 19.88
CA GLN C 191 -21.46 -44.06 19.38
C GLN C 191 -22.11 -42.75 19.69
N VAL C 192 -21.46 -41.96 20.55
CA VAL C 192 -21.99 -40.68 20.99
C VAL C 192 -20.93 -39.57 20.83
N ILE C 193 -21.38 -38.31 20.76
CA ILE C 193 -20.50 -37.14 20.70
C ILE C 193 -19.72 -37.08 22.04
N ALA C 194 -18.40 -37.02 21.94
CA ALA C 194 -17.48 -36.99 23.07
C ALA C 194 -17.14 -35.56 23.51
N LYS C 195 -16.96 -35.40 24.82
CA LYS C 195 -16.57 -34.17 25.45
C LYS C 195 -15.16 -34.37 26.00
N ILE C 196 -14.22 -33.54 25.54
CA ILE C 196 -12.79 -33.54 25.96
C ILE C 196 -12.48 -32.16 26.48
N ASP C 197 -11.90 -32.07 27.68
CA ASP C 197 -11.56 -30.83 28.39
C ASP C 197 -12.79 -29.90 28.52
N GLY C 198 -13.97 -30.47 28.81
CA GLY C 198 -15.23 -29.73 28.93
C GLY C 198 -15.76 -29.09 27.66
N LYS C 199 -15.26 -29.54 26.50
CA LYS C 199 -15.63 -29.02 25.17
C LYS C 199 -15.96 -30.11 24.19
N TYR C 200 -16.63 -29.71 23.09
CA TYR C 200 -16.90 -30.52 21.91
C TYR C 200 -15.86 -30.16 20.89
N TRP C 201 -15.44 -31.12 20.07
CA TRP C 201 -14.36 -30.95 19.10
C TRP C 201 -14.74 -31.42 17.74
N MSE C 202 -14.16 -30.78 16.71
CA MSE C 202 -14.36 -31.26 15.34
C MSE C 202 -13.17 -30.91 14.43
O MSE C 202 -12.48 -29.89 14.61
CB MSE C 202 -15.66 -30.70 14.70
CG MSE C 202 -15.57 -29.23 14.24
SE MSE C 202 -17.25 -28.62 13.48
CE MSE C 202 -16.64 -27.16 12.94
N TYR C 203 -12.97 -31.79 13.46
CA TYR C 203 -12.06 -31.62 12.34
C TYR C 203 -12.89 -31.14 11.18
N TRP C 204 -12.45 -30.12 10.46
CA TRP C 204 -13.24 -29.66 9.34
C TRP C 204 -12.29 -29.13 8.27
N GLY C 205 -12.76 -29.14 7.04
CA GLY C 205 -11.97 -28.61 5.93
C GLY C 205 -11.93 -29.50 4.70
N GLU C 206 -11.50 -28.88 3.59
CA GLU C 206 -11.36 -29.50 2.26
C GLU C 206 -9.91 -29.34 1.79
N LYS C 207 -9.40 -28.10 1.74
CA LYS C 207 -8.04 -27.78 1.30
C LYS C 207 -6.98 -28.09 2.38
N PHE C 208 -7.40 -28.23 3.63
CA PHE C 208 -6.60 -28.50 4.83
C PHE C 208 -7.55 -28.83 5.95
N VAL C 209 -7.05 -29.37 7.07
CA VAL C 209 -7.89 -29.71 8.19
C VAL C 209 -7.60 -28.75 9.35
N ASN C 210 -8.64 -28.07 9.82
CA ASN C 210 -8.60 -27.19 10.98
C ASN C 210 -9.36 -27.91 12.13
N VAL C 211 -9.11 -27.50 13.36
CA VAL C 211 -9.80 -28.04 14.52
C VAL C 211 -10.63 -26.89 15.11
N ALA C 212 -11.91 -27.14 15.34
CA ALA C 212 -12.83 -26.19 15.98
C ALA C 212 -13.39 -26.79 17.24
N THR C 213 -13.76 -25.93 18.20
CA THR C 213 -14.34 -26.38 19.47
C THR C 213 -15.67 -25.66 19.72
N SER C 214 -16.51 -26.25 20.59
CA SER C 214 -17.82 -25.71 20.96
C SER C 214 -18.18 -26.11 22.39
N THR C 215 -19.05 -25.34 23.04
CA THR C 215 -19.58 -25.71 24.35
C THR C 215 -21.09 -25.99 24.24
N ASP C 216 -21.69 -25.76 23.03
CA ASP C 216 -23.13 -25.90 22.88
C ASP C 216 -23.53 -26.68 21.59
N LEU C 217 -22.55 -27.13 20.77
CA LEU C 217 -22.73 -27.92 19.52
C LEU C 217 -23.29 -27.11 18.34
N ILE C 218 -23.62 -25.83 18.55
CA ILE C 218 -24.22 -24.94 17.55
C ILE C 218 -23.18 -23.90 17.10
N ASN C 219 -22.54 -23.23 18.07
CA ASN C 219 -21.54 -22.21 17.83
C ASN C 219 -20.16 -22.81 17.97
N TRP C 220 -19.46 -22.90 16.84
CA TRP C 220 -18.13 -23.48 16.74
C TRP C 220 -17.12 -22.40 16.52
N GLU C 221 -15.97 -22.58 17.15
CA GLU C 221 -14.88 -21.61 17.10
C GLU C 221 -13.61 -22.24 16.48
N PRO C 222 -13.27 -21.89 15.20
CA PRO C 222 -12.02 -22.41 14.60
C PRO C 222 -10.78 -22.02 15.41
N MSE C 223 -9.86 -22.97 15.64
CA MSE C 223 -8.64 -22.69 16.39
C MSE C 223 -7.66 -21.97 15.51
O MSE C 223 -7.45 -22.35 14.36
CB MSE C 223 -8.00 -23.96 16.98
CG MSE C 223 -8.87 -24.59 18.07
SE MSE C 223 -8.05 -26.14 18.85
CE MSE C 223 -6.64 -25.34 19.74
N LEU C 224 -7.10 -20.87 16.03
CA LEU C 224 -6.18 -20.01 15.31
C LEU C 224 -4.79 -20.07 15.91
N ASP C 225 -3.76 -19.83 15.08
CA ASP C 225 -2.37 -19.74 15.55
C ASP C 225 -2.14 -18.32 16.15
N GLU C 226 -0.89 -18.01 16.61
CA GLU C 226 -0.48 -16.74 17.22
C GLU C 226 -0.77 -15.52 16.30
N LYS C 227 -0.69 -15.73 14.96
CA LYS C 227 -0.94 -14.69 13.95
C LYS C 227 -2.44 -14.52 13.62
N GLY C 228 -3.30 -15.37 14.17
CA GLY C 228 -4.75 -15.31 13.91
C GLY C 228 -5.20 -16.07 12.68
N ASP C 229 -4.30 -16.87 12.10
CA ASP C 229 -4.58 -17.72 10.94
C ASP C 229 -5.06 -19.08 11.41
N PHE C 230 -5.82 -19.82 10.56
CA PHE C 230 -6.28 -21.15 10.98
C PHE C 230 -5.15 -22.06 11.35
N LEU C 231 -5.35 -22.84 12.41
CA LEU C 231 -4.46 -23.91 12.77
C LEU C 231 -4.68 -25.06 11.77
N LYS C 232 -3.63 -25.47 11.04
CA LYS C 232 -3.74 -26.53 10.05
C LYS C 232 -3.07 -27.81 10.61
N VAL C 233 -3.88 -28.79 11.04
CA VAL C 233 -3.32 -29.99 11.69
C VAL C 233 -2.98 -31.05 10.63
N ILE C 234 -3.57 -30.95 9.42
CA ILE C 234 -3.34 -31.80 8.26
C ILE C 234 -3.40 -30.92 7.04
N THR C 235 -2.39 -31.04 6.15
CA THR C 235 -2.35 -30.32 4.88
C THR C 235 -2.02 -31.32 3.76
N PRO C 236 -2.40 -31.02 2.49
CA PRO C 236 -2.03 -31.93 1.39
C PRO C 236 -0.53 -32.15 1.29
N ARG C 237 -0.14 -33.37 0.86
CA ARG C 237 1.26 -33.78 0.74
C ARG C 237 1.61 -34.08 -0.71
N GLU C 238 2.58 -33.33 -1.24
CA GLU C 238 3.07 -33.49 -2.61
C GLU C 238 3.57 -34.93 -2.80
N GLY C 239 3.22 -35.54 -3.94
CA GLY C 239 3.64 -36.91 -4.25
C GLY C 239 2.84 -38.01 -3.58
N LYS C 240 1.80 -37.65 -2.79
CA LYS C 240 0.90 -38.60 -2.09
C LYS C 240 -0.50 -38.52 -2.69
N PHE C 241 -1.36 -39.53 -2.39
CA PHE C 241 -2.74 -39.59 -2.86
C PHE C 241 -3.56 -38.36 -2.40
N ASP C 242 -3.19 -37.73 -1.26
CA ASP C 242 -3.88 -36.57 -0.71
C ASP C 242 -3.07 -35.29 -1.01
N SER C 243 -2.56 -35.20 -2.25
CA SER C 243 -1.71 -34.11 -2.73
C SER C 243 -2.49 -32.86 -3.13
N ASP C 244 -3.79 -32.98 -3.45
CA ASP C 244 -4.59 -31.81 -3.82
C ASP C 244 -5.45 -31.36 -2.64
N LEU C 245 -6.24 -32.31 -2.08
CA LEU C 245 -7.13 -32.02 -0.96
C LEU C 245 -7.00 -33.04 0.13
N THR C 246 -7.24 -32.61 1.38
CA THR C 246 -7.35 -33.39 2.63
C THR C 246 -8.67 -33.01 3.25
N GLU C 247 -9.74 -33.66 2.81
CA GLU C 247 -11.11 -33.32 3.20
C GLU C 247 -11.66 -34.33 4.18
N CYS C 248 -12.15 -33.85 5.30
CA CYS C 248 -12.67 -34.69 6.39
C CYS C 248 -13.78 -35.60 5.90
N GLY C 249 -13.78 -36.82 6.44
CA GLY C 249 -14.76 -37.84 6.09
C GLY C 249 -15.89 -37.89 7.09
N PRO C 250 -16.17 -39.10 7.64
CA PRO C 250 -17.25 -39.21 8.63
C PRO C 250 -16.83 -38.62 9.98
N PRO C 251 -17.71 -38.59 11.01
CA PRO C 251 -17.25 -38.15 12.35
C PRO C 251 -16.02 -38.93 12.81
N ALA C 252 -15.12 -38.25 13.56
CA ALA C 252 -13.92 -38.87 14.13
C ALA C 252 -14.35 -39.82 15.26
N ILE C 253 -13.57 -40.88 15.48
CA ILE C 253 -13.90 -41.88 16.50
C ILE C 253 -12.69 -42.12 17.41
N MSE C 254 -12.94 -42.03 18.72
CA MSE C 254 -11.91 -42.31 19.73
CA MSE C 254 -11.98 -42.33 19.78
C MSE C 254 -11.69 -43.83 19.81
O MSE C 254 -12.62 -44.62 19.89
CB MSE C 254 -12.29 -41.74 21.11
CB MSE C 254 -12.55 -41.84 21.13
CG MSE C 254 -12.37 -40.21 21.13
CG MSE C 254 -11.72 -42.23 22.34
SE MSE C 254 -12.81 -39.51 22.84
SE MSE C 254 -10.00 -41.34 22.37
CE MSE C 254 -11.27 -40.09 23.86
CE MSE C 254 -10.68 -39.54 22.91
N THR C 255 -10.42 -44.24 19.75
CA THR C 255 -10.03 -45.64 19.81
C THR C 255 -9.06 -45.83 20.98
N ASP C 256 -8.64 -47.08 21.24
CA ASP C 256 -7.68 -47.38 22.30
C ASP C 256 -6.28 -46.75 21.99
N LYS C 257 -6.02 -46.38 20.71
CA LYS C 257 -4.73 -45.80 20.27
C LYS C 257 -4.76 -44.27 20.12
N GLY C 258 -5.93 -43.66 20.18
CA GLY C 258 -6.12 -42.23 20.00
C GLY C 258 -7.34 -41.93 19.16
N ILE C 259 -7.50 -40.67 18.72
CA ILE C 259 -8.66 -40.22 17.91
C ILE C 259 -8.39 -40.55 16.46
N LEU C 260 -9.26 -41.38 15.87
CA LEU C 260 -9.12 -41.79 14.47
C LEU C 260 -9.96 -40.89 13.57
N LEU C 261 -9.29 -40.23 12.63
CA LEU C 261 -9.94 -39.41 11.63
C LEU C 261 -9.79 -40.05 10.25
N LEU C 262 -10.92 -40.53 9.69
CA LEU C 262 -10.99 -41.08 8.35
C LEU C 262 -11.28 -39.92 7.41
N TYR C 263 -10.45 -39.73 6.37
CA TYR C 263 -10.68 -38.58 5.53
C TYR C 263 -10.52 -38.94 4.04
N ASN C 264 -10.83 -37.96 3.18
CA ASN C 264 -10.82 -38.06 1.73
C ASN C 264 -9.68 -37.25 1.11
N GLY C 265 -8.81 -37.95 0.42
CA GLY C 265 -7.68 -37.33 -0.26
C GLY C 265 -7.91 -37.20 -1.75
N LYS C 266 -7.73 -36.01 -2.33
CA LYS C 266 -7.81 -35.82 -3.78
C LYS C 266 -6.39 -35.78 -4.34
N ASN C 267 -6.14 -36.59 -5.37
CA ASN C 267 -4.82 -36.72 -5.95
C ASN C 267 -4.58 -35.69 -7.05
N LYS C 268 -3.42 -35.02 -7.03
CA LYS C 268 -3.04 -34.16 -8.15
C LYS C 268 -2.59 -34.99 -9.36
N SER C 269 -2.61 -34.38 -10.52
CA SER C 269 -2.11 -34.96 -11.76
C SER C 269 -0.56 -34.98 -11.76
N GLY C 270 0.02 -35.93 -12.50
CA GLY C 270 1.47 -35.99 -12.69
C GLY C 270 2.31 -36.21 -11.46
N ALA C 271 3.54 -35.66 -11.47
CA ALA C 271 4.56 -35.80 -10.42
C ALA C 271 4.18 -35.10 -9.13
N GLU C 272 3.21 -34.15 -9.15
CA GLU C 272 2.76 -33.45 -7.95
C GLU C 272 1.85 -34.36 -7.09
N GLY C 273 1.28 -35.38 -7.73
CA GLY C 273 0.47 -36.37 -7.06
C GLY C 273 1.15 -37.73 -7.01
N ASP C 274 0.42 -38.75 -6.60
CA ASP C 274 0.92 -40.13 -6.59
C ASP C 274 0.40 -40.83 -7.85
N THR C 275 1.30 -41.13 -8.79
CA THR C 275 0.98 -41.73 -10.10
C THR C 275 0.32 -43.16 -9.98
N LEU C 276 0.46 -43.83 -8.80
N LEU C 276 0.45 -43.83 -8.80
CA LEU C 276 -0.12 -45.15 -8.51
CA LEU C 276 -0.12 -45.15 -8.50
C LEU C 276 -1.64 -45.08 -8.40
C LEU C 276 -1.65 -45.08 -8.38
N TYR C 277 -2.21 -43.86 -8.23
CA TYR C 277 -3.66 -43.62 -8.09
C TYR C 277 -4.10 -42.66 -9.19
N THR C 278 -5.37 -42.77 -9.61
CA THR C 278 -5.90 -41.98 -10.73
C THR C 278 -5.84 -40.50 -10.41
N ALA C 279 -5.42 -39.71 -11.39
CA ALA C 279 -5.31 -38.27 -11.28
C ALA C 279 -6.68 -37.68 -11.01
N ASN C 280 -6.76 -36.75 -10.04
CA ASN C 280 -7.99 -36.01 -9.62
C ASN C 280 -9.01 -36.95 -8.93
N SER C 281 -8.66 -38.23 -8.70
CA SER C 281 -9.57 -39.13 -7.97
C SER C 281 -9.47 -38.91 -6.46
N TYR C 282 -10.55 -39.25 -5.73
CA TYR C 282 -10.61 -39.21 -4.27
C TYR C 282 -10.43 -40.62 -3.69
N CYS C 283 -9.33 -40.83 -2.96
CA CYS C 283 -8.99 -42.07 -2.24
C CYS C 283 -8.98 -41.76 -0.76
N ALA C 284 -9.45 -42.70 0.08
CA ALA C 284 -9.62 -42.46 1.50
C ALA C 284 -8.34 -42.77 2.32
N GLY C 285 -8.03 -41.88 3.26
CA GLY C 285 -6.90 -42.02 4.16
C GLY C 285 -7.32 -41.98 5.62
N GLN C 286 -6.35 -42.11 6.52
CA GLN C 286 -6.60 -42.09 7.96
C GLN C 286 -5.47 -41.39 8.70
N ALA C 287 -5.82 -40.68 9.76
CA ALA C 287 -4.89 -39.97 10.63
C ALA C 287 -5.24 -40.28 12.09
N LEU C 288 -4.22 -40.37 12.95
CA LEU C 288 -4.38 -40.67 14.36
C LEU C 288 -3.93 -39.49 15.19
N PHE C 289 -4.83 -39.00 16.06
CA PHE C 289 -4.56 -37.85 16.90
C PHE C 289 -4.53 -38.28 18.36
N ASP C 290 -3.87 -37.47 19.19
CA ASP C 290 -3.78 -37.72 20.62
C ASP C 290 -5.17 -37.56 21.24
N ALA C 291 -5.57 -38.52 22.08
CA ALA C 291 -6.88 -38.54 22.76
C ALA C 291 -7.06 -37.37 23.73
N LYS C 292 -5.97 -36.89 24.35
CA LYS C 292 -6.01 -35.77 25.34
C LYS C 292 -5.85 -34.40 24.66
N ASP C 293 -5.23 -34.36 23.46
CA ASP C 293 -5.03 -33.15 22.65
C ASP C 293 -5.40 -33.49 21.19
N PRO C 294 -6.68 -33.29 20.80
CA PRO C 294 -7.10 -33.63 19.43
C PRO C 294 -6.38 -32.84 18.30
N THR C 295 -5.58 -31.79 18.63
CA THR C 295 -4.83 -31.07 17.61
C THR C 295 -3.45 -31.73 17.36
N LYS C 296 -3.06 -32.73 18.22
CA LYS C 296 -1.75 -33.36 18.15
C LYS C 296 -1.78 -34.65 17.29
N LEU C 297 -1.18 -34.58 16.08
N LEU C 297 -1.18 -34.58 16.08
CA LEU C 297 -1.10 -35.67 15.09
CA LEU C 297 -1.11 -35.65 15.09
C LEU C 297 -0.02 -36.65 15.48
C LEU C 297 -0.02 -36.65 15.50
N ILE C 298 -0.40 -37.94 15.61
CA ILE C 298 0.51 -39.02 15.98
C ILE C 298 1.04 -39.68 14.70
N ASP C 299 0.14 -40.15 13.84
CA ASP C 299 0.53 -40.84 12.62
C ASP C 299 -0.55 -40.65 11.53
N ARG C 300 -0.21 -41.05 10.28
CA ARG C 300 -1.05 -40.87 9.10
C ARG C 300 -0.68 -41.90 8.05
N LEU C 301 -1.65 -42.38 7.27
CA LEU C 301 -1.37 -43.36 6.22
C LEU C 301 -0.71 -42.67 5.03
N ASP C 302 0.34 -43.28 4.46
CA ASP C 302 1.06 -42.72 3.31
C ASP C 302 0.45 -43.23 1.99
N LYS C 303 -0.42 -44.22 2.10
CA LYS C 303 -1.17 -44.85 1.03
C LYS C 303 -2.63 -44.93 1.44
N PRO C 304 -3.57 -44.77 0.50
CA PRO C 304 -4.99 -44.84 0.88
C PRO C 304 -5.42 -46.26 1.31
N PHE C 305 -6.40 -46.36 2.25
CA PHE C 305 -6.91 -47.66 2.70
C PHE C 305 -8.09 -48.09 1.82
N TYR C 306 -8.73 -47.12 1.14
CA TYR C 306 -9.90 -47.38 0.31
C TYR C 306 -9.79 -46.59 -0.98
N ILE C 307 -10.00 -47.27 -2.12
CA ILE C 307 -9.85 -46.64 -3.44
C ILE C 307 -11.04 -47.02 -4.37
N PRO C 308 -11.35 -46.19 -5.40
CA PRO C 308 -12.40 -46.56 -6.37
C PRO C 308 -12.04 -47.89 -7.08
N GLU C 309 -12.95 -48.88 -7.05
CA GLU C 309 -12.70 -50.21 -7.60
C GLU C 309 -13.86 -50.64 -8.55
N SER C 310 -15.11 -50.39 -8.15
CA SER C 310 -16.29 -50.68 -8.96
C SER C 310 -16.42 -49.68 -10.08
N ASP C 311 -17.14 -50.06 -11.16
CA ASP C 311 -17.42 -49.15 -12.29
C ASP C 311 -18.14 -47.86 -11.79
N PHE C 312 -19.11 -48.00 -10.87
CA PHE C 312 -19.88 -46.84 -10.36
C PHE C 312 -19.02 -45.95 -9.39
N GLU C 313 -17.84 -46.43 -8.92
CA GLU C 313 -16.92 -45.63 -8.10
C GLU C 313 -15.86 -44.93 -8.98
N LYS C 314 -15.48 -45.55 -10.11
CA LYS C 314 -14.43 -45.04 -10.99
C LYS C 314 -14.96 -43.96 -11.95
N SER C 315 -16.26 -43.95 -12.28
CA SER C 315 -16.83 -42.98 -13.21
C SER C 315 -18.27 -42.64 -12.85
N GLY C 316 -18.62 -41.39 -13.11
CA GLY C 316 -19.95 -40.86 -12.84
C GLY C 316 -19.96 -39.37 -13.05
N GLN C 317 -20.77 -38.64 -12.26
CA GLN C 317 -20.85 -37.18 -12.34
C GLN C 317 -19.46 -36.53 -12.20
N TYR C 318 -18.62 -37.15 -11.32
CA TYR C 318 -17.22 -36.85 -11.09
C TYR C 318 -16.40 -37.91 -11.87
N PRO C 319 -15.99 -37.61 -13.14
CA PRO C 319 -15.39 -38.64 -14.03
C PRO C 319 -14.07 -39.24 -13.54
N ALA C 320 -13.29 -38.55 -12.68
CA ALA C 320 -12.01 -39.12 -12.18
C ALA C 320 -12.27 -40.15 -11.07
N GLY C 321 -13.51 -40.21 -10.57
CA GLY C 321 -13.96 -41.19 -9.58
C GLY C 321 -13.72 -40.82 -8.14
N THR C 322 -14.56 -41.37 -7.24
CA THR C 322 -14.48 -41.15 -5.80
C THR C 322 -14.94 -42.32 -5.01
N VAL C 323 -14.51 -42.33 -3.77
CA VAL C 323 -14.95 -43.15 -2.68
C VAL C 323 -14.98 -42.16 -1.56
N PHE C 324 -15.96 -41.23 -1.65
CA PHE C 324 -16.08 -40.10 -0.74
C PHE C 324 -16.80 -40.57 0.52
N ILE C 325 -16.00 -41.07 1.49
CA ILE C 325 -16.42 -41.61 2.78
C ILE C 325 -16.94 -40.48 3.63
N GLU C 326 -18.10 -40.70 4.27
CA GLU C 326 -18.78 -39.62 4.98
C GLU C 326 -19.71 -40.11 6.12
N GLY C 327 -20.09 -41.38 6.10
CA GLY C 327 -20.93 -41.98 7.14
C GLY C 327 -20.22 -43.17 7.76
N LEU C 328 -20.32 -43.32 9.11
CA LEU C 328 -19.66 -44.44 9.83
C LEU C 328 -20.49 -44.81 11.03
N VAL C 329 -20.95 -46.07 11.10
CA VAL C 329 -21.79 -46.51 12.22
C VAL C 329 -21.31 -47.86 12.75
N PHE C 330 -21.55 -48.09 14.05
CA PHE C 330 -21.23 -49.34 14.71
C PHE C 330 -22.55 -50.04 14.98
N HIS C 331 -22.78 -51.15 14.26
CA HIS C 331 -24.05 -51.83 14.29
C HIS C 331 -23.85 -53.34 14.27
N ASN C 332 -24.42 -54.01 15.26
CA ASN C 332 -24.35 -55.46 15.46
C ASN C 332 -22.88 -55.94 15.36
N GLN C 333 -22.01 -55.28 16.14
CA GLN C 333 -20.59 -55.57 16.35
C GLN C 333 -19.71 -55.44 15.07
N LYS C 334 -20.12 -54.63 14.10
CA LYS C 334 -19.33 -54.32 12.90
C LYS C 334 -19.42 -52.84 12.60
N TRP C 335 -18.43 -52.30 11.86
CA TRP C 335 -18.40 -50.92 11.42
C TRP C 335 -18.80 -50.84 9.95
N TYR C 336 -19.79 -49.97 9.66
CA TYR C 336 -20.32 -49.77 8.33
C TYR C 336 -19.94 -48.38 7.87
N LEU C 337 -19.19 -48.30 6.76
CA LEU C 337 -18.70 -47.08 6.16
C LEU C 337 -19.50 -46.77 4.90
N TYR C 338 -20.20 -45.62 4.90
CA TYR C 338 -21.05 -45.21 3.79
C TYR C 338 -20.37 -44.11 3.01
N TYR C 339 -20.41 -44.23 1.69
CA TYR C 339 -19.65 -43.30 0.85
C TYR C 339 -20.32 -43.03 -0.49
N GLY C 340 -19.97 -41.89 -1.05
CA GLY C 340 -20.42 -41.47 -2.38
C GLY C 340 -19.51 -42.07 -3.41
N CYS C 341 -20.08 -42.49 -4.56
CA CYS C 341 -19.40 -43.16 -5.67
C CYS C 341 -19.44 -42.29 -6.89
N ALA C 342 -18.30 -41.65 -7.22
CA ALA C 342 -18.09 -40.73 -8.35
C ALA C 342 -19.23 -39.68 -8.45
N ASP C 343 -19.70 -39.17 -7.30
CA ASP C 343 -20.79 -38.19 -7.12
C ASP C 343 -22.11 -38.66 -7.79
N SER C 344 -22.38 -39.99 -7.78
CA SER C 344 -23.56 -40.54 -8.43
C SER C 344 -24.31 -41.57 -7.61
N ARG C 345 -23.60 -42.44 -6.86
CA ARG C 345 -24.22 -43.54 -6.10
C ARG C 345 -23.78 -43.50 -4.63
N VAL C 346 -24.47 -44.28 -3.79
CA VAL C 346 -24.13 -44.49 -2.37
C VAL C 346 -23.75 -45.95 -2.21
N ALA C 347 -22.65 -46.22 -1.51
CA ALA C 347 -22.22 -47.59 -1.28
C ALA C 347 -21.77 -47.78 0.15
N VAL C 348 -21.60 -49.05 0.60
CA VAL C 348 -21.18 -49.40 1.94
C VAL C 348 -19.98 -50.39 1.85
N ALA C 349 -19.07 -50.28 2.83
CA ALA C 349 -17.94 -51.15 3.12
C ALA C 349 -18.06 -51.58 4.57
N VAL C 350 -17.69 -52.82 4.89
CA VAL C 350 -17.86 -53.34 6.25
C VAL C 350 -16.49 -53.69 6.84
N TYR C 351 -16.28 -53.31 8.10
CA TYR C 351 -15.10 -53.66 8.87
C TYR C 351 -15.54 -54.41 10.13
N ASP C 352 -15.16 -55.69 10.23
CA ASP C 352 -15.42 -56.52 11.40
C ASP C 352 -14.19 -56.45 12.32
N PRO C 353 -14.25 -55.71 13.45
CA PRO C 353 -13.05 -55.60 14.30
C PRO C 353 -12.80 -56.86 15.14
N PHE C 354 -13.71 -57.86 15.07
CA PHE C 354 -13.56 -59.10 15.83
C PHE C 354 -13.42 -60.27 14.84
N LYS C 355 -12.29 -60.28 14.08
CA LYS C 355 -11.91 -61.23 13.02
C LYS C 355 -12.82 -61.05 11.81
N GLU D 8 -0.66 5.35 -28.72
CA GLU D 8 -0.48 3.94 -29.09
C GLU D 8 -0.21 3.12 -27.81
N PHE D 9 0.85 3.42 -27.05
CA PHE D 9 1.04 2.71 -25.77
C PHE D 9 0.45 3.53 -24.59
N PRO D 10 0.05 2.90 -23.45
CA PRO D 10 -0.42 3.70 -22.30
C PRO D 10 0.70 4.60 -21.78
N ASP D 11 0.34 5.77 -21.23
CA ASP D 11 1.29 6.80 -20.78
C ASP D 11 2.25 6.29 -19.65
N TRP D 12 1.93 5.18 -18.92
CA TRP D 12 2.81 4.65 -17.88
C TRP D 12 4.04 3.93 -18.48
N ALA D 13 3.94 3.51 -19.76
CA ALA D 13 4.98 2.73 -20.43
C ALA D 13 6.11 3.59 -20.95
N TRP D 14 7.32 3.02 -20.88
CA TRP D 14 8.56 3.59 -21.42
C TRP D 14 8.79 2.96 -22.78
N ALA D 15 8.00 3.38 -23.76
CA ALA D 15 8.01 2.78 -25.08
C ALA D 15 9.05 3.36 -26.04
N ASP D 16 9.39 4.64 -25.89
CA ASP D 16 10.25 5.38 -26.80
C ASP D 16 11.77 5.05 -26.61
N PHE D 17 12.16 3.75 -26.60
CA PHE D 17 13.58 3.36 -26.62
C PHE D 17 14.04 3.32 -28.06
N GLN D 18 15.06 4.12 -28.40
CA GLN D 18 15.55 4.28 -29.76
C GLN D 18 16.99 3.84 -29.91
N ARG D 19 17.31 3.23 -31.05
CA ARG D 19 18.67 2.79 -31.41
C ARG D 19 19.54 4.00 -31.75
N PRO D 20 20.62 4.26 -30.98
CA PRO D 20 21.51 5.37 -31.34
C PRO D 20 22.31 5.03 -32.62
N GLU D 21 22.49 6.03 -33.50
CA GLU D 21 23.16 5.87 -34.79
C GLU D 21 24.67 5.66 -34.63
N GLY D 22 25.21 4.72 -35.42
CA GLY D 22 26.62 4.35 -35.47
C GLY D 22 27.21 3.78 -34.18
N ILE D 23 26.37 3.23 -33.29
CA ILE D 23 26.81 2.74 -31.98
C ILE D 23 26.76 1.21 -31.88
N ASN D 24 25.69 0.56 -32.37
CA ASN D 24 25.51 -0.88 -32.13
C ASN D 24 26.13 -1.77 -33.23
N PRO D 25 26.66 -2.97 -32.86
CA PRO D 25 26.73 -3.57 -31.50
C PRO D 25 27.84 -2.93 -30.64
N ILE D 26 27.56 -2.73 -29.36
CA ILE D 26 28.51 -2.13 -28.42
C ILE D 26 29.55 -3.20 -27.98
N VAL D 27 29.18 -4.50 -27.96
CA VAL D 27 30.08 -5.62 -27.59
C VAL D 27 29.90 -6.72 -28.62
N SER D 28 31.00 -7.20 -29.18
CA SER D 28 31.05 -8.29 -30.15
C SER D 28 32.12 -9.30 -29.74
N PRO D 29 32.12 -10.57 -30.22
CA PRO D 29 33.19 -11.49 -29.82
C PRO D 29 34.57 -10.99 -30.26
N ASP D 30 35.57 -11.25 -29.41
CA ASP D 30 36.96 -10.92 -29.69
C ASP D 30 37.74 -12.23 -29.60
N THR D 31 38.26 -12.65 -30.76
CA THR D 31 38.99 -13.91 -30.91
C THR D 31 40.47 -13.78 -30.49
N THR D 32 40.97 -12.55 -30.24
CA THR D 32 42.38 -12.32 -29.89
C THR D 32 42.63 -12.29 -28.36
N THR D 33 41.61 -12.00 -27.53
CA THR D 33 41.82 -11.92 -26.07
C THR D 33 41.89 -13.31 -25.44
N VAL D 34 42.69 -13.42 -24.39
CA VAL D 34 42.93 -14.64 -23.61
C VAL D 34 42.96 -14.26 -22.12
N PHE D 35 42.78 -15.25 -21.24
CA PHE D 35 42.93 -15.13 -19.79
C PHE D 35 43.36 -16.48 -19.27
N TYR D 36 44.12 -16.52 -18.17
CA TYR D 36 44.52 -17.81 -17.60
C TYR D 36 43.33 -18.38 -16.79
N CYS D 37 42.64 -19.39 -17.35
CA CYS D 37 41.46 -19.99 -16.68
C CYS D 37 41.92 -20.88 -15.52
N PRO D 38 41.30 -20.75 -14.32
CA PRO D 38 41.70 -21.62 -13.19
C PRO D 38 41.15 -23.06 -13.30
N MSE D 39 40.17 -23.29 -14.19
CA MSE D 39 39.55 -24.58 -14.43
C MSE D 39 40.31 -25.38 -15.52
O MSE D 39 40.58 -26.56 -15.33
CB MSE D 39 38.08 -24.39 -14.85
CG MSE D 39 37.17 -23.74 -13.77
SE MSE D 39 36.82 -24.89 -12.23
CE MSE D 39 34.97 -24.36 -11.79
N ARG D 40 40.67 -24.71 -16.64
CA ARG D 40 41.42 -25.38 -17.71
CA ARG D 40 41.42 -25.31 -17.75
C ARG D 40 42.92 -25.34 -17.42
N GLN D 41 43.38 -24.39 -16.55
CA GLN D 41 44.79 -24.20 -16.14
C GLN D 41 45.61 -23.91 -17.40
N ASP D 42 45.12 -22.92 -18.18
CA ASP D 42 45.67 -22.56 -19.48
C ASP D 42 45.06 -21.27 -19.96
N SER D 43 45.69 -20.60 -20.95
CA SER D 43 45.13 -19.38 -21.54
C SER D 43 43.94 -19.79 -22.42
N VAL D 44 42.79 -19.10 -22.26
CA VAL D 44 41.54 -19.43 -22.96
C VAL D 44 41.01 -18.22 -23.75
N ALA D 45 40.50 -18.45 -25.00
CA ALA D 45 39.85 -17.41 -25.81
C ALA D 45 38.37 -17.32 -25.34
N TRP D 46 38.21 -16.74 -24.14
CA TRP D 46 37.00 -16.72 -23.31
C TRP D 46 35.82 -15.93 -23.93
N GLU D 47 36.04 -15.07 -24.93
CA GLU D 47 34.93 -14.31 -25.56
C GLU D 47 35.01 -14.43 -27.10
N SER D 48 35.58 -15.54 -27.60
CA SER D 48 35.82 -15.70 -29.04
C SER D 48 34.57 -16.13 -29.84
N SER D 49 33.53 -16.74 -29.23
CA SER D 49 32.44 -17.18 -30.10
C SER D 49 31.20 -16.26 -30.00
N ASP D 50 30.77 -15.84 -28.79
CA ASP D 50 29.57 -14.98 -28.64
C ASP D 50 29.63 -14.13 -27.38
N THR D 51 29.11 -12.88 -27.44
CA THR D 51 29.04 -11.91 -26.32
C THR D 51 27.64 -11.34 -26.28
N PHE D 52 26.84 -11.67 -25.27
CA PHE D 52 25.44 -11.25 -25.27
C PHE D 52 24.93 -11.12 -23.82
N ASN D 53 23.58 -11.25 -23.61
CA ASN D 53 22.79 -11.22 -22.36
C ASN D 53 23.55 -10.48 -21.24
N PRO D 54 23.49 -9.13 -21.29
CA PRO D 54 24.31 -8.39 -20.33
C PRO D 54 23.59 -7.81 -19.11
N ALA D 55 24.37 -7.61 -18.06
CA ALA D 55 23.97 -6.82 -16.90
C ALA D 55 24.47 -5.41 -17.11
N ALA D 56 23.87 -4.41 -16.48
CA ALA D 56 24.38 -3.04 -16.57
C ALA D 56 24.16 -2.34 -15.25
N THR D 57 25.12 -1.50 -14.84
CA THR D 57 25.04 -0.73 -13.60
C THR D 57 25.95 0.51 -13.73
N ILE D 58 25.84 1.45 -12.76
CA ILE D 58 26.67 2.65 -12.69
C ILE D 58 27.72 2.41 -11.61
N TYR D 59 29.00 2.60 -11.97
CA TYR D 59 30.11 2.46 -11.04
C TYR D 59 31.09 3.58 -11.28
N ASP D 60 31.32 4.41 -10.25
CA ASP D 60 32.27 5.52 -10.23
C ASP D 60 32.12 6.41 -11.51
N GLY D 61 30.88 6.88 -11.73
CA GLY D 61 30.51 7.78 -12.82
C GLY D 61 30.51 7.19 -14.23
N LYS D 62 30.77 5.89 -14.37
CA LYS D 62 30.76 5.18 -15.66
C LYS D 62 29.67 4.15 -15.72
N VAL D 63 29.13 3.89 -16.93
CA VAL D 63 28.19 2.80 -17.21
C VAL D 63 29.03 1.54 -17.36
N VAL D 64 28.75 0.50 -16.58
CA VAL D 64 29.49 -0.75 -16.67
C VAL D 64 28.53 -1.82 -17.15
N VAL D 65 28.92 -2.52 -18.23
CA VAL D 65 28.14 -3.61 -18.82
C VAL D 65 28.93 -4.89 -18.55
N LEU D 66 28.28 -5.86 -17.86
CA LEU D 66 28.87 -7.17 -17.59
C LEU D 66 28.23 -8.13 -18.58
N TYR D 67 28.95 -8.43 -19.67
CA TYR D 67 28.36 -9.23 -20.76
C TYR D 67 28.71 -10.71 -20.65
N ARG D 68 27.72 -11.54 -20.99
CA ARG D 68 27.88 -12.98 -21.04
C ARG D 68 28.72 -13.33 -22.27
N ALA D 69 29.90 -13.92 -22.04
CA ALA D 69 30.81 -14.30 -23.11
C ALA D 69 30.99 -15.81 -23.16
N GLU D 70 30.92 -16.39 -24.36
CA GLU D 70 31.13 -17.82 -24.57
C GLU D 70 32.44 -18.04 -25.35
N ASP D 71 33.22 -19.05 -24.93
CA ASP D 71 34.50 -19.37 -25.54
C ASP D 71 34.34 -20.37 -26.69
N ASN D 72 35.46 -20.82 -27.23
CA ASN D 72 35.47 -21.79 -28.33
C ASN D 72 35.98 -23.17 -27.81
N SER D 73 35.45 -23.60 -26.62
CA SER D 73 35.79 -24.88 -25.98
CA SER D 73 35.85 -24.87 -26.00
C SER D 73 35.37 -26.06 -26.84
N ALA D 74 34.23 -25.92 -27.54
CA ALA D 74 33.67 -26.96 -28.41
C ALA D 74 32.96 -26.31 -29.60
N VAL D 75 32.59 -27.11 -30.63
CA VAL D 75 31.88 -26.63 -31.81
C VAL D 75 30.39 -26.96 -31.78
N GLY D 76 29.73 -26.70 -30.64
CA GLY D 76 28.31 -26.96 -30.44
C GLY D 76 27.54 -25.93 -29.64
N ILE D 77 26.23 -26.16 -29.47
CA ILE D 77 25.31 -25.31 -28.72
C ILE D 77 25.04 -25.89 -27.32
N GLY D 78 25.58 -25.22 -26.30
CA GLY D 78 25.45 -25.64 -24.90
C GLY D 78 26.61 -26.51 -24.43
N SER D 79 27.70 -26.57 -25.23
CA SER D 79 28.95 -27.30 -24.98
C SER D 79 30.12 -26.32 -24.70
N ARG D 80 29.78 -25.02 -24.47
CA ARG D 80 30.72 -23.91 -24.21
C ARG D 80 30.56 -23.40 -22.77
N THR D 81 31.52 -22.57 -22.29
CA THR D 81 31.55 -22.02 -20.93
C THR D 81 31.21 -20.53 -20.97
N SER D 82 30.29 -20.10 -20.08
CA SER D 82 29.93 -18.68 -19.97
C SER D 82 30.72 -18.03 -18.83
N ARG D 83 31.31 -16.88 -19.14
CA ARG D 83 32.12 -16.01 -18.28
C ARG D 83 31.66 -14.60 -18.52
N LEU D 84 31.85 -13.69 -17.56
CA LEU D 84 31.36 -12.34 -17.76
C LEU D 84 32.49 -11.37 -18.03
N GLY D 85 32.36 -10.67 -19.16
CA GLY D 85 33.29 -9.63 -19.55
C GLY D 85 32.92 -8.31 -18.91
N TYR D 86 33.85 -7.35 -18.89
CA TYR D 86 33.64 -6.04 -18.29
C TYR D 86 33.84 -4.97 -19.35
N ALA D 87 32.78 -4.23 -19.66
CA ALA D 87 32.82 -3.11 -20.59
C ALA D 87 32.40 -1.85 -19.87
N TYR D 88 33.15 -0.75 -20.05
CA TYR D 88 32.86 0.49 -19.33
C TYR D 88 32.76 1.66 -20.30
N SER D 89 31.86 2.60 -19.98
CA SER D 89 31.59 3.77 -20.79
C SER D 89 31.32 5.01 -19.96
N ASP D 90 31.79 6.15 -20.44
CA ASP D 90 31.53 7.46 -19.85
C ASP D 90 30.14 7.99 -20.26
N ASP D 91 29.66 7.68 -21.49
CA ASP D 91 28.39 8.23 -21.98
C ASP D 91 27.26 7.19 -22.06
N GLY D 92 27.60 5.90 -22.00
CA GLY D 92 26.63 4.81 -22.10
C GLY D 92 26.48 4.27 -23.50
N LEU D 93 27.20 4.85 -24.46
CA LEU D 93 27.15 4.48 -25.88
C LEU D 93 28.47 3.87 -26.38
N HIS D 94 29.62 4.50 -26.04
CA HIS D 94 30.90 4.01 -26.50
C HIS D 94 31.58 3.32 -25.36
N PHE D 95 31.92 2.04 -25.57
CA PHE D 95 32.49 1.21 -24.55
C PHE D 95 33.91 0.76 -24.83
N ASN D 96 34.69 0.66 -23.74
CA ASN D 96 36.02 0.07 -23.70
C ASN D 96 35.87 -1.23 -22.97
N ARG D 97 36.77 -2.18 -23.20
CA ARG D 97 36.62 -3.49 -22.60
C ARG D 97 37.88 -3.98 -21.98
N MSE D 98 37.73 -4.71 -20.86
CA MSE D 98 38.81 -5.45 -20.24
C MSE D 98 39.09 -6.66 -21.12
O MSE D 98 38.18 -7.15 -21.79
CB MSE D 98 38.48 -5.82 -18.82
CG MSE D 98 38.59 -4.65 -17.85
SE MSE D 98 38.22 -5.20 -16.03
CE MSE D 98 38.93 -3.68 -15.27
N THR D 99 40.35 -7.11 -21.15
CA THR D 99 40.77 -8.22 -22.00
C THR D 99 40.66 -9.56 -21.23
N VAL D 100 40.18 -9.52 -19.98
CA VAL D 100 39.99 -10.71 -19.14
C VAL D 100 38.56 -10.67 -18.54
N PRO D 101 37.91 -11.83 -18.27
CA PRO D 101 36.60 -11.78 -17.61
C PRO D 101 36.74 -11.41 -16.13
N VAL D 102 35.67 -10.94 -15.49
CA VAL D 102 35.72 -10.57 -14.07
C VAL D 102 34.91 -11.57 -13.21
N PHE D 103 34.10 -12.42 -13.87
CA PHE D 103 33.27 -13.40 -13.18
C PHE D 103 33.22 -14.66 -14.01
N TYR D 104 33.56 -15.79 -13.38
CA TYR D 104 33.70 -17.05 -14.11
C TYR D 104 33.72 -18.25 -13.19
N PRO D 105 33.54 -19.49 -13.70
CA PRO D 105 33.73 -20.66 -12.81
C PRO D 105 35.20 -20.73 -12.35
N ALA D 106 35.41 -20.94 -11.04
CA ALA D 106 36.77 -20.98 -10.47
C ALA D 106 36.91 -22.08 -9.44
N ASP D 107 38.11 -22.20 -8.86
CA ASP D 107 38.37 -23.18 -7.81
C ASP D 107 37.87 -22.56 -6.47
N ASP D 108 36.55 -22.48 -6.34
CA ASP D 108 35.83 -21.88 -5.21
C ASP D 108 34.73 -22.83 -4.71
N ASN D 109 33.91 -22.34 -3.77
CA ASN D 109 32.78 -23.06 -3.16
C ASN D 109 31.63 -23.34 -4.17
N GLN D 110 31.65 -22.75 -5.38
CA GLN D 110 30.56 -22.99 -6.35
C GLN D 110 31.01 -23.84 -7.55
N LYS D 111 32.24 -24.38 -7.51
CA LYS D 111 32.89 -25.16 -8.60
C LYS D 111 31.94 -26.21 -9.17
N GLU D 112 31.42 -27.14 -8.34
CA GLU D 112 30.52 -28.24 -8.70
C GLU D 112 29.23 -27.77 -9.40
N LEU D 113 28.77 -26.55 -9.10
CA LEU D 113 27.52 -26.00 -9.61
C LEU D 113 27.70 -25.17 -10.88
N GLU D 114 28.94 -24.72 -11.13
CA GLU D 114 29.21 -23.84 -12.25
C GLU D 114 30.13 -24.48 -13.30
N TRP D 115 30.75 -25.64 -13.03
CA TRP D 115 31.63 -26.23 -14.04
C TRP D 115 30.88 -27.37 -14.75
N PRO D 116 30.89 -27.42 -16.10
CA PRO D 116 31.65 -26.56 -17.03
C PRO D 116 30.84 -25.44 -17.73
N GLY D 117 29.53 -25.33 -17.51
CA GLY D 117 28.69 -24.35 -18.20
C GLY D 117 28.97 -22.90 -17.90
N GLY D 118 29.44 -22.63 -16.69
CA GLY D 118 29.79 -21.28 -16.24
C GLY D 118 28.65 -20.49 -15.62
N CYS D 119 28.75 -19.17 -15.76
CA CYS D 119 27.91 -18.15 -15.15
C CYS D 119 27.20 -17.35 -16.24
N GLU D 120 25.88 -17.53 -16.32
CA GLU D 120 25.06 -16.96 -17.37
C GLU D 120 24.12 -15.87 -16.90
N ASP D 121 23.67 -15.07 -17.89
CA ASP D 121 22.63 -14.06 -17.88
C ASP D 121 22.54 -13.30 -16.55
N PRO D 122 23.51 -12.39 -16.27
CA PRO D 122 23.43 -11.65 -15.00
C PRO D 122 22.50 -10.44 -15.06
N ARG D 123 22.01 -10.02 -13.88
CA ARG D 123 21.30 -8.79 -13.61
C ARG D 123 21.95 -8.18 -12.42
N VAL D 124 22.34 -6.90 -12.51
CA VAL D 124 23.03 -6.25 -11.38
C VAL D 124 22.22 -5.03 -10.95
N ALA D 125 22.12 -4.84 -9.63
CA ALA D 125 21.56 -3.67 -8.98
C ALA D 125 22.44 -3.34 -7.79
N VAL D 126 22.39 -2.11 -7.28
CA VAL D 126 23.25 -1.74 -6.16
C VAL D 126 22.38 -1.23 -5.00
N THR D 127 22.84 -1.49 -3.78
CA THR D 127 22.20 -0.95 -2.56
C THR D 127 22.61 0.51 -2.39
N GLU D 128 21.92 1.23 -1.52
CA GLU D 128 22.24 2.63 -1.16
C GLU D 128 23.65 2.78 -0.56
N ASP D 129 24.17 1.71 0.08
CA ASP D 129 25.47 1.72 0.74
C ASP D 129 26.61 1.24 -0.21
N GLY D 130 26.29 1.00 -1.49
CA GLY D 130 27.30 0.60 -2.47
C GLY D 130 27.58 -0.87 -2.63
N LEU D 131 26.67 -1.74 -2.22
CA LEU D 131 26.83 -3.18 -2.43
C LEU D 131 26.12 -3.59 -3.73
N TYR D 132 26.89 -4.07 -4.74
CA TYR D 132 26.36 -4.57 -6.00
C TYR D 132 25.88 -6.00 -5.79
N VAL D 133 24.63 -6.27 -6.17
CA VAL D 133 24.02 -7.57 -6.01
C VAL D 133 23.76 -8.11 -7.42
N MSE D 134 24.42 -9.22 -7.73
CA MSE D 134 24.26 -9.88 -9.03
C MSE D 134 23.42 -11.15 -8.91
O MSE D 134 23.69 -11.96 -8.03
CB MSE D 134 25.62 -10.22 -9.64
CG MSE D 134 25.51 -10.95 -10.99
SE MSE D 134 27.12 -11.96 -11.44
CE MSE D 134 28.22 -10.45 -11.74
N LEU D 135 22.43 -11.30 -9.80
CA LEU D 135 21.57 -12.48 -9.92
CA LEU D 135 21.64 -12.53 -9.87
C LEU D 135 21.87 -13.13 -11.25
N TYR D 136 22.43 -14.34 -11.23
CA TYR D 136 22.83 -15.02 -12.45
C TYR D 136 22.46 -16.50 -12.42
N THR D 137 22.64 -17.18 -13.55
CA THR D 137 22.39 -18.62 -13.67
C THR D 137 23.70 -19.40 -13.58
N GLN D 138 23.71 -20.41 -12.70
CA GLN D 138 24.79 -21.39 -12.59
C GLN D 138 24.48 -22.50 -13.53
N TRP D 139 25.46 -22.96 -14.31
CA TRP D 139 25.15 -24.04 -15.26
C TRP D 139 26.28 -25.08 -15.25
N ASN D 140 25.98 -26.31 -14.78
CA ASN D 140 26.98 -27.38 -14.71
C ASN D 140 26.59 -28.51 -15.71
N ARG D 141 25.65 -28.21 -16.61
CA ARG D 141 25.06 -29.04 -17.67
C ARG D 141 24.12 -30.12 -17.07
N LYS D 142 23.91 -30.10 -15.73
CA LYS D 142 23.03 -31.00 -15.01
C LYS D 142 21.86 -30.22 -14.44
N GLN D 143 22.16 -29.16 -13.66
CA GLN D 143 21.17 -28.31 -13.00
C GLN D 143 21.43 -26.82 -13.32
N ALA D 144 20.33 -26.05 -13.54
CA ALA D 144 20.39 -24.60 -13.80
C ALA D 144 19.63 -23.88 -12.71
N ARG D 145 20.34 -23.12 -11.88
CA ARG D 145 19.72 -22.39 -10.76
C ARG D 145 20.18 -20.95 -10.68
N LEU D 146 19.24 -20.10 -10.24
CA LEU D 146 19.42 -18.67 -9.99
C LEU D 146 20.32 -18.52 -8.76
N ALA D 147 21.39 -17.72 -8.87
CA ALA D 147 22.36 -17.62 -7.78
C ALA D 147 22.74 -16.14 -7.48
N VAL D 148 23.33 -15.90 -6.30
CA VAL D 148 23.66 -14.56 -5.87
C VAL D 148 25.18 -14.41 -5.68
N ALA D 149 25.69 -13.24 -6.09
CA ALA D 149 27.07 -12.82 -5.90
C ALA D 149 27.07 -11.35 -5.55
N THR D 150 27.98 -10.91 -4.66
CA THR D 150 28.05 -9.48 -4.33
C THR D 150 29.48 -8.94 -4.53
N SER D 151 29.58 -7.62 -4.72
CA SER D 151 30.84 -6.91 -4.92
C SER D 151 30.67 -5.45 -4.60
N ARG D 152 31.77 -4.76 -4.30
CA ARG D 152 31.79 -3.32 -4.07
C ARG D 152 32.57 -2.58 -5.18
N ASP D 153 33.29 -3.32 -6.05
CA ASP D 153 34.07 -2.72 -7.13
C ASP D 153 33.80 -3.38 -8.51
N LEU D 154 32.95 -4.43 -8.56
CA LEU D 154 32.54 -5.18 -9.77
C LEU D 154 33.69 -6.05 -10.34
N GLN D 155 34.84 -6.11 -9.62
CA GLN D 155 36.02 -6.93 -9.98
C GLN D 155 36.11 -8.15 -9.10
N ILE D 156 36.06 -7.93 -7.76
CA ILE D 156 36.16 -8.95 -6.72
C ILE D 156 34.74 -9.31 -6.28
N TRP D 157 34.31 -10.53 -6.60
CA TRP D 157 32.96 -11.00 -6.28
C TRP D 157 32.95 -12.10 -5.23
N GLU D 158 31.96 -12.01 -4.32
CA GLU D 158 31.74 -13.01 -3.28
CA GLU D 158 31.73 -13.02 -3.29
C GLU D 158 30.49 -13.82 -3.70
N LYS D 159 30.65 -15.14 -3.92
CA LYS D 159 29.57 -16.05 -4.38
C LYS D 159 28.86 -16.67 -3.17
N TYR D 160 27.51 -16.61 -3.16
CA TYR D 160 26.72 -17.11 -2.04
C TYR D 160 25.92 -18.35 -2.39
N GLY D 161 25.95 -18.75 -3.66
CA GLY D 161 25.20 -19.92 -4.13
C GLY D 161 23.78 -19.63 -4.55
N PRO D 162 22.96 -20.71 -4.76
CA PRO D 162 21.55 -20.51 -5.19
C PRO D 162 20.73 -19.65 -4.21
N ALA D 163 19.90 -18.74 -4.79
CA ALA D 163 19.02 -17.77 -4.14
C ALA D 163 17.92 -18.40 -3.31
N PHE D 164 17.33 -19.54 -3.76
CA PHE D 164 16.20 -20.21 -3.06
C PHE D 164 16.64 -21.49 -2.32
N ALA D 165 17.93 -21.63 -1.98
CA ALA D 165 18.46 -22.81 -1.32
C ALA D 165 17.86 -23.03 0.11
N LYS D 166 17.66 -21.94 0.90
CA LYS D 166 17.20 -22.09 2.29
C LYS D 166 15.68 -21.92 2.49
N ALA D 167 14.95 -21.20 1.60
CA ALA D 167 13.49 -20.97 1.71
C ALA D 167 12.70 -22.24 1.98
N TYR D 168 11.74 -22.18 2.94
CA TYR D 168 10.82 -23.25 3.32
C TYR D 168 11.56 -24.59 3.55
N GLY D 169 12.61 -24.54 4.39
CA GLY D 169 13.44 -25.68 4.74
C GLY D 169 14.16 -26.37 3.59
N GLY D 170 14.47 -25.61 2.54
CA GLY D 170 15.17 -26.07 1.34
C GLY D 170 14.33 -26.82 0.33
N ARG D 171 13.02 -26.52 0.30
CA ARG D 171 12.02 -27.11 -0.60
C ARG D 171 12.36 -26.87 -2.09
N PHE D 172 12.91 -25.67 -2.44
CA PHE D 172 13.22 -25.32 -3.84
C PHE D 172 14.72 -25.37 -4.11
N PHE D 173 15.43 -26.20 -3.32
CA PHE D 173 16.85 -26.43 -3.42
C PHE D 173 17.22 -26.88 -4.83
N ASP D 174 16.44 -27.85 -5.39
CA ASP D 174 16.66 -28.45 -6.70
C ASP D 174 15.74 -27.84 -7.78
N GLU D 175 15.09 -26.70 -7.47
CA GLU D 175 14.15 -26.06 -8.40
C GLU D 175 14.89 -25.33 -9.55
N PHE D 176 14.43 -25.54 -10.79
CA PHE D 176 14.92 -24.83 -11.96
C PHE D 176 14.60 -23.35 -11.78
N SER D 177 15.61 -22.47 -11.94
CA SER D 177 15.40 -21.04 -11.76
C SER D 177 16.44 -20.24 -12.52
N LYS D 178 16.02 -19.07 -12.98
CA LYS D 178 16.84 -18.09 -13.72
C LYS D 178 16.03 -16.80 -13.90
N SER D 179 16.70 -15.75 -14.43
CA SER D 179 16.17 -14.45 -14.87
C SER D 179 15.43 -13.69 -13.76
N ALA D 180 16.18 -12.96 -12.92
CA ALA D 180 15.61 -12.23 -11.79
C ALA D 180 15.76 -10.71 -11.93
N SER D 181 14.66 -10.02 -11.64
CA SER D 181 14.53 -8.57 -11.69
C SER D 181 14.25 -8.00 -10.30
N ILE D 182 15.31 -7.51 -9.61
CA ILE D 182 15.20 -6.86 -8.29
C ILE D 182 14.46 -5.52 -8.46
N VAL D 183 13.59 -5.13 -7.48
CA VAL D 183 12.88 -3.85 -7.49
C VAL D 183 13.87 -2.75 -7.05
N THR D 184 14.02 -1.76 -7.90
CA THR D 184 14.88 -0.59 -7.66
C THR D 184 14.06 0.70 -7.72
N LYS D 185 14.65 1.79 -7.23
CA LYS D 185 14.04 3.10 -7.30
C LYS D 185 15.13 4.15 -7.45
N LEU D 186 14.76 5.38 -7.88
CA LEU D 186 15.73 6.48 -7.91
C LEU D 186 15.74 7.20 -6.56
N VAL D 187 16.92 7.36 -6.00
CA VAL D 187 17.19 8.12 -4.77
C VAL D 187 18.32 9.04 -5.12
N ASP D 188 18.05 10.37 -5.12
CA ASP D 188 19.00 11.43 -5.46
C ASP D 188 19.60 11.19 -6.87
N GLY D 189 18.74 10.74 -7.82
CA GLY D 189 19.10 10.47 -9.21
C GLY D 189 19.88 9.18 -9.43
N LYS D 190 20.11 8.44 -8.33
CA LYS D 190 20.85 7.19 -8.39
C LYS D 190 19.86 6.03 -8.20
N GLN D 191 20.00 5.02 -9.04
CA GLN D 191 19.14 3.85 -9.02
C GLN D 191 19.66 2.86 -8.00
N VAL D 192 18.87 2.64 -6.94
CA VAL D 192 19.26 1.79 -5.83
C VAL D 192 18.18 0.73 -5.56
N ILE D 193 18.58 -0.37 -4.89
CA ILE D 193 17.67 -1.44 -4.47
C ILE D 193 16.66 -0.84 -3.47
N ALA D 194 15.35 -1.00 -3.74
CA ALA D 194 14.26 -0.47 -2.92
C ALA D 194 13.79 -1.47 -1.84
N LYS D 195 13.45 -0.94 -0.67
CA LYS D 195 12.92 -1.70 0.45
C LYS D 195 11.45 -1.32 0.63
N ILE D 196 10.54 -2.31 0.51
CA ILE D 196 9.08 -2.14 0.63
C ILE D 196 8.62 -3.12 1.72
N ASP D 197 7.84 -2.62 2.72
CA ASP D 197 7.34 -3.40 3.87
C ASP D 197 8.47 -4.13 4.59
N GLY D 198 9.62 -3.46 4.75
CA GLY D 198 10.80 -4.00 5.43
C GLY D 198 11.49 -5.16 4.72
N LYS D 199 11.16 -5.36 3.43
CA LYS D 199 11.72 -6.43 2.61
C LYS D 199 12.28 -5.92 1.27
N TYR D 200 13.12 -6.73 0.67
CA TYR D 200 13.63 -6.58 -0.69
C TYR D 200 12.76 -7.44 -1.57
N TRP D 201 12.54 -7.02 -2.83
CA TRP D 201 11.62 -7.71 -3.73
C TRP D 201 12.24 -7.99 -5.08
N MSE D 202 11.79 -9.06 -5.75
CA MSE D 202 12.26 -9.37 -7.10
C MSE D 202 11.24 -10.19 -7.85
O MSE D 202 10.54 -11.02 -7.25
CB MSE D 202 13.65 -10.10 -7.12
CG MSE D 202 13.60 -11.60 -6.81
SE MSE D 202 15.35 -12.47 -6.94
CE MSE D 202 14.68 -14.06 -6.69
N TYR D 203 11.16 -9.93 -9.15
CA TYR D 203 10.40 -10.68 -10.16
C TYR D 203 11.37 -11.67 -10.76
N TRP D 204 10.99 -12.93 -10.89
CA TRP D 204 11.92 -13.90 -11.48
C TRP D 204 11.12 -14.92 -12.26
N GLY D 205 11.77 -15.54 -13.23
CA GLY D 205 11.13 -16.57 -14.02
C GLY D 205 11.33 -16.47 -15.51
N GLU D 206 11.05 -17.58 -16.19
CA GLU D 206 11.16 -17.77 -17.63
C GLU D 206 9.77 -18.16 -18.21
N LYS D 207 9.18 -19.25 -17.71
CA LYS D 207 7.88 -19.76 -18.14
C LYS D 207 6.70 -18.98 -17.52
N PHE D 208 6.94 -18.23 -16.44
CA PHE D 208 5.97 -17.39 -15.73
C PHE D 208 6.77 -16.51 -14.79
N VAL D 209 6.13 -15.47 -14.22
CA VAL D 209 6.81 -14.58 -13.32
C VAL D 209 6.28 -14.82 -11.91
N ASN D 210 7.21 -15.13 -10.99
CA ASN D 210 6.94 -15.27 -9.57
C ASN D 210 7.54 -14.04 -8.86
N VAL D 211 7.09 -13.75 -7.65
CA VAL D 211 7.64 -12.66 -6.84
C VAL D 211 8.32 -13.29 -5.63
N ALA D 212 9.57 -12.93 -5.37
CA ALA D 212 10.32 -13.41 -4.20
C ALA D 212 10.73 -12.24 -3.34
N THR D 213 10.89 -12.47 -2.04
CA THR D 213 11.30 -11.44 -1.09
C THR D 213 12.55 -11.91 -0.31
N SER D 214 13.27 -10.93 0.25
CA SER D 214 14.48 -11.18 1.04
C SER D 214 14.62 -10.10 2.12
N THR D 215 15.36 -10.43 3.19
CA THR D 215 15.67 -9.45 4.23
C THR D 215 17.19 -9.20 4.23
N ASP D 216 17.96 -9.95 3.42
CA ASP D 216 19.41 -9.82 3.41
C ASP D 216 20.01 -9.77 1.98
N LEU D 217 19.18 -9.85 0.90
CA LEU D 217 19.56 -9.79 -0.53
C LEU D 217 20.29 -11.04 -1.03
N ILE D 218 20.55 -12.01 -0.15
CA ILE D 218 21.27 -13.25 -0.46
C ILE D 218 20.29 -14.43 -0.49
N ASN D 219 19.48 -14.57 0.57
CA ASN D 219 18.49 -15.63 0.74
C ASN D 219 17.13 -15.10 0.36
N TRP D 220 16.58 -15.63 -0.75
CA TRP D 220 15.31 -15.22 -1.33
C TRP D 220 14.25 -16.29 -1.09
N GLU D 221 13.03 -15.83 -0.84
CA GLU D 221 11.90 -16.69 -0.54
C GLU D 221 10.77 -16.51 -1.59
N PRO D 222 10.56 -17.48 -2.51
CA PRO D 222 9.46 -17.36 -3.48
C PRO D 222 8.09 -17.26 -2.79
N MSE D 223 7.22 -16.35 -3.26
CA MSE D 223 5.90 -16.20 -2.68
C MSE D 223 4.99 -17.28 -3.20
O MSE D 223 5.00 -17.59 -4.40
CB MSE D 223 5.31 -14.83 -2.94
CG MSE D 223 6.02 -13.75 -2.19
SE MSE D 223 5.23 -12.02 -2.37
CE MSE D 223 3.51 -12.36 -1.51
N LEU D 224 4.24 -17.87 -2.28
CA LEU D 224 3.35 -18.98 -2.56
C LEU D 224 1.90 -18.62 -2.39
N ASP D 225 1.01 -19.29 -3.13
CA ASP D 225 -0.45 -19.09 -2.99
C ASP D 225 -0.94 -19.92 -1.78
N GLU D 226 -2.27 -19.92 -1.52
CA GLU D 226 -2.92 -20.65 -0.41
C GLU D 226 -2.63 -22.15 -0.44
N LYS D 227 -2.41 -22.74 -1.64
CA LYS D 227 -2.12 -24.16 -1.85
C LYS D 227 -0.60 -24.49 -1.71
N GLY D 228 0.24 -23.47 -1.54
CA GLY D 228 1.68 -23.65 -1.43
C GLY D 228 2.44 -23.69 -2.75
N ASP D 229 1.74 -23.36 -3.85
CA ASP D 229 2.30 -23.31 -5.19
C ASP D 229 2.83 -21.93 -5.48
N PHE D 230 3.79 -21.77 -6.43
CA PHE D 230 4.28 -20.43 -6.75
C PHE D 230 3.18 -19.47 -7.14
N LEU D 231 3.27 -18.24 -6.65
CA LEU D 231 2.38 -17.18 -7.05
C LEU D 231 2.82 -16.74 -8.45
N LYS D 232 1.90 -16.80 -9.42
CA LYS D 232 2.20 -16.42 -10.81
C LYS D 232 1.55 -15.05 -11.10
N VAL D 233 2.35 -13.98 -11.09
CA VAL D 233 1.80 -12.63 -11.23
C VAL D 233 1.67 -12.27 -12.72
N ILE D 234 2.42 -12.97 -13.58
CA ILE D 234 2.42 -12.85 -15.05
C ILE D 234 2.61 -14.25 -15.61
N THR D 235 1.77 -14.61 -16.57
CA THR D 235 1.85 -15.89 -17.28
C THR D 235 1.76 -15.63 -18.78
N PRO D 236 2.30 -16.53 -19.64
CA PRO D 236 2.15 -16.33 -21.09
C PRO D 236 0.69 -16.22 -21.51
N ARG D 237 0.44 -15.41 -22.55
CA ARG D 237 -0.91 -15.17 -23.07
C ARG D 237 -1.05 -15.67 -24.49
N GLU D 238 -1.95 -16.63 -24.71
CA GLU D 238 -2.22 -17.23 -26.02
C GLU D 238 -2.64 -16.11 -26.99
N GLY D 239 -2.10 -16.15 -28.22
CA GLY D 239 -2.38 -15.16 -29.25
C GLY D 239 -1.63 -13.84 -29.13
N LYS D 240 -0.76 -13.70 -28.10
CA LYS D 240 0.08 -12.52 -27.88
C LYS D 240 1.56 -12.83 -28.13
N PHE D 241 2.41 -11.78 -28.25
CA PHE D 241 3.86 -11.92 -28.46
C PHE D 241 4.54 -12.72 -27.33
N ASP D 242 3.98 -12.68 -26.10
CA ASP D 242 4.52 -13.38 -24.93
C ASP D 242 3.71 -14.66 -24.67
N SER D 243 3.36 -15.39 -25.75
CA SER D 243 2.52 -16.60 -25.72
C SER D 243 3.30 -17.86 -25.29
N ASP D 244 4.64 -17.89 -25.40
CA ASP D 244 5.42 -19.07 -24.98
C ASP D 244 6.10 -18.79 -23.65
N LEU D 245 6.83 -17.67 -23.54
CA LEU D 245 7.55 -17.30 -22.32
C LEU D 245 7.31 -15.86 -21.95
N THR D 246 7.34 -15.60 -20.63
CA THR D 246 7.31 -14.30 -19.96
C THR D 246 8.51 -14.28 -19.03
N GLU D 247 9.66 -13.97 -19.60
CA GLU D 247 10.92 -14.01 -18.90
C GLU D 247 11.33 -12.60 -18.51
N CYS D 248 11.70 -12.42 -17.23
CA CYS D 248 12.10 -11.14 -16.65
C CYS D 248 13.33 -10.58 -17.36
N GLY D 249 13.31 -9.27 -17.53
CA GLY D 249 14.38 -8.54 -18.17
C GLY D 249 15.34 -7.95 -17.16
N PRO D 250 15.58 -6.62 -17.26
CA PRO D 250 16.49 -5.98 -16.30
C PRO D 250 15.83 -5.80 -14.92
N PRO D 251 16.54 -5.29 -13.89
CA PRO D 251 15.87 -4.96 -12.63
C PRO D 251 14.62 -4.08 -12.83
N ALA D 252 13.56 -4.30 -12.00
CA ALA D 252 12.34 -3.50 -12.04
C ALA D 252 12.62 -2.11 -11.50
N ILE D 253 11.88 -1.10 -11.97
CA ILE D 253 12.09 0.29 -11.55
C ILE D 253 10.76 0.93 -11.10
N MSE D 254 10.80 1.56 -9.91
CA MSE D 254 9.64 2.26 -9.35
CA MSE D 254 9.70 2.29 -9.30
C MSE D 254 9.46 3.59 -10.08
O MSE D 254 10.41 4.36 -10.28
CB MSE D 254 9.77 2.46 -7.84
CB MSE D 254 10.03 2.58 -7.82
CG MSE D 254 9.75 1.15 -7.04
CG MSE D 254 9.03 3.50 -7.12
SE MSE D 254 9.84 1.43 -5.12
SE MSE D 254 7.33 2.65 -6.87
CE MSE D 254 8.22 2.40 -4.86
CE MSE D 254 7.84 1.40 -5.41
N THR D 255 8.22 3.85 -10.53
CA THR D 255 7.86 5.09 -11.26
C THR D 255 6.74 5.80 -10.48
N ASP D 256 6.26 6.97 -10.97
CA ASP D 256 5.16 7.71 -10.34
C ASP D 256 3.83 6.91 -10.43
N LYS D 257 3.73 5.96 -11.38
CA LYS D 257 2.52 5.15 -11.63
C LYS D 257 2.56 3.76 -10.96
N GLY D 258 3.72 3.35 -10.49
CA GLY D 258 3.90 2.04 -9.90
C GLY D 258 5.22 1.43 -10.31
N ILE D 259 5.41 0.12 -10.02
CA ILE D 259 6.63 -0.60 -10.32
C ILE D 259 6.60 -1.06 -11.77
N LEU D 260 7.57 -0.60 -12.57
CA LEU D 260 7.65 -0.96 -13.96
C LEU D 260 8.59 -2.18 -14.15
N LEU D 261 8.04 -3.26 -14.74
CA LEU D 261 8.81 -4.46 -15.03
C LEU D 261 8.91 -4.61 -16.55
N LEU D 262 10.12 -4.47 -17.08
CA LEU D 262 10.43 -4.68 -18.50
C LEU D 262 10.80 -6.14 -18.66
N TYR D 263 10.12 -6.88 -19.55
CA TYR D 263 10.42 -8.30 -19.65
C TYR D 263 10.50 -8.75 -21.12
N ASN D 264 10.92 -10.01 -21.32
CA ASN D 264 11.14 -10.68 -22.59
C ASN D 264 10.05 -11.71 -22.88
N GLY D 265 9.31 -11.46 -23.95
CA GLY D 265 8.23 -12.33 -24.38
C GLY D 265 8.66 -13.17 -25.54
N LYS D 266 8.57 -14.50 -25.40
CA LYS D 266 8.88 -15.41 -26.50
C LYS D 266 7.54 -15.81 -27.12
N ASN D 267 7.48 -15.71 -28.45
CA ASN D 267 6.26 -15.97 -29.21
C ASN D 267 6.13 -17.42 -29.65
N LYS D 268 4.92 -17.97 -29.54
N LYS D 268 4.92 -17.98 -29.53
CA LYS D 268 4.57 -19.30 -30.03
CA LYS D 268 4.62 -19.33 -30.02
C LYS D 268 4.38 -19.29 -31.55
C LYS D 268 4.38 -19.30 -31.54
N SER D 269 4.48 -20.45 -32.19
CA SER D 269 4.25 -20.61 -33.64
C SER D 269 2.74 -20.63 -33.94
N GLY D 270 2.38 -20.23 -35.15
CA GLY D 270 0.99 -20.28 -35.59
C GLY D 270 -0.03 -19.48 -34.81
N ALA D 271 -1.26 -19.99 -34.73
CA ALA D 271 -2.43 -19.37 -34.11
C ALA D 271 -2.31 -19.26 -32.59
N GLU D 272 -1.43 -20.06 -31.95
CA GLU D 272 -1.22 -20.01 -30.50
C GLU D 272 -0.39 -18.76 -30.10
N GLY D 273 0.34 -18.22 -31.06
CA GLY D 273 1.12 -17.01 -30.86
C GLY D 273 0.53 -15.85 -31.64
N ASP D 274 1.27 -14.74 -31.68
CA ASP D 274 0.87 -13.57 -32.47
C ASP D 274 1.66 -13.62 -33.79
N THR D 275 0.96 -13.92 -34.92
CA THR D 275 1.60 -14.06 -36.25
C THR D 275 2.22 -12.73 -36.77
N LEU D 276 1.94 -11.57 -36.11
CA LEU D 276 2.52 -10.26 -36.45
C LEU D 276 4.03 -10.23 -36.09
N TYR D 277 4.48 -11.14 -35.19
CA TYR D 277 5.85 -11.22 -34.71
C TYR D 277 6.42 -12.59 -35.05
N THR D 278 7.76 -12.69 -35.20
CA THR D 278 8.44 -13.92 -35.61
C THR D 278 8.16 -15.05 -34.62
N ALA D 279 7.85 -16.25 -35.16
CA ALA D 279 7.60 -17.44 -34.35
C ALA D 279 8.87 -17.83 -33.63
N ASN D 280 8.76 -18.16 -32.33
CA ASN D 280 9.82 -18.61 -31.42
C ASN D 280 10.89 -17.53 -31.16
N SER D 281 10.57 -16.26 -31.34
N SER D 281 10.59 -16.24 -31.38
CA SER D 281 11.53 -15.19 -31.13
CA SER D 281 11.57 -15.19 -31.11
C SER D 281 11.10 -14.32 -29.94
C SER D 281 11.13 -14.37 -29.90
N TYR D 282 12.02 -13.52 -29.40
CA TYR D 282 11.77 -12.62 -28.28
C TYR D 282 11.54 -11.19 -28.73
N CYS D 283 10.49 -10.58 -28.16
CA CYS D 283 10.10 -9.18 -28.24
C CYS D 283 9.87 -8.71 -26.83
N ALA D 284 10.27 -7.48 -26.51
CA ALA D 284 10.19 -6.97 -25.14
C ALA D 284 8.82 -6.34 -24.82
N GLY D 285 8.32 -6.64 -23.63
CA GLY D 285 7.06 -6.12 -23.10
C GLY D 285 7.25 -5.40 -21.78
N GLN D 286 6.16 -4.84 -21.25
CA GLN D 286 6.18 -4.14 -19.97
C GLN D 286 4.91 -4.42 -19.19
N ALA D 287 5.05 -4.48 -17.87
CA ALA D 287 3.97 -4.65 -16.92
C ALA D 287 4.11 -3.63 -15.81
N LEU D 288 2.98 -3.14 -15.29
CA LEU D 288 2.96 -2.15 -14.22
C LEU D 288 2.33 -2.76 -12.98
N PHE D 289 3.06 -2.71 -11.86
CA PHE D 289 2.59 -3.28 -10.59
C PHE D 289 2.39 -2.18 -9.57
N ASP D 290 1.54 -2.46 -8.57
CA ASP D 290 1.28 -1.52 -7.47
C ASP D 290 2.55 -1.32 -6.65
N ALA D 291 2.88 -0.06 -6.35
CA ALA D 291 4.06 0.34 -5.58
C ALA D 291 4.02 -0.18 -4.13
N LYS D 292 2.83 -0.31 -3.52
CA LYS D 292 2.67 -0.77 -2.12
C LYS D 292 2.53 -2.31 -2.04
N ASP D 293 2.06 -2.95 -3.13
CA ASP D 293 1.93 -4.41 -3.26
C ASP D 293 2.52 -4.84 -4.62
N PRO D 294 3.84 -5.17 -4.65
CA PRO D 294 4.49 -5.54 -5.93
C PRO D 294 3.90 -6.79 -6.60
N THR D 295 3.00 -7.54 -5.95
CA THR D 295 2.38 -8.72 -6.57
C THR D 295 1.09 -8.32 -7.33
N LYS D 296 0.62 -7.07 -7.14
CA LYS D 296 -0.64 -6.58 -7.73
C LYS D 296 -0.40 -5.89 -9.09
N LEU D 297 -0.81 -6.57 -10.16
CA LEU D 297 -0.69 -6.09 -11.54
C LEU D 297 -1.75 -5.01 -11.82
N ILE D 298 -1.30 -3.86 -12.35
CA ILE D 298 -2.20 -2.76 -12.71
C ILE D 298 -2.52 -2.84 -14.20
N ASP D 299 -1.49 -2.93 -15.05
CA ASP D 299 -1.67 -3.00 -16.50
C ASP D 299 -0.45 -3.68 -17.15
N ARG D 300 -0.58 -4.03 -18.45
CA ARG D 300 0.43 -4.75 -19.22
C ARG D 300 0.29 -4.41 -20.70
N LEU D 301 1.41 -4.38 -21.45
CA LEU D 301 1.36 -4.07 -22.89
C LEU D 301 0.85 -5.29 -23.65
N ASP D 302 -0.06 -5.09 -24.61
CA ASP D 302 -0.64 -6.18 -25.42
C ASP D 302 0.18 -6.37 -26.70
N LYS D 303 1.08 -5.43 -26.95
CA LYS D 303 2.01 -5.43 -28.08
C LYS D 303 3.40 -5.10 -27.54
N PRO D 304 4.48 -5.68 -28.12
CA PRO D 304 5.82 -5.39 -27.60
C PRO D 304 6.24 -3.94 -27.86
N PHE D 305 7.09 -3.36 -26.97
CA PHE D 305 7.59 -1.99 -27.18
C PHE D 305 8.91 -2.02 -27.94
N TYR D 306 9.61 -3.17 -27.93
CA TYR D 306 10.89 -3.31 -28.59
C TYR D 306 10.93 -4.64 -29.33
N ILE D 307 11.30 -4.58 -30.63
CA ILE D 307 11.29 -5.78 -31.48
C ILE D 307 12.58 -5.86 -32.32
N PRO D 308 13.01 -7.07 -32.75
CA PRO D 308 14.22 -7.15 -33.60
C PRO D 308 14.00 -6.41 -34.93
N GLU D 309 14.92 -5.52 -35.27
CA GLU D 309 14.80 -4.65 -36.45
C GLU D 309 16.09 -4.63 -37.30
N SER D 310 17.24 -4.60 -36.62
CA SER D 310 18.53 -4.40 -37.22
C SER D 310 19.26 -5.69 -37.59
N ASP D 311 20.18 -5.55 -38.54
CA ASP D 311 21.02 -6.64 -39.03
C ASP D 311 21.81 -7.27 -37.87
N PHE D 312 22.35 -6.44 -36.93
CA PHE D 312 23.12 -6.95 -35.79
C PHE D 312 22.22 -7.71 -34.80
N GLU D 313 20.88 -7.71 -34.98
CA GLU D 313 19.96 -8.45 -34.09
C GLU D 313 19.54 -9.76 -34.75
N LYS D 314 20.05 -9.97 -35.96
CA LYS D 314 19.79 -11.13 -36.78
C LYS D 314 21.03 -11.99 -36.94
N SER D 315 20.83 -13.32 -37.09
CA SER D 315 21.89 -14.30 -37.34
C SER D 315 21.33 -15.38 -38.27
N GLY D 316 22.14 -16.38 -38.61
CA GLY D 316 21.70 -17.50 -39.44
C GLY D 316 20.61 -18.31 -38.74
N GLN D 317 20.77 -18.50 -37.40
CA GLN D 317 19.86 -19.21 -36.49
C GLN D 317 18.53 -18.43 -36.34
N TYR D 318 18.62 -17.09 -36.18
CA TYR D 318 17.49 -16.16 -36.04
C TYR D 318 17.49 -15.16 -37.24
N PRO D 319 17.03 -15.59 -38.46
CA PRO D 319 17.13 -14.71 -39.66
C PRO D 319 16.26 -13.45 -39.61
N ALA D 320 15.16 -13.48 -38.82
CA ALA D 320 14.27 -12.33 -38.66
C ALA D 320 14.68 -11.54 -37.42
N GLY D 321 15.64 -12.10 -36.67
CA GLY D 321 16.24 -11.53 -35.47
C GLY D 321 15.55 -11.81 -34.16
N THR D 322 16.28 -11.62 -33.02
CA THR D 322 15.73 -11.81 -31.67
C THR D 322 16.50 -10.89 -30.67
N VAL D 323 15.77 -10.22 -29.75
CA VAL D 323 16.36 -9.28 -28.77
C VAL D 323 15.99 -9.72 -27.34
N PHE D 324 16.96 -9.67 -26.43
CA PHE D 324 16.75 -10.10 -25.06
C PHE D 324 17.28 -9.01 -24.11
N ILE D 325 16.38 -8.23 -23.48
CA ILE D 325 16.74 -7.08 -22.62
C ILE D 325 17.11 -7.56 -21.22
N GLU D 326 18.14 -6.91 -20.60
CA GLU D 326 18.62 -7.45 -19.33
C GLU D 326 19.37 -6.41 -18.47
N GLY D 327 19.79 -5.30 -19.07
CA GLY D 327 20.47 -4.20 -18.37
C GLY D 327 19.72 -2.90 -18.56
N LEU D 328 19.60 -2.07 -17.50
CA LEU D 328 18.91 -0.79 -17.53
C LEU D 328 19.57 0.19 -16.57
N VAL D 329 20.06 1.33 -17.09
CA VAL D 329 20.71 2.32 -16.24
C VAL D 329 20.16 3.72 -16.55
N PHE D 330 20.21 4.60 -15.54
CA PHE D 330 19.85 6.01 -15.66
C PHE D 330 21.13 6.79 -15.59
N HIS D 331 21.51 7.40 -16.70
CA HIS D 331 22.78 8.09 -16.82
C HIS D 331 22.61 9.38 -17.62
N ASN D 332 23.02 10.50 -17.01
CA ASN D 332 22.96 11.84 -17.63
C ASN D 332 21.56 12.11 -18.23
N GLN D 333 20.53 11.92 -17.40
CA GLN D 333 19.11 12.20 -17.59
C GLN D 333 18.47 11.37 -18.73
N LYS D 334 19.02 10.20 -19.06
CA LYS D 334 18.45 9.29 -20.05
C LYS D 334 18.53 7.87 -19.53
N TRP D 335 17.65 6.98 -20.03
CA TRP D 335 17.63 5.56 -19.70
C TRP D 335 18.25 4.75 -20.83
N TYR D 336 19.24 3.91 -20.49
CA TYR D 336 19.99 3.07 -21.42
C TYR D 336 19.64 1.62 -21.17
N LEU D 337 19.09 0.96 -22.19
CA LEU D 337 18.64 -0.43 -22.15
C LEU D 337 19.61 -1.30 -22.94
N TYR D 338 20.25 -2.26 -22.25
CA TYR D 338 21.26 -3.14 -22.83
C TYR D 338 20.66 -4.51 -23.06
N TYR D 339 20.92 -5.07 -24.24
CA TYR D 339 20.28 -6.32 -24.61
C TYR D 339 21.16 -7.21 -25.51
N GLY D 340 20.89 -8.49 -25.48
CA GLY D 340 21.54 -9.48 -26.32
C GLY D 340 20.85 -9.52 -27.69
N CYS D 341 21.66 -9.68 -28.74
CA CYS D 341 21.23 -9.70 -30.13
C CYS D 341 21.49 -11.06 -30.73
N ALA D 342 20.42 -11.84 -31.02
CA ALA D 342 20.54 -13.19 -31.60
C ALA D 342 21.64 -14.05 -30.85
N ASP D 343 21.72 -13.92 -29.47
CA ASP D 343 22.68 -14.61 -28.58
C ASP D 343 24.12 -14.50 -29.10
N SER D 344 24.45 -13.37 -29.75
CA SER D 344 25.76 -13.17 -30.36
C SER D 344 26.40 -11.82 -30.05
N ARG D 345 25.58 -10.74 -29.91
CA ARG D 345 26.08 -9.40 -29.72
C ARG D 345 25.34 -8.72 -28.56
N VAL D 346 25.89 -7.57 -28.12
CA VAL D 346 25.29 -6.70 -27.11
C VAL D 346 24.97 -5.39 -27.81
N ALA D 347 23.77 -4.86 -27.59
CA ALA D 347 23.38 -3.56 -28.15
C ALA D 347 22.70 -2.69 -27.10
N VAL D 348 22.55 -1.39 -27.39
CA VAL D 348 21.90 -0.43 -26.50
C VAL D 348 20.77 0.32 -27.27
N ALA D 349 19.70 0.66 -26.53
CA ALA D 349 18.59 1.52 -26.92
C ALA D 349 18.48 2.63 -25.87
N VAL D 350 18.14 3.85 -26.29
CA VAL D 350 18.09 5.00 -25.37
C VAL D 350 16.68 5.56 -25.31
N TYR D 351 16.24 5.86 -24.07
CA TYR D 351 14.96 6.49 -23.79
C TYR D 351 15.20 7.78 -23.05
N ASP D 352 14.83 8.92 -23.69
CA ASP D 352 14.93 10.25 -23.11
C ASP D 352 13.57 10.59 -22.51
N PRO D 353 13.40 10.52 -21.16
CA PRO D 353 12.07 10.79 -20.59
C PRO D 353 11.71 12.29 -20.58
N PHE D 354 12.66 13.17 -20.99
CA PHE D 354 12.45 14.60 -20.98
C PHE D 354 12.51 15.12 -22.43
N LYS D 355 11.46 14.74 -23.21
CA LYS D 355 11.24 15.13 -24.60
C LYS D 355 10.19 16.23 -24.70
C1 EDO E . -13.12 2.37 9.67
O1 EDO E . -11.82 2.06 10.18
C2 EDO E . -13.75 1.07 9.18
O2 EDO E . -12.97 0.50 8.13
C1 EDO F . -33.16 3.82 16.23
O1 EDO F . -33.16 3.33 14.88
C2 EDO F . -34.09 3.05 17.17
O2 EDO F . -33.68 1.69 17.34
C1 EDO G . -23.45 16.30 1.91
O1 EDO G . -23.37 15.03 1.27
C2 EDO G . -22.09 17.00 1.80
O2 EDO G . -21.72 17.07 0.42
C1 EDO H . 6.53 18.03 21.78
O1 EDO H . 5.98 16.77 22.21
C2 EDO H . 5.42 19.01 21.46
O2 EDO H . 4.56 19.25 22.59
C1 EDO I . -10.50 -5.07 15.19
O1 EDO I . -11.13 -3.81 15.38
C2 EDO I . -11.44 -6.04 14.50
O2 EDO I . -12.55 -6.24 15.38
C1 EDO J . -25.46 0.87 -2.37
O1 EDO J . -26.46 0.27 -1.51
C2 EDO J . -25.57 0.21 -3.75
O2 EDO J . -24.47 0.50 -4.63
C1 EDO K . -11.95 16.57 22.89
O1 EDO K . -11.49 17.09 24.13
C2 EDO K . -13.41 16.17 22.98
O2 EDO K . -13.94 15.97 21.66
C1 EDO L . 12.14 38.48 5.47
O1 EDO L . 11.19 37.56 6.06
C2 EDO L . 12.29 38.28 3.96
O2 EDO L . 11.05 38.57 3.30
C1 EDO M . 8.32 29.67 3.89
O1 EDO M . 7.79 30.74 4.70
C2 EDO M . 8.04 30.03 2.43
O2 EDO M . 8.63 31.30 2.21
C1 EDO N . 31.95 31.84 -0.13
O1 EDO N . 31.57 32.23 1.20
C2 EDO N . 32.61 30.46 -0.13
O2 EDO N . 31.71 29.45 0.34
C1 EDO O . -2.46 20.58 -0.87
O1 EDO O . -1.42 21.54 -1.13
C2 EDO O . -3.41 20.19 -2.04
O2 EDO O . -4.10 21.28 -2.69
C1 EDO P . -17.19 -30.53 -4.99
O1 EDO P . -17.25 -29.15 -4.60
C2 EDO P . -18.49 -31.23 -4.60
O2 EDO P . -19.64 -30.62 -5.21
C1 EDO Q . -16.41 -34.64 -4.19
O1 EDO Q . -17.82 -34.77 -3.93
C2 EDO Q . -16.11 -34.78 -5.69
O2 EDO Q . -16.72 -33.71 -6.42
C1 EDO R . 0.46 -30.49 9.11
O1 EDO R . 0.63 -29.49 8.11
C2 EDO R . 0.85 -31.86 8.55
O2 EDO R . 0.16 -32.07 7.31
C1 EDO S . -18.87 -26.18 -4.57
O1 EDO S . -19.66 -26.93 -5.52
C2 EDO S . -19.63 -26.00 -3.27
O2 EDO S . -20.04 -27.30 -2.79
C1 EDO T . -22.78 -41.64 13.79
O1 EDO T . -23.61 -41.21 14.86
C2 EDO T . -21.37 -41.09 13.97
O2 EDO T . -20.54 -41.61 12.90
C1 EDO U . -29.26 -34.50 -15.40
O1 EDO U . -30.37 -35.36 -15.06
C2 EDO U . -29.63 -33.07 -15.05
O2 EDO U . -29.66 -32.85 -13.63
C1 EDO V . 17.77 -16.01 -23.45
O1 EDO V . 17.21 -17.31 -23.62
C2 EDO V . 18.58 -15.62 -24.67
O2 EDO V . 17.74 -15.55 -25.85
C1 EDO W . 20.24 -24.24 -19.44
O1 EDO W . 19.26 -24.14 -18.41
C2 EDO W . 21.32 -23.20 -19.19
O2 EDO W . 20.74 -21.89 -19.21
C1 EDO X . 38.45 1.20 -16.15
O1 EDO X . 37.30 2.04 -16.01
C2 EDO X . 38.29 -0.05 -15.29
O2 EDO X . 39.47 -0.83 -15.46
#